data_7SFL
#
_entry.id   7SFL
#
loop_
_entity.id
_entity.type
_entity.pdbx_description
1 polymer 'Solute carrier family 12 member 2'
2 non-polymer '5-(AMINOSULFONYL)-4-CHLORO-2-[(2-FURYLMETHYL)AMINO]BENZOIC ACID'
#
_entity_poly.entity_id   1
_entity_poly.type   'polypeptide(L)'
_entity_poly.pdbx_seq_one_letter_code
;GWIKGVLVRCMLNIWGVMLFIRLSWIVGQAGIGLSVLVIMMATVVTTITGLSTSAIATNGFVRGGGAYYLISRSLGPEFG
GAIGLIFAFANAVAVAMYVVGFAETVVELLKEHSILMIDEINDIRIIGAITVVILLGISVAGMEWEAKAQIVLLVILLLA
IGDFVIGTFIPLESKKPKGFFGYKSEIFNENFGPDFREEETFFSVFAIFFPAATGILAGANISGDLADPQSAIPKGTLLA
ILITTLVYVGIAVSVGSCVVRDATGNVNDTIVTELTNCTSAACKLNFDFSSCESSPCSYGLMNNFQVMSMVSGFTPLISA
GIFSATLSSALASLVSAPKIFQALCKDNIYPAFQMFAKGYGKNNEPLRGYILTFLIALGFILIAELNVIAPIISNFFLAS
YALINFSVFHASLAKSPGWRPAFKYYNMWISLLGAILCCIVMFVINWWAALLTYVIVLGLYIYVTYKKPDVNWGSSTQAL
TYLNALQHSIRLSGVEDHVKNFRPQCLVMTGAPNSRPALLHLVHDFTKNVGLMICGHVHMGPRRQAMKEMSIDQAKYQRW
LIKNKMKAFYAPVHADDLREGAQYLMQAAGLGRMKPNTLVLGFKKDWLQADMRDVDMYINLFHDAFDIQYGVVVIRLKEG
L(UNK)(UNK)(UNK)(UNK)(UNK)(UNK)(UNK)(UNK)(UNK)(UNK)(UNK)(UNK)(UNK)(UNK)(UNK)
(UNK)(UNK)(UNK)(UNK)(UNK)(UNK)(UNK)(UNK)(UNK)(UNK)(UNK)(UNK)(UNK)(UNK)(UNK)(UNK)
(UNK)(UNK)(UNK)(UNK)(UNK)(UNK)(UNK)(UNK)(UNK)(UNK)(UNK)(UNK)(UNK)(UNK)(UNK)(UNK)
(UNK)(UNK)(UNK)(UNK)(UNK)(UNK)(UNK)(UNK)(UNK)(UNK)(UNK)(UNK)(UNK)(UNK)(UNK)(UNK)
(UNK)(UNK)(UNK)(UNK)(UNK)(UNK)(UNK)(UNK)(UNK)(UNK)(UNK)(UNK)(UNK)(UNK)(UNK)(UNK)
(UNK)(UNK)(UNK)(UNK)(UNK)(UNK)(UNK)(UNK)(UNK)(UNK)(UNK)(UNK)KQGKNTIDVWWLFDDGGLTL
LIPYLLTTKKKWKDCKIRVFIGGKINRIDHDRRAMATLLSKFRIDFSDIMVLGDINTKPKKENIIAFEEIIEPYRLHEDD
KEQDIADKMKEDEPWRITDNELELYKTKTYRQIRLNELLKEHSSTANIIVMSLPVARKGAVSSALYMAWLEALSKDLPPI
LLVRGNHQSVLTF
;
_entity_poly.pdbx_strand_id   A,B
#
loop_
_chem_comp.id
_chem_comp.type
_chem_comp.name
_chem_comp.formula
FUN non-polymer '5-(AMINOSULFONYL)-4-CHLORO-2-[(2-FURYLMETHYL)AMINO]BENZOIC ACID' 'C12 H11 Cl N2 O5 S'
#
# COMPACT_ATOMS: atom_id res chain seq x y z
N GLY A 1 -16.96 30.47 -26.14
CA GLY A 1 -15.84 29.58 -26.30
C GLY A 1 -15.97 28.27 -25.53
N TRP A 2 -15.04 27.35 -25.77
CA TRP A 2 -15.05 26.08 -25.05
C TRP A 2 -14.85 26.29 -23.55
N ILE A 3 -13.92 27.17 -23.18
CA ILE A 3 -13.77 27.55 -21.77
C ILE A 3 -15.04 28.23 -21.30
N LYS A 4 -15.66 29.04 -22.15
CA LYS A 4 -16.96 29.61 -21.79
C LYS A 4 -18.01 28.53 -21.64
N GLY A 5 -17.93 27.45 -22.42
CA GLY A 5 -18.86 26.35 -22.24
C GLY A 5 -18.68 25.64 -20.91
N VAL A 6 -17.44 25.38 -20.53
CA VAL A 6 -17.19 24.77 -19.21
C VAL A 6 -17.65 25.70 -18.10
N LEU A 7 -17.36 27.00 -18.24
CA LEU A 7 -17.74 27.95 -17.22
C LEU A 7 -19.26 28.06 -17.09
N VAL A 8 -19.98 28.06 -18.21
CA VAL A 8 -21.44 28.15 -18.14
C VAL A 8 -22.01 26.89 -17.51
N ARG A 9 -21.44 25.72 -17.84
CA ARG A 9 -21.97 24.50 -17.23
C ARG A 9 -21.66 24.45 -15.74
N CYS A 10 -20.54 25.04 -15.32
CA CYS A 10 -20.23 25.07 -13.89
C CYS A 10 -21.13 26.06 -13.15
N MET A 11 -21.38 27.24 -13.73
CA MET A 11 -22.42 28.12 -13.19
C MET A 11 -23.74 27.39 -13.05
N LEU A 12 -24.07 26.56 -14.04
CA LEU A 12 -25.34 25.85 -13.98
C LEU A 12 -25.34 24.80 -12.87
N ASN A 13 -24.20 24.13 -12.67
CA ASN A 13 -24.15 23.08 -11.66
C ASN A 13 -24.19 23.67 -10.25
N ILE A 14 -23.41 24.72 -10.01
CA ILE A 14 -23.35 25.30 -8.67
C ILE A 14 -24.68 25.93 -8.28
N TRP A 15 -25.30 26.67 -9.20
CA TRP A 15 -26.53 27.41 -8.90
C TRP A 15 -27.71 26.44 -8.97
N GLY A 16 -28.09 25.91 -7.82
CA GLY A 16 -29.19 24.97 -7.76
C GLY A 16 -30.31 25.39 -6.83
N VAL A 17 -30.52 24.60 -5.78
CA VAL A 17 -31.62 24.84 -4.86
C VAL A 17 -31.38 26.10 -4.04
N MET A 18 -30.17 26.27 -3.51
CA MET A 18 -29.94 27.27 -2.49
C MET A 18 -29.58 28.64 -3.04
N LEU A 19 -29.64 28.83 -4.35
CA LEU A 19 -29.56 30.18 -4.88
C LEU A 19 -30.69 31.04 -4.32
N PHE A 20 -31.89 30.46 -4.21
CA PHE A 20 -33.03 31.24 -3.72
C PHE A 20 -33.91 30.47 -2.75
N ILE A 21 -33.91 29.14 -2.81
CA ILE A 21 -34.91 28.38 -2.06
C ILE A 21 -34.66 28.50 -0.55
N ARG A 22 -33.42 28.32 -0.12
CA ARG A 22 -33.13 28.20 1.31
C ARG A 22 -32.25 29.31 1.86
N LEU A 23 -31.55 30.07 0.99
CA LEU A 23 -30.53 31.00 1.47
C LEU A 23 -31.13 32.02 2.45
N SER A 24 -32.42 32.31 2.34
CA SER A 24 -33.07 33.17 3.32
C SER A 24 -32.96 32.58 4.71
N TRP A 25 -33.24 31.28 4.84
CA TRP A 25 -33.19 30.64 6.15
C TRP A 25 -31.77 30.64 6.71
N ILE A 26 -30.76 30.41 5.85
CA ILE A 26 -29.39 30.46 6.33
C ILE A 26 -29.02 31.86 6.80
N VAL A 27 -29.33 32.89 6.00
CA VAL A 27 -28.93 34.24 6.37
C VAL A 27 -29.68 34.71 7.61
N GLY A 28 -30.87 34.17 7.86
CA GLY A 28 -31.62 34.57 9.05
C GLY A 28 -31.32 33.74 10.27
N GLN A 29 -30.85 32.52 10.09
CA GLN A 29 -30.66 31.62 11.23
C GLN A 29 -29.45 32.01 12.06
N ALA A 30 -28.34 32.34 11.40
CA ALA A 30 -27.12 32.74 12.10
C ALA A 30 -26.92 34.25 12.08
N GLY A 31 -26.85 34.83 10.90
CA GLY A 31 -26.57 36.24 10.76
C GLY A 31 -25.72 36.48 9.53
N ILE A 32 -25.60 37.76 9.18
CA ILE A 32 -24.88 38.12 7.95
C ILE A 32 -23.43 37.70 8.05
N GLY A 33 -22.76 38.07 9.16
CA GLY A 33 -21.35 37.74 9.29
C GLY A 33 -21.09 36.26 9.34
N LEU A 34 -21.87 35.53 10.13
CA LEU A 34 -21.70 34.08 10.21
C LEU A 34 -22.03 33.41 8.89
N SER A 35 -23.06 33.89 8.19
CA SER A 35 -23.38 33.34 6.88
C SER A 35 -22.22 33.56 5.91
N VAL A 36 -21.63 34.75 5.93
CA VAL A 36 -20.50 35.02 5.04
C VAL A 36 -19.31 34.14 5.39
N LEU A 37 -19.10 33.88 6.69
CA LEU A 37 -18.04 32.95 7.07
C LEU A 37 -18.33 31.54 6.56
N VAL A 38 -19.61 31.15 6.56
CA VAL A 38 -20.00 29.87 5.99
C VAL A 38 -19.64 29.83 4.50
N ILE A 39 -19.96 30.91 3.79
CA ILE A 39 -19.62 30.98 2.37
C ILE A 39 -18.12 30.85 2.19
N MET A 40 -17.35 31.53 3.03
CA MET A 40 -15.90 31.50 2.91
C MET A 40 -15.34 30.10 3.14
N MET A 41 -15.82 29.40 4.18
CA MET A 41 -15.30 28.08 4.47
C MET A 41 -15.70 27.08 3.40
N ALA A 42 -16.94 27.17 2.91
CA ALA A 42 -17.37 26.32 1.80
C ALA A 42 -16.52 26.60 0.57
N THR A 43 -16.20 27.87 0.32
CA THR A 43 -15.33 28.21 -0.79
C THR A 43 -13.95 27.60 -0.60
N VAL A 44 -13.45 27.60 0.65
CA VAL A 44 -12.13 27.02 0.91
C VAL A 44 -12.12 25.54 0.57
N VAL A 45 -13.11 24.79 1.04
CA VAL A 45 -13.10 23.35 0.76
C VAL A 45 -13.31 23.10 -0.72
N THR A 46 -14.22 23.85 -1.34
CA THR A 46 -14.48 23.66 -2.77
C THR A 46 -13.25 23.98 -3.60
N THR A 47 -12.49 25.02 -3.21
CA THR A 47 -11.31 25.38 -3.97
C THR A 47 -10.14 24.43 -3.71
N ILE A 48 -10.08 23.82 -2.53
CA ILE A 48 -9.09 22.76 -2.34
C ILE A 48 -9.38 21.60 -3.28
N THR A 49 -10.66 21.20 -3.36
CA THR A 49 -11.01 20.15 -4.32
C THR A 49 -10.75 20.60 -5.76
N GLY A 50 -10.97 21.88 -6.05
CA GLY A 50 -10.68 22.38 -7.38
C GLY A 50 -9.21 22.32 -7.72
N LEU A 51 -8.34 22.65 -6.76
CA LEU A 51 -6.90 22.49 -6.96
C LEU A 51 -6.54 21.04 -7.19
N SER A 52 -7.14 20.11 -6.43
CA SER A 52 -6.84 18.70 -6.63
C SER A 52 -7.27 18.24 -8.03
N THR A 53 -8.46 18.65 -8.46
CA THR A 53 -8.94 18.29 -9.80
C THR A 53 -8.08 18.94 -10.88
N SER A 54 -7.56 20.14 -10.62
CA SER A 54 -6.61 20.75 -11.54
C SER A 54 -5.34 19.92 -11.63
N ALA A 55 -4.85 19.43 -10.49
CA ALA A 55 -3.64 18.62 -10.48
C ALA A 55 -3.83 17.33 -11.26
N ILE A 56 -4.96 16.65 -11.07
CA ILE A 56 -5.18 15.42 -11.83
C ILE A 56 -5.43 15.72 -13.30
N ALA A 57 -6.16 16.79 -13.62
CA ALA A 57 -6.48 17.10 -15.00
C ALA A 57 -5.26 17.51 -15.80
N THR A 58 -4.28 18.17 -15.19
CA THR A 58 -3.10 18.66 -15.89
C THR A 58 -2.02 17.61 -16.06
N ASN A 59 -2.36 16.33 -15.96
CA ASN A 59 -1.40 15.29 -16.26
C ASN A 59 -1.05 15.30 -17.74
N GLY A 60 0.11 14.75 -18.08
CA GLY A 60 0.64 14.90 -19.43
C GLY A 60 -0.28 14.38 -20.51
N PHE A 61 -0.77 13.16 -20.33
CA PHE A 61 -1.63 12.54 -21.33
C PHE A 61 -3.10 12.82 -21.03
N VAL A 62 -3.90 12.96 -22.09
CA VAL A 62 -5.33 13.24 -21.97
C VAL A 62 -6.08 12.17 -22.76
N ARG A 63 -7.13 11.63 -22.15
CA ARG A 63 -7.96 10.61 -22.79
C ARG A 63 -9.24 10.46 -22.00
N GLY A 64 -10.26 9.92 -22.64
CA GLY A 64 -11.51 9.60 -21.98
C GLY A 64 -12.44 10.78 -21.81
N GLY A 65 -13.74 10.54 -22.00
CA GLY A 65 -14.73 11.60 -21.86
C GLY A 65 -15.42 11.61 -20.52
N GLY A 66 -15.15 10.59 -19.69
CA GLY A 66 -15.79 10.49 -18.39
C GLY A 66 -14.92 10.96 -17.24
N ALA A 67 -15.57 11.49 -16.21
CA ALA A 67 -14.85 11.90 -15.01
C ALA A 67 -14.15 10.71 -14.36
N TYR A 68 -14.87 9.59 -14.24
CA TYR A 68 -14.27 8.38 -13.71
C TYR A 68 -13.10 7.92 -14.56
N TYR A 69 -13.21 8.09 -15.89
CA TYR A 69 -12.09 7.76 -16.76
C TYR A 69 -10.84 8.55 -16.38
N LEU A 70 -10.97 9.87 -16.21
CA LEU A 70 -9.79 10.68 -15.87
C LEU A 70 -9.25 10.32 -14.50
N ILE A 71 -10.13 10.12 -13.51
CA ILE A 71 -9.64 9.82 -12.17
C ILE A 71 -8.99 8.43 -12.14
N SER A 72 -9.40 7.53 -13.03
CA SER A 72 -8.84 6.20 -13.05
C SER A 72 -7.53 6.11 -13.82
N ARG A 73 -7.40 6.85 -14.93
CA ARG A 73 -6.14 6.86 -15.66
C ARG A 73 -5.08 7.66 -14.91
N SER A 74 -5.47 8.82 -14.38
CA SER A 74 -4.51 9.69 -13.69
C SER A 74 -3.98 9.02 -12.43
N LEU A 75 -4.84 8.37 -11.66
CA LEU A 75 -4.42 7.66 -10.45
C LEU A 75 -5.02 6.26 -10.45
N GLY A 76 -4.26 5.31 -9.92
CA GLY A 76 -4.61 3.91 -9.93
C GLY A 76 -6.02 3.63 -9.42
N PRO A 77 -6.56 2.49 -9.82
CA PRO A 77 -7.95 2.16 -9.45
C PRO A 77 -8.18 2.04 -7.94
N GLU A 78 -7.12 1.87 -7.15
CA GLU A 78 -7.28 1.70 -5.71
C GLU A 78 -8.13 2.82 -5.11
N PHE A 79 -7.79 4.06 -5.43
CA PHE A 79 -8.64 5.18 -5.01
C PHE A 79 -9.70 5.50 -6.04
N GLY A 80 -9.44 5.17 -7.30
CA GLY A 80 -10.36 5.56 -8.37
C GLY A 80 -11.72 4.92 -8.23
N GLY A 81 -11.76 3.63 -7.93
CA GLY A 81 -13.05 2.96 -7.79
C GLY A 81 -13.87 3.51 -6.64
N ALA A 82 -13.22 3.73 -5.49
CA ALA A 82 -13.93 4.28 -4.34
C ALA A 82 -14.46 5.68 -4.63
N ILE A 83 -13.62 6.53 -5.23
CA ILE A 83 -14.08 7.88 -5.57
C ILE A 83 -15.25 7.82 -6.54
N GLY A 84 -15.14 6.96 -7.55
CA GLY A 84 -16.21 6.85 -8.53
C GLY A 84 -17.51 6.42 -7.89
N LEU A 85 -17.45 5.39 -7.04
CA LEU A 85 -18.68 4.89 -6.41
C LEU A 85 -19.30 5.96 -5.50
N ILE A 86 -18.48 6.58 -4.65
CA ILE A 86 -19.02 7.56 -3.71
C ILE A 86 -19.61 8.75 -4.45
N PHE A 87 -18.88 9.28 -5.44
CA PHE A 87 -19.39 10.44 -6.15
C PHE A 87 -20.59 10.08 -7.01
N ALA A 88 -20.65 8.87 -7.57
CA ALA A 88 -21.83 8.46 -8.31
C ALA A 88 -23.05 8.40 -7.40
N PHE A 89 -22.89 7.85 -6.20
CA PHE A 89 -23.99 7.79 -5.25
C PHE A 89 -24.44 9.20 -4.86
N ALA A 90 -23.47 10.07 -4.55
CA ALA A 90 -23.80 11.43 -4.15
C ALA A 90 -24.49 12.20 -5.27
N ASN A 91 -24.00 12.05 -6.50
CA ASN A 91 -24.61 12.76 -7.62
C ASN A 91 -25.97 12.20 -7.97
N ALA A 92 -26.18 10.89 -7.75
CA ALA A 92 -27.50 10.31 -7.94
C ALA A 92 -28.49 10.86 -6.93
N VAL A 93 -28.05 11.04 -5.67
CA VAL A 93 -28.98 11.50 -4.64
C VAL A 93 -29.15 13.01 -4.62
N ALA A 94 -28.25 13.77 -5.27
CA ALA A 94 -28.48 15.20 -5.40
C ALA A 94 -29.69 15.52 -6.27
N VAL A 95 -30.07 14.61 -7.16
CA VAL A 95 -31.30 14.76 -7.92
C VAL A 95 -32.47 14.89 -6.98
N ALA A 96 -32.46 14.12 -5.89
CA ALA A 96 -33.53 14.19 -4.91
C ALA A 96 -33.68 15.60 -4.38
N MET A 97 -32.58 16.20 -3.91
CA MET A 97 -32.62 17.56 -3.39
C MET A 97 -33.16 18.53 -4.43
N TYR A 98 -32.62 18.48 -5.65
CA TYR A 98 -33.00 19.48 -6.62
C TYR A 98 -34.48 19.38 -6.99
N VAL A 99 -34.96 18.16 -7.26
CA VAL A 99 -36.36 18.06 -7.67
C VAL A 99 -37.29 18.29 -6.49
N VAL A 100 -36.88 17.98 -5.25
CA VAL A 100 -37.78 18.22 -4.14
C VAL A 100 -37.86 19.72 -3.85
N GLY A 101 -36.76 20.44 -4.05
CA GLY A 101 -36.83 21.90 -4.00
C GLY A 101 -37.74 22.46 -5.07
N PHE A 102 -37.67 21.89 -6.28
CA PHE A 102 -38.60 22.26 -7.33
C PHE A 102 -40.04 22.06 -6.89
N ALA A 103 -40.32 20.88 -6.31
CA ALA A 103 -41.68 20.57 -5.88
C ALA A 103 -42.13 21.50 -4.77
N GLU A 104 -41.24 21.84 -3.85
CA GLU A 104 -41.60 22.76 -2.77
C GLU A 104 -41.93 24.15 -3.32
N THR A 105 -41.16 24.62 -4.31
CA THR A 105 -41.50 25.89 -4.95
C THR A 105 -42.86 25.81 -5.64
N VAL A 106 -43.13 24.69 -6.32
CA VAL A 106 -44.44 24.52 -6.93
C VAL A 106 -45.54 24.56 -5.87
N VAL A 107 -45.28 23.95 -4.72
CA VAL A 107 -46.23 23.98 -3.61
C VAL A 107 -46.46 25.40 -3.12
N GLU A 108 -45.38 26.17 -2.99
CA GLU A 108 -45.50 27.57 -2.58
C GLU A 108 -46.37 28.34 -3.55
N LEU A 109 -46.18 28.10 -4.85
CA LEU A 109 -47.06 28.72 -5.84
C LEU A 109 -48.51 28.27 -5.68
N LEU A 110 -48.71 26.97 -5.46
CA LEU A 110 -50.07 26.43 -5.51
C LEU A 110 -50.86 26.71 -4.24
N LYS A 111 -50.19 27.04 -3.14
CA LYS A 111 -50.93 27.37 -1.92
C LYS A 111 -51.78 28.62 -2.11
N GLU A 112 -51.24 29.61 -2.81
CA GLU A 112 -51.99 30.84 -3.02
C GLU A 112 -53.07 30.68 -4.08
N HIS A 113 -52.82 29.84 -5.09
CA HIS A 113 -53.81 29.63 -6.14
C HIS A 113 -54.88 28.62 -5.71
N SER A 114 -54.45 27.40 -5.40
CA SER A 114 -55.36 26.38 -4.87
C SER A 114 -55.44 26.50 -3.36
N ILE A 115 -56.66 26.44 -2.83
CA ILE A 115 -56.87 26.67 -1.40
C ILE A 115 -56.16 25.60 -0.57
N LEU A 116 -56.27 24.34 -0.97
CA LEU A 116 -55.69 23.24 -0.22
C LEU A 116 -55.63 22.01 -1.10
N MET A 117 -54.45 21.38 -1.15
CA MET A 117 -54.34 20.09 -1.81
C MET A 117 -54.67 18.97 -0.82
N ILE A 118 -55.08 17.83 -1.36
CA ILE A 118 -55.58 16.73 -0.52
C ILE A 118 -54.52 16.32 0.50
N ASP A 119 -53.26 16.24 0.09
CA ASP A 119 -52.18 15.82 0.97
C ASP A 119 -50.93 16.68 0.74
N GLU A 120 -50.84 17.79 1.48
CA GLU A 120 -49.78 18.76 1.26
C GLU A 120 -48.40 18.13 1.47
N ILE A 121 -48.23 17.38 2.55
CA ILE A 121 -46.94 16.78 2.85
C ILE A 121 -46.56 15.78 1.74
N ASN A 122 -47.52 14.97 1.31
CA ASN A 122 -47.30 14.03 0.22
C ASN A 122 -47.46 14.67 -1.15
N ASP A 123 -47.96 15.90 -1.21
CA ASP A 123 -48.03 16.60 -2.50
C ASP A 123 -46.63 16.81 -3.06
N ILE A 124 -45.65 17.04 -2.18
CA ILE A 124 -44.27 17.17 -2.63
C ILE A 124 -43.83 15.90 -3.34
N ARG A 125 -44.20 14.74 -2.82
CA ARG A 125 -43.77 13.49 -3.42
C ARG A 125 -44.54 13.20 -4.70
N ILE A 126 -45.84 13.52 -4.73
CA ILE A 126 -46.60 13.24 -5.95
C ILE A 126 -46.13 14.15 -7.08
N ILE A 127 -45.73 15.39 -6.78
CA ILE A 127 -45.16 16.25 -7.81
C ILE A 127 -43.77 15.76 -8.21
N GLY A 128 -42.96 15.35 -7.23
CA GLY A 128 -41.66 14.80 -7.55
C GLY A 128 -41.75 13.58 -8.44
N ALA A 129 -42.84 12.83 -8.33
CA ALA A 129 -43.04 11.66 -9.20
C ALA A 129 -43.09 12.08 -10.66
N ILE A 130 -43.94 13.06 -10.99
CA ILE A 130 -44.02 13.50 -12.38
C ILE A 130 -42.71 14.13 -12.80
N THR A 131 -42.03 14.84 -11.88
CA THR A 131 -40.78 15.49 -12.25
C THR A 131 -39.73 14.44 -12.63
N VAL A 132 -39.62 13.37 -11.86
CA VAL A 132 -38.61 12.37 -12.18
C VAL A 132 -39.00 11.59 -13.43
N VAL A 133 -40.28 11.26 -13.59
CA VAL A 133 -40.67 10.46 -14.75
C VAL A 133 -40.52 11.25 -16.04
N ILE A 134 -40.59 12.58 -15.97
CA ILE A 134 -40.31 13.37 -17.16
C ILE A 134 -38.82 13.68 -17.30
N LEU A 135 -38.10 13.76 -16.17
CA LEU A 135 -36.68 14.06 -16.23
C LEU A 135 -35.89 12.90 -16.78
N LEU A 136 -36.33 11.66 -16.53
CA LEU A 136 -35.67 10.51 -17.14
C LEU A 136 -35.77 10.58 -18.66
N GLY A 137 -36.95 10.93 -19.17
CA GLY A 137 -37.10 11.10 -20.61
C GLY A 137 -36.26 12.25 -21.15
N ILE A 138 -36.21 13.35 -20.42
CA ILE A 138 -35.39 14.49 -20.83
C ILE A 138 -33.92 14.08 -20.87
N SER A 139 -33.48 13.27 -19.91
CA SER A 139 -32.10 12.83 -19.88
C SER A 139 -31.79 11.87 -21.03
N VAL A 140 -32.72 10.97 -21.34
CA VAL A 140 -32.43 9.96 -22.35
C VAL A 140 -32.65 10.50 -23.76
N ALA A 141 -33.45 11.55 -23.92
CA ALA A 141 -33.82 12.06 -25.23
C ALA A 141 -33.45 13.52 -25.37
N GLY A 142 -33.10 13.92 -26.59
CA GLY A 142 -32.78 15.31 -26.87
C GLY A 142 -31.54 15.83 -26.20
N MET A 143 -30.45 15.06 -26.23
CA MET A 143 -29.20 15.53 -25.63
C MET A 143 -28.69 16.78 -26.35
N GLU A 144 -28.77 16.79 -27.69
CA GLU A 144 -28.34 17.97 -28.44
C GLU A 144 -29.20 19.18 -28.11
N TRP A 145 -30.50 18.97 -27.93
CA TRP A 145 -31.39 20.07 -27.56
C TRP A 145 -31.03 20.62 -26.20
N GLU A 146 -30.72 19.75 -25.24
CA GLU A 146 -30.29 20.21 -23.92
C GLU A 146 -28.97 20.97 -24.01
N ALA A 147 -28.04 20.48 -24.83
CA ALA A 147 -26.77 21.18 -24.99
C ALA A 147 -26.97 22.58 -25.57
N LYS A 148 -27.87 22.69 -26.56
CA LYS A 148 -28.14 23.99 -27.16
C LYS A 148 -28.90 24.91 -26.21
N ALA A 149 -29.74 24.34 -25.35
CA ALA A 149 -30.55 25.13 -24.43
C ALA A 149 -29.84 25.44 -23.13
N GLN A 150 -28.64 24.89 -22.92
CA GLN A 150 -27.79 25.29 -21.79
C GLN A 150 -27.76 26.81 -21.60
N ILE A 151 -27.32 27.53 -22.64
CA ILE A 151 -27.18 28.98 -22.53
C ILE A 151 -28.54 29.61 -22.28
N VAL A 152 -29.57 29.15 -22.99
CA VAL A 152 -30.89 29.75 -22.87
C VAL A 152 -31.40 29.65 -21.44
N LEU A 153 -31.24 28.48 -20.82
CA LEU A 153 -31.74 28.27 -19.47
C LEU A 153 -30.91 29.05 -18.45
N LEU A 154 -29.59 29.16 -18.65
CA LEU A 154 -28.80 29.93 -17.68
C LEU A 154 -29.03 31.43 -17.81
N VAL A 155 -29.44 31.90 -18.98
CA VAL A 155 -29.85 33.30 -19.09
C VAL A 155 -30.98 33.59 -18.11
N ILE A 156 -31.82 32.59 -17.85
CA ILE A 156 -32.90 32.77 -16.87
C ILE A 156 -32.33 33.03 -15.48
N LEU A 157 -31.31 32.28 -15.08
CA LEU A 157 -30.69 32.53 -13.78
C LEU A 157 -30.07 33.91 -13.72
N LEU A 158 -29.38 34.32 -14.79
CA LEU A 158 -28.77 35.64 -14.78
C LEU A 158 -29.84 36.73 -14.66
N LEU A 159 -30.95 36.56 -15.38
CA LEU A 159 -32.05 37.50 -15.27
C LEU A 159 -32.62 37.52 -13.87
N ALA A 160 -32.74 36.35 -13.23
CA ALA A 160 -33.29 36.31 -11.87
C ALA A 160 -32.39 37.03 -10.88
N ILE A 161 -31.08 36.81 -10.96
CA ILE A 161 -30.16 37.50 -10.06
C ILE A 161 -30.22 39.00 -10.29
N GLY A 162 -30.22 39.42 -11.56
CA GLY A 162 -30.36 40.84 -11.84
C GLY A 162 -31.66 41.40 -11.32
N ASP A 163 -32.75 40.65 -11.43
CA ASP A 163 -34.04 41.08 -10.95
C ASP A 163 -33.99 41.33 -9.44
N PHE A 164 -33.43 40.37 -8.70
CA PHE A 164 -33.43 40.51 -7.25
C PHE A 164 -32.52 41.64 -6.80
N VAL A 165 -31.35 41.80 -7.43
CA VAL A 165 -30.47 42.88 -7.01
C VAL A 165 -31.05 44.23 -7.41
N ILE A 166 -31.84 44.28 -8.49
CA ILE A 166 -32.57 45.50 -8.79
C ILE A 166 -33.57 45.80 -7.69
N GLY A 167 -34.31 44.77 -7.26
CA GLY A 167 -35.36 44.99 -6.28
C GLY A 167 -34.85 45.39 -4.91
N THR A 168 -33.74 44.78 -4.47
CA THR A 168 -33.35 44.87 -3.07
C THR A 168 -33.00 46.29 -2.64
N PHE A 169 -32.32 47.04 -3.50
CA PHE A 169 -31.82 48.35 -3.08
C PHE A 169 -32.97 49.35 -2.92
N ILE A 170 -33.86 49.40 -3.90
CA ILE A 170 -34.90 50.44 -3.91
C ILE A 170 -35.93 50.13 -2.83
N PRO A 171 -36.33 51.11 -2.01
CA PRO A 171 -37.48 50.90 -1.13
C PRO A 171 -38.77 50.80 -1.93
N LEU A 172 -39.73 50.06 -1.40
CA LEU A 172 -41.01 49.89 -2.07
C LEU A 172 -42.14 49.85 -1.05
N GLU A 173 -43.32 50.30 -1.50
CA GLU A 173 -44.54 50.26 -0.71
C GLU A 173 -45.40 49.05 -1.04
N SER A 174 -45.16 48.39 -2.16
CA SER A 174 -45.96 47.22 -2.52
C SER A 174 -45.80 46.09 -1.52
N LYS A 175 -44.58 45.86 -1.03
CA LYS A 175 -44.32 44.82 -0.04
C LYS A 175 -44.31 45.39 1.37
N LYS A 176 -45.12 46.42 1.61
CA LYS A 176 -45.11 47.08 2.91
C LYS A 176 -45.49 46.16 4.06
N PRO A 177 -46.59 45.39 4.01
CA PRO A 177 -46.88 44.50 5.15
C PRO A 177 -45.81 43.46 5.39
N LYS A 178 -45.06 43.08 4.36
CA LYS A 178 -43.96 42.14 4.53
C LYS A 178 -42.66 42.89 4.81
N GLY A 179 -41.61 42.13 5.09
CA GLY A 179 -40.33 42.69 5.51
C GLY A 179 -39.44 43.16 4.38
N PHE A 180 -39.75 44.29 3.78
CA PHE A 180 -38.97 44.84 2.69
C PHE A 180 -38.54 46.26 3.01
N PHE A 181 -37.27 46.43 3.37
CA PHE A 181 -36.69 47.75 3.63
C PHE A 181 -35.34 47.83 2.95
N GLY A 182 -34.99 49.02 2.47
CA GLY A 182 -33.84 49.16 1.60
C GLY A 182 -32.54 49.59 2.26
N TYR A 183 -31.66 48.61 2.49
CA TYR A 183 -30.27 48.87 2.88
C TYR A 183 -30.17 49.79 4.10
N LYS A 184 -31.08 49.61 5.05
CA LYS A 184 -31.04 50.40 6.27
C LYS A 184 -29.96 49.84 7.18
N SER A 185 -29.01 50.71 7.57
CA SER A 185 -27.88 50.25 8.39
C SER A 185 -28.34 49.73 9.74
N GLU A 186 -29.49 50.21 10.23
CA GLU A 186 -30.05 49.65 11.45
C GLU A 186 -30.41 48.18 11.26
N ILE A 187 -30.90 47.82 10.06
CA ILE A 187 -31.16 46.41 9.76
C ILE A 187 -29.87 45.62 9.80
N PHE A 188 -28.79 46.18 9.25
CA PHE A 188 -27.50 45.49 9.28
C PHE A 188 -27.04 45.27 10.71
N ASN A 189 -27.20 46.28 11.56
CA ASN A 189 -26.77 46.15 12.96
C ASN A 189 -27.62 45.14 13.71
N GLU A 190 -28.93 45.11 13.44
CA GLU A 190 -29.84 44.22 14.14
C GLU A 190 -29.96 42.84 13.49
N ASN A 191 -29.27 42.62 12.36
CA ASN A 191 -29.22 41.31 11.73
C ASN A 191 -27.82 40.70 11.75
N PHE A 192 -26.79 41.48 12.07
CA PHE A 192 -25.45 40.93 12.19
C PHE A 192 -25.31 39.99 13.38
N GLY A 193 -26.24 40.05 14.33
CA GLY A 193 -26.17 39.27 15.53
C GLY A 193 -26.23 37.77 15.32
N PRO A 194 -25.20 37.07 15.80
CA PRO A 194 -25.21 35.60 15.69
C PRO A 194 -26.37 34.94 16.42
N ASP A 195 -26.88 35.57 17.49
CA ASP A 195 -27.87 34.93 18.36
C ASP A 195 -29.26 34.95 17.72
N PHE A 196 -29.36 34.32 16.55
CA PHE A 196 -30.63 34.13 15.86
C PHE A 196 -31.04 32.67 15.80
N ARG A 197 -30.20 31.75 16.29
CA ARG A 197 -30.38 30.34 16.03
C ARG A 197 -31.63 29.80 16.73
N GLU A 198 -32.37 28.95 16.03
CA GLU A 198 -33.58 28.32 16.54
C GLU A 198 -33.50 26.83 16.26
N GLU A 199 -33.10 26.06 17.28
CA GLU A 199 -33.06 24.59 17.24
C GLU A 199 -31.90 24.10 16.36
N GLU A 200 -31.22 25.02 15.67
CA GLU A 200 -30.10 24.69 14.81
C GLU A 200 -28.87 25.45 15.27
N THR A 201 -27.70 24.95 14.86
CA THR A 201 -26.43 25.53 15.29
C THR A 201 -25.62 25.93 14.06
N PHE A 202 -24.42 26.47 14.32
CA PHE A 202 -23.56 26.97 13.25
C PHE A 202 -23.17 25.86 12.28
N PHE A 203 -22.73 24.72 12.82
CA PHE A 203 -22.30 23.66 11.93
C PHE A 203 -23.49 22.98 11.25
N SER A 204 -24.65 22.98 11.90
CA SER A 204 -25.85 22.46 11.25
C SER A 204 -26.20 23.28 10.02
N VAL A 205 -26.17 24.62 10.15
CA VAL A 205 -26.49 25.44 9.00
C VAL A 205 -25.37 25.37 7.96
N PHE A 206 -24.12 25.17 8.39
CA PHE A 206 -23.07 24.92 7.41
C PHE A 206 -23.35 23.67 6.61
N ALA A 207 -23.76 22.59 7.29
CA ALA A 207 -24.06 21.34 6.62
C ALA A 207 -25.24 21.49 5.66
N ILE A 208 -26.28 22.20 6.08
CA ILE A 208 -27.43 22.38 5.20
C ILE A 208 -27.04 23.24 4.00
N PHE A 209 -26.12 24.19 4.20
CA PHE A 209 -25.75 25.08 3.10
C PHE A 209 -24.85 24.39 2.07
N PHE A 210 -23.93 23.54 2.53
CA PHE A 210 -22.84 23.05 1.69
C PHE A 210 -23.23 22.60 0.29
N PRO A 211 -24.39 21.98 0.08
CA PRO A 211 -24.78 21.61 -1.30
C PRO A 211 -24.76 22.77 -2.28
N ALA A 212 -24.91 24.02 -1.82
CA ALA A 212 -24.90 25.15 -2.75
C ALA A 212 -23.55 25.29 -3.43
N ALA A 213 -22.46 25.18 -2.67
CA ALA A 213 -21.12 25.45 -3.17
C ALA A 213 -20.36 24.18 -3.56
N THR A 214 -21.07 23.17 -4.06
CA THR A 214 -20.42 21.93 -4.48
C THR A 214 -20.98 21.50 -5.83
N GLY A 215 -20.20 20.72 -6.57
CA GLY A 215 -20.60 20.26 -7.88
C GLY A 215 -19.62 20.66 -8.96
N ILE A 216 -18.46 21.15 -8.55
CA ILE A 216 -17.47 21.63 -9.52
C ILE A 216 -16.93 20.47 -10.34
N LEU A 217 -16.80 19.29 -9.74
CA LEU A 217 -16.24 18.15 -10.46
C LEU A 217 -17.12 17.74 -11.62
N ALA A 218 -18.44 17.76 -11.44
CA ALA A 218 -19.34 17.37 -12.52
C ALA A 218 -19.24 18.32 -13.70
N GLY A 219 -19.13 19.61 -13.44
CA GLY A 219 -18.91 20.55 -14.52
C GLY A 219 -17.56 20.34 -15.20
N ALA A 220 -16.53 20.02 -14.42
CA ALA A 220 -15.18 19.95 -14.96
C ALA A 220 -14.97 18.71 -15.83
N ASN A 221 -15.40 17.55 -15.34
CA ASN A 221 -14.89 16.29 -15.87
C ASN A 221 -15.93 15.38 -16.51
N ILE A 222 -17.23 15.65 -16.35
CA ILE A 222 -18.22 14.82 -17.02
C ILE A 222 -18.13 15.01 -18.52
N SER A 223 -17.86 16.23 -18.99
CA SER A 223 -17.60 16.44 -20.40
C SER A 223 -16.38 15.65 -20.86
N GLY A 224 -15.28 15.75 -20.12
CA GLY A 224 -14.11 14.95 -20.38
C GLY A 224 -13.36 15.35 -21.63
N ASP A 225 -14.04 15.31 -22.78
CA ASP A 225 -13.44 15.61 -24.07
C ASP A 225 -14.04 16.90 -24.62
N LEU A 226 -13.19 17.85 -24.94
CA LEU A 226 -13.60 19.11 -25.54
C LEU A 226 -12.35 19.76 -26.14
N ALA A 227 -12.49 21.01 -26.56
CA ALA A 227 -11.34 21.75 -27.07
C ALA A 227 -10.39 22.05 -25.91
N ASP A 228 -9.18 21.49 -25.97
CA ASP A 228 -8.15 21.63 -24.94
C ASP A 228 -8.70 21.22 -23.59
N PRO A 229 -9.00 19.94 -23.37
CA PRO A 229 -9.59 19.52 -22.09
C PRO A 229 -8.54 19.20 -21.04
N GLN A 230 -7.30 19.03 -21.46
CA GLN A 230 -6.25 18.59 -20.54
C GLN A 230 -5.81 19.73 -19.62
N SER A 231 -5.66 20.94 -20.16
CA SER A 231 -5.03 22.02 -19.42
C SER A 231 -5.93 23.20 -19.12
N ALA A 232 -6.82 23.57 -20.04
CA ALA A 232 -7.53 24.83 -19.93
C ALA A 232 -8.77 24.75 -19.03
N ILE A 233 -9.33 23.57 -18.82
CA ILE A 233 -10.54 23.41 -18.01
C ILE A 233 -10.31 23.82 -16.55
N PRO A 234 -9.22 23.38 -15.88
CA PRO A 234 -9.07 23.74 -14.47
C PRO A 234 -9.06 25.24 -14.19
N LYS A 235 -8.47 26.04 -15.07
CA LYS A 235 -8.54 27.49 -14.89
C LYS A 235 -9.98 27.97 -14.94
N GLY A 236 -10.77 27.40 -15.87
CA GLY A 236 -12.18 27.71 -15.91
C GLY A 236 -12.89 27.33 -14.62
N THR A 237 -12.51 26.20 -14.03
CA THR A 237 -13.17 25.76 -12.80
C THR A 237 -12.82 26.66 -11.61
N LEU A 238 -11.55 27.05 -11.50
CA LEU A 238 -11.18 27.98 -10.42
C LEU A 238 -11.87 29.33 -10.59
N LEU A 239 -11.90 29.86 -11.82
CA LEU A 239 -12.65 31.08 -12.06
C LEU A 239 -14.13 30.88 -11.74
N ALA A 240 -14.65 29.68 -12.02
CA ALA A 240 -16.03 29.36 -11.69
C ALA A 240 -16.28 29.46 -10.19
N ILE A 241 -15.37 28.88 -9.40
CA ILE A 241 -15.49 28.94 -7.96
C ILE A 241 -15.47 30.39 -7.49
N LEU A 242 -14.56 31.19 -8.04
CA LEU A 242 -14.46 32.59 -7.62
C LEU A 242 -15.74 33.35 -7.95
N ILE A 243 -16.28 33.15 -9.15
CA ILE A 243 -17.49 33.88 -9.55
C ILE A 243 -18.67 33.49 -8.68
N THR A 244 -18.84 32.18 -8.45
CA THR A 244 -19.96 31.74 -7.62
C THR A 244 -19.81 32.26 -6.19
N THR A 245 -18.59 32.24 -5.66
CA THR A 245 -18.37 32.72 -4.30
C THR A 245 -18.71 34.20 -4.18
N LEU A 246 -18.25 35.02 -5.13
CA LEU A 246 -18.56 36.45 -5.05
C LEU A 246 -20.06 36.68 -5.17
N VAL A 247 -20.72 35.91 -6.04
CA VAL A 247 -22.18 36.05 -6.19
C VAL A 247 -22.88 35.72 -4.88
N TYR A 248 -22.48 34.62 -4.24
CA TYR A 248 -23.12 34.22 -2.99
C TYR A 248 -22.87 35.24 -1.89
N VAL A 249 -21.63 35.73 -1.75
CA VAL A 249 -21.34 36.69 -0.70
C VAL A 249 -22.14 37.98 -0.90
N GLY A 250 -22.14 38.49 -2.14
CA GLY A 250 -22.89 39.70 -2.41
C GLY A 250 -24.38 39.53 -2.16
N ILE A 251 -24.95 38.39 -2.61
CA ILE A 251 -26.38 38.19 -2.45
C ILE A 251 -26.72 38.02 -0.97
N ALA A 252 -25.85 37.36 -0.21
CA ALA A 252 -26.10 37.20 1.22
C ALA A 252 -26.09 38.55 1.92
N VAL A 253 -25.12 39.40 1.59
CA VAL A 253 -25.07 40.73 2.20
C VAL A 253 -26.32 41.52 1.84
N SER A 254 -26.71 41.48 0.57
CA SER A 254 -27.89 42.23 0.16
C SER A 254 -29.14 41.75 0.89
N VAL A 255 -29.33 40.44 0.98
CA VAL A 255 -30.52 39.91 1.65
C VAL A 255 -30.51 40.29 3.12
N GLY A 256 -29.36 40.13 3.78
CA GLY A 256 -29.29 40.49 5.19
C GLY A 256 -29.57 41.96 5.43
N SER A 257 -29.16 42.81 4.50
CA SER A 257 -29.43 44.24 4.64
C SER A 257 -30.89 44.56 4.38
N CYS A 258 -31.55 43.82 3.48
CA CYS A 258 -32.88 44.23 3.04
C CYS A 258 -33.96 43.76 4.02
N VAL A 259 -34.11 42.46 4.19
CA VAL A 259 -35.28 41.87 4.81
C VAL A 259 -35.10 41.79 6.32
N VAL A 260 -36.18 42.03 7.05
CA VAL A 260 -36.20 41.85 8.49
C VAL A 260 -36.45 40.38 8.78
N ARG A 261 -35.94 39.91 9.92
CA ARG A 261 -35.98 38.48 10.20
C ARG A 261 -37.40 37.99 10.49
N ASP A 262 -38.27 38.84 11.04
CA ASP A 262 -39.62 38.44 11.38
C ASP A 262 -40.59 39.51 10.90
N ALA A 263 -41.45 39.14 9.96
CA ALA A 263 -42.41 40.06 9.36
C ALA A 263 -43.78 39.43 9.36
N THR A 264 -44.78 40.17 9.85
CA THR A 264 -46.16 39.73 9.88
C THR A 264 -46.95 40.51 8.85
N GLY A 265 -47.73 39.80 8.04
CA GLY A 265 -48.51 40.44 6.99
C GLY A 265 -49.74 41.16 7.50
N ASN A 266 -49.54 42.25 8.23
CA ASN A 266 -50.64 43.03 8.80
C ASN A 266 -50.47 44.50 8.47
N VAL A 267 -51.60 45.20 8.39
CA VAL A 267 -51.57 46.63 8.10
C VAL A 267 -51.16 47.42 9.35
N ASN A 268 -51.35 46.82 10.52
CA ASN A 268 -51.11 47.50 11.79
C ASN A 268 -49.64 47.54 12.14
N ASP A 269 -49.34 47.86 13.40
CA ASP A 269 -48.03 47.89 14.05
C ASP A 269 -47.28 49.19 13.79
N THR A 270 -47.84 50.10 12.99
CA THR A 270 -47.18 51.38 12.71
C THR A 270 -47.39 52.30 13.90
N ILE A 271 -46.37 52.43 14.73
CA ILE A 271 -46.41 53.27 15.92
C ILE A 271 -45.64 54.55 15.64
N VAL A 272 -46.27 55.69 15.94
CA VAL A 272 -45.64 56.98 15.66
C VAL A 272 -44.35 57.14 16.47
N THR A 273 -44.40 56.79 17.75
CA THR A 273 -43.25 56.91 18.64
C THR A 273 -43.14 55.65 19.49
N GLU A 274 -42.32 54.70 19.06
CA GLU A 274 -42.03 53.51 19.84
C GLU A 274 -40.55 53.45 20.19
N LEU A 275 -39.96 54.60 20.51
CA LEU A 275 -38.58 54.62 20.97
C LEU A 275 -38.43 53.87 22.28
N THR A 276 -39.52 53.73 23.04
CA THR A 276 -39.49 52.97 24.28
C THR A 276 -39.29 51.49 23.98
N ASN A 277 -38.05 51.03 24.20
CA ASN A 277 -37.65 49.63 24.14
C ASN A 277 -37.57 49.08 22.71
N CYS A 278 -38.06 49.83 21.72
CA CYS A 278 -37.92 49.50 20.29
C CYS A 278 -38.03 48.00 20.03
N THR A 279 -39.23 47.45 20.28
CA THR A 279 -39.43 46.01 20.09
C THR A 279 -38.95 45.56 18.72
N SER A 280 -39.25 46.34 17.68
CA SER A 280 -38.70 46.06 16.36
C SER A 280 -37.25 46.51 16.29
N ALA A 281 -36.38 45.67 15.72
CA ALA A 281 -35.00 46.07 15.49
C ALA A 281 -34.93 47.29 14.58
N ALA A 282 -35.75 47.30 13.53
CA ALA A 282 -35.96 48.49 12.72
C ALA A 282 -37.00 49.37 13.41
N CYS A 283 -36.54 50.02 14.48
CA CYS A 283 -37.42 50.82 15.34
C CYS A 283 -38.03 52.02 14.62
N LYS A 284 -37.50 52.40 13.46
CA LYS A 284 -38.01 53.59 12.79
C LYS A 284 -39.36 53.32 12.16
N LEU A 285 -39.52 52.14 11.55
CA LEU A 285 -40.72 51.82 10.78
C LEU A 285 -41.68 50.92 11.55
N ASN A 286 -41.23 49.73 11.96
CA ASN A 286 -42.05 48.76 12.68
C ASN A 286 -43.37 48.46 11.96
N PHE A 287 -43.33 48.31 10.65
CA PHE A 287 -44.56 48.04 9.89
C PHE A 287 -45.10 46.65 10.17
N ASP A 288 -44.21 45.67 10.39
CA ASP A 288 -44.57 44.27 10.25
C ASP A 288 -44.29 43.41 11.49
N PHE A 289 -43.75 43.97 12.56
CA PHE A 289 -43.39 43.19 13.74
C PHE A 289 -44.29 43.57 14.91
N SER A 290 -44.96 42.56 15.47
CA SER A 290 -45.68 42.70 16.73
C SER A 290 -46.10 41.32 17.20
N SER A 291 -45.88 41.04 18.49
CA SER A 291 -46.33 39.81 19.13
C SER A 291 -45.79 38.56 18.44
N CYS A 292 -44.62 38.67 17.79
CA CYS A 292 -44.00 37.51 17.17
C CYS A 292 -43.01 36.80 18.09
N GLU A 293 -42.77 37.32 19.28
CA GLU A 293 -42.09 36.53 20.30
C GLU A 293 -42.98 35.40 20.79
N SER A 294 -44.29 35.66 20.89
CA SER A 294 -45.24 34.62 21.29
C SER A 294 -45.72 33.83 20.08
N SER A 295 -46.34 34.51 19.13
CA SER A 295 -46.81 33.88 17.89
C SER A 295 -45.92 34.33 16.74
N PRO A 296 -45.00 33.50 16.29
CA PRO A 296 -43.96 33.97 15.34
C PRO A 296 -44.54 34.55 14.06
N CYS A 297 -43.88 35.59 13.54
CA CYS A 297 -44.27 36.18 12.27
C CYS A 297 -44.26 35.12 11.17
N SER A 298 -45.30 35.14 10.34
CA SER A 298 -45.39 34.14 9.26
C SER A 298 -44.41 34.45 8.14
N TYR A 299 -44.32 35.72 7.73
CA TYR A 299 -43.56 36.12 6.55
C TYR A 299 -42.17 36.64 6.90
N GLY A 300 -41.59 36.16 7.99
CA GLY A 300 -40.27 36.62 8.39
C GLY A 300 -39.18 36.01 7.52
N LEU A 301 -37.97 36.54 7.69
CA LEU A 301 -36.83 35.99 6.96
C LEU A 301 -36.57 34.55 7.36
N MET A 302 -36.44 34.29 8.66
CA MET A 302 -36.19 32.91 9.10
C MET A 302 -37.46 32.07 9.01
N ASN A 303 -38.63 32.69 9.07
CA ASN A 303 -39.87 31.93 9.06
C ASN A 303 -40.30 31.57 7.64
N ASN A 304 -40.16 32.50 6.70
CA ASN A 304 -40.51 32.25 5.31
C ASN A 304 -39.26 31.90 4.53
N PHE A 305 -39.22 30.68 3.99
CA PHE A 305 -38.05 30.24 3.24
C PHE A 305 -37.99 30.88 1.85
N GLN A 306 -39.15 31.25 1.29
CA GLN A 306 -39.21 31.85 -0.03
C GLN A 306 -39.55 33.33 0.03
N VAL A 307 -39.03 34.04 1.03
CA VAL A 307 -39.31 35.46 1.16
C VAL A 307 -38.73 36.24 0.00
N MET A 308 -37.54 35.84 -0.48
CA MET A 308 -36.88 36.55 -1.57
C MET A 308 -37.72 36.51 -2.84
N SER A 309 -38.50 35.44 -3.03
CA SER A 309 -39.33 35.36 -4.22
C SER A 309 -40.37 36.47 -4.25
N MET A 310 -41.13 36.62 -3.17
CA MET A 310 -42.22 37.60 -3.17
C MET A 310 -41.71 39.02 -2.98
N VAL A 311 -40.69 39.22 -2.16
CA VAL A 311 -40.31 40.59 -1.83
C VAL A 311 -39.53 41.26 -2.95
N SER A 312 -38.95 40.50 -3.88
CA SER A 312 -38.26 41.13 -4.99
C SER A 312 -39.26 41.60 -6.03
N GLY A 313 -38.85 42.61 -6.81
CA GLY A 313 -39.73 43.16 -7.81
C GLY A 313 -40.05 42.14 -8.89
N PHE A 314 -41.25 42.26 -9.46
CA PHE A 314 -41.73 41.37 -10.51
C PHE A 314 -41.57 39.91 -10.10
N THR A 315 -42.30 39.56 -9.04
CA THR A 315 -42.21 38.24 -8.42
C THR A 315 -42.61 37.05 -9.30
N PRO A 316 -43.44 37.19 -10.34
CA PRO A 316 -43.68 36.03 -11.21
C PRO A 316 -42.42 35.50 -11.90
N LEU A 317 -41.47 36.37 -12.26
CA LEU A 317 -40.30 35.90 -13.01
C LEU A 317 -39.35 35.09 -12.12
N ILE A 318 -39.24 35.46 -10.85
CA ILE A 318 -38.27 34.82 -9.98
C ILE A 318 -38.62 33.35 -9.78
N SER A 319 -39.92 33.04 -9.68
CA SER A 319 -40.32 31.66 -9.52
C SER A 319 -39.87 30.80 -10.70
N ALA A 320 -40.05 31.32 -11.92
CA ALA A 320 -39.54 30.62 -13.09
C ALA A 320 -38.02 30.51 -13.06
N GLY A 321 -37.35 31.51 -12.49
CA GLY A 321 -35.91 31.43 -12.36
C GLY A 321 -35.46 30.26 -11.51
N ILE A 322 -36.07 30.12 -10.31
CA ILE A 322 -35.76 28.95 -9.49
C ILE A 322 -36.17 27.67 -10.19
N PHE A 323 -37.31 27.68 -10.87
CA PHE A 323 -37.74 26.50 -11.61
C PHE A 323 -36.65 26.03 -12.56
N SER A 324 -36.14 26.94 -13.38
CA SER A 324 -35.09 26.60 -14.33
C SER A 324 -33.84 26.13 -13.61
N ALA A 325 -33.45 26.81 -12.54
CA ALA A 325 -32.24 26.43 -11.80
C ALA A 325 -32.34 24.99 -11.31
N THR A 326 -33.43 24.65 -10.62
CA THR A 326 -33.53 23.34 -10.02
C THR A 326 -33.68 22.24 -11.06
N LEU A 327 -34.49 22.47 -12.11
CA LEU A 327 -34.63 21.45 -13.14
C LEU A 327 -33.30 21.22 -13.85
N SER A 328 -32.55 22.29 -14.10
CA SER A 328 -31.26 22.17 -14.76
C SER A 328 -30.27 21.39 -13.92
N SER A 329 -30.16 21.75 -12.64
CA SER A 329 -29.22 21.04 -11.77
C SER A 329 -29.60 19.58 -11.63
N ALA A 330 -30.90 19.29 -11.50
CA ALA A 330 -31.35 17.92 -11.38
C ALA A 330 -31.05 17.11 -12.64
N LEU A 331 -31.30 17.68 -13.81
CA LEU A 331 -31.03 16.96 -15.05
C LEU A 331 -29.54 16.72 -15.23
N ALA A 332 -28.72 17.71 -14.88
CA ALA A 332 -27.27 17.51 -14.96
C ALA A 332 -26.83 16.39 -14.03
N SER A 333 -27.37 16.35 -12.82
CA SER A 333 -27.00 15.28 -11.90
C SER A 333 -27.46 13.92 -12.42
N LEU A 334 -28.69 13.87 -12.96
CA LEU A 334 -29.26 12.61 -13.43
C LEU A 334 -28.59 12.11 -14.70
N VAL A 335 -27.92 12.98 -15.45
CA VAL A 335 -27.15 12.49 -16.59
C VAL A 335 -25.71 12.19 -16.19
N SER A 336 -25.20 12.83 -15.13
CA SER A 336 -23.79 12.64 -14.78
C SER A 336 -23.58 11.38 -13.94
N ALA A 337 -24.46 11.11 -12.97
CA ALA A 337 -24.22 9.98 -12.09
C ALA A 337 -24.28 8.63 -12.83
N PRO A 338 -25.31 8.33 -13.63
CA PRO A 338 -25.36 6.99 -14.25
C PRO A 338 -24.19 6.67 -15.16
N LYS A 339 -23.65 7.66 -15.89
CA LYS A 339 -22.50 7.36 -16.74
C LYS A 339 -21.26 7.04 -15.91
N ILE A 340 -21.07 7.73 -14.79
CA ILE A 340 -19.99 7.38 -13.89
C ILE A 340 -20.18 5.97 -13.37
N PHE A 341 -21.42 5.63 -13.00
CA PHE A 341 -21.69 4.30 -12.47
C PHE A 341 -21.43 3.24 -13.54
N GLN A 342 -21.79 3.53 -14.78
CA GLN A 342 -21.55 2.57 -15.86
C GLN A 342 -20.06 2.42 -16.16
N ALA A 343 -19.29 3.51 -16.07
CA ALA A 343 -17.85 3.39 -16.22
C ALA A 343 -17.26 2.51 -15.13
N LEU A 344 -17.69 2.74 -13.89
CA LEU A 344 -17.25 1.90 -12.79
C LEU A 344 -17.62 0.45 -12.99
N CYS A 345 -18.82 0.20 -13.51
CA CYS A 345 -19.26 -1.17 -13.78
C CYS A 345 -18.44 -1.80 -14.89
N LYS A 346 -18.13 -1.03 -15.93
CA LYS A 346 -17.27 -1.54 -17.01
C LYS A 346 -15.90 -1.93 -16.47
N ASP A 347 -15.37 -1.14 -15.54
CA ASP A 347 -14.20 -1.61 -14.80
C ASP A 347 -14.61 -2.80 -13.94
N ASN A 348 -13.75 -3.80 -13.89
CA ASN A 348 -14.06 -5.05 -13.19
C ASN A 348 -13.73 -4.99 -11.70
N ILE A 349 -13.67 -3.80 -11.11
CA ILE A 349 -13.37 -3.68 -9.69
C ILE A 349 -14.47 -4.34 -8.86
N TYR A 350 -15.73 -4.16 -9.26
CA TYR A 350 -16.89 -4.64 -8.51
C TYR A 350 -17.68 -5.58 -9.39
N PRO A 351 -17.31 -6.87 -9.42
CA PRO A 351 -18.12 -7.84 -10.17
C PRO A 351 -19.53 -8.01 -9.64
N ALA A 352 -19.78 -7.67 -8.37
CA ALA A 352 -21.13 -7.74 -7.85
C ALA A 352 -22.07 -6.78 -8.55
N PHE A 353 -21.54 -5.67 -9.06
CA PHE A 353 -22.32 -4.69 -9.80
C PHE A 353 -22.13 -4.82 -11.30
N GLN A 354 -21.51 -5.89 -11.76
CA GLN A 354 -21.16 -6.03 -13.17
C GLN A 354 -22.39 -6.07 -14.09
N MET A 355 -23.55 -6.48 -13.57
CA MET A 355 -24.73 -6.61 -14.41
C MET A 355 -25.29 -5.28 -14.88
N PHE A 356 -24.84 -4.16 -14.30
CA PHE A 356 -25.38 -2.87 -14.70
C PHE A 356 -24.84 -2.37 -16.04
N ALA A 357 -23.73 -2.91 -16.52
CA ALA A 357 -23.22 -2.51 -17.83
C ALA A 357 -24.15 -3.04 -18.90
N LYS A 358 -25.08 -2.20 -19.34
CA LYS A 358 -26.11 -2.60 -20.30
C LYS A 358 -25.98 -1.90 -21.64
N GLY A 359 -25.97 -0.57 -21.65
CA GLY A 359 -25.88 0.17 -22.89
C GLY A 359 -27.03 -0.10 -23.84
N TYR A 360 -28.26 -0.14 -23.31
CA TYR A 360 -29.42 -0.45 -24.13
C TYR A 360 -29.62 0.54 -25.27
N GLY A 361 -29.23 1.80 -25.07
CA GLY A 361 -29.31 2.79 -26.13
C GLY A 361 -28.26 2.52 -27.20
N LYS A 362 -28.64 2.81 -28.45
CA LYS A 362 -27.73 2.57 -29.57
C LYS A 362 -26.48 3.43 -29.46
N ASN A 363 -26.62 4.69 -29.08
CA ASN A 363 -25.49 5.59 -28.88
C ASN A 363 -25.09 5.61 -27.40
N ASN A 364 -24.79 4.42 -26.89
CA ASN A 364 -24.41 4.19 -25.50
C ASN A 364 -25.61 4.59 -24.64
N GLU A 365 -25.52 5.63 -23.79
CA GLU A 365 -26.62 6.08 -22.93
C GLU A 365 -27.24 4.92 -22.15
N PRO A 366 -26.57 4.43 -21.10
CA PRO A 366 -27.06 3.24 -20.40
C PRO A 366 -28.44 3.47 -19.81
N LEU A 367 -29.23 2.39 -19.76
CA LEU A 367 -30.60 2.45 -19.23
C LEU A 367 -30.72 1.87 -17.83
N ARG A 368 -29.98 0.79 -17.53
CA ARG A 368 -30.07 0.19 -16.21
C ARG A 368 -29.57 1.15 -15.15
N GLY A 369 -28.51 1.90 -15.45
CA GLY A 369 -28.07 2.94 -14.54
C GLY A 369 -29.14 3.99 -14.31
N TYR A 370 -29.84 4.40 -15.38
CA TYR A 370 -30.95 5.33 -15.21
C TYR A 370 -32.01 4.75 -14.30
N ILE A 371 -32.32 3.46 -14.43
CA ILE A 371 -33.36 2.86 -13.59
C ILE A 371 -32.93 2.84 -12.14
N LEU A 372 -31.67 2.48 -11.88
CA LEU A 372 -31.17 2.45 -10.50
C LEU A 372 -31.19 3.84 -9.87
N THR A 373 -30.72 4.84 -10.63
CA THR A 373 -30.76 6.21 -10.13
C THR A 373 -32.19 6.68 -9.90
N PHE A 374 -33.10 6.31 -10.81
CA PHE A 374 -34.52 6.60 -10.61
C PHE A 374 -35.01 6.06 -9.28
N LEU A 375 -34.71 4.79 -9.01
CA LEU A 375 -35.20 4.17 -7.78
C LEU A 375 -34.64 4.87 -6.55
N ILE A 376 -33.33 5.08 -6.50
CA ILE A 376 -32.73 5.66 -5.30
C ILE A 376 -33.18 7.12 -5.13
N ALA A 377 -33.32 7.85 -6.24
CA ALA A 377 -33.76 9.24 -6.17
C ALA A 377 -35.17 9.33 -5.61
N LEU A 378 -36.09 8.51 -6.12
CA LEU A 378 -37.45 8.55 -5.60
C LEU A 378 -37.48 8.14 -4.13
N GLY A 379 -36.71 7.11 -3.78
CA GLY A 379 -36.66 6.69 -2.38
C GLY A 379 -36.22 7.82 -1.47
N PHE A 380 -35.28 8.65 -1.92
CA PHE A 380 -34.89 9.80 -1.12
C PHE A 380 -35.92 10.92 -1.19
N ILE A 381 -36.67 11.03 -2.29
CA ILE A 381 -37.79 11.96 -2.34
C ILE A 381 -38.82 11.62 -1.28
N LEU A 382 -38.89 10.36 -0.88
CA LEU A 382 -39.84 9.97 0.16
C LEU A 382 -39.67 10.78 1.45
N ILE A 383 -38.61 11.57 1.59
CA ILE A 383 -38.49 12.53 2.68
C ILE A 383 -38.92 13.90 2.18
N ALA A 384 -39.80 14.55 2.94
CA ALA A 384 -40.36 15.84 2.56
C ALA A 384 -39.67 17.03 3.23
N GLU A 385 -38.62 16.80 4.01
CA GLU A 385 -37.93 17.88 4.72
C GLU A 385 -36.58 18.12 4.05
N LEU A 386 -36.47 19.24 3.33
CA LEU A 386 -35.21 19.56 2.67
C LEU A 386 -34.11 19.78 3.69
N ASN A 387 -34.45 20.37 4.83
CA ASN A 387 -33.48 20.53 5.92
C ASN A 387 -33.00 19.18 6.43
N VAL A 388 -33.75 18.11 6.15
CA VAL A 388 -33.33 16.76 6.53
C VAL A 388 -32.58 16.09 5.39
N ILE A 389 -32.97 16.35 4.15
CA ILE A 389 -32.27 15.76 3.02
C ILE A 389 -30.85 16.32 2.90
N ALA A 390 -30.68 17.60 3.23
CA ALA A 390 -29.40 18.25 3.02
C ALA A 390 -28.24 17.60 3.78
N PRO A 391 -28.37 17.21 5.05
CA PRO A 391 -27.21 16.58 5.72
C PRO A 391 -26.67 15.36 5.01
N ILE A 392 -27.53 14.51 4.43
CA ILE A 392 -27.04 13.34 3.73
C ILE A 392 -26.29 13.72 2.45
N ILE A 393 -26.83 14.68 1.71
CA ILE A 393 -26.18 15.14 0.48
C ILE A 393 -24.81 15.72 0.80
N SER A 394 -24.75 16.58 1.82
CA SER A 394 -23.48 17.14 2.24
C SER A 394 -22.53 16.05 2.71
N ASN A 395 -23.06 15.05 3.42
CA ASN A 395 -22.26 13.94 3.89
C ASN A 395 -21.56 13.24 2.73
N PHE A 396 -22.32 12.87 1.72
CA PHE A 396 -21.72 12.09 0.64
C PHE A 396 -20.82 12.95 -0.25
N PHE A 397 -21.22 14.20 -0.51
CA PHE A 397 -20.33 15.06 -1.30
C PHE A 397 -19.03 15.32 -0.57
N LEU A 398 -19.09 15.55 0.75
CA LEU A 398 -17.88 15.75 1.52
C LEU A 398 -17.02 14.50 1.53
N ALA A 399 -17.65 13.33 1.63
CA ALA A 399 -16.89 12.08 1.56
C ALA A 399 -16.14 11.99 0.24
N SER A 400 -16.82 12.26 -0.87
CA SER A 400 -16.17 12.20 -2.18
C SER A 400 -15.05 13.23 -2.28
N TYR A 401 -15.28 14.44 -1.79
CA TYR A 401 -14.28 15.50 -1.90
C TYR A 401 -13.04 15.18 -1.06
N ALA A 402 -13.24 14.72 0.18
CA ALA A 402 -12.10 14.34 1.01
C ALA A 402 -11.35 13.19 0.39
N LEU A 403 -12.07 12.21 -0.17
CA LEU A 403 -11.39 11.10 -0.82
C LEU A 403 -10.58 11.58 -2.02
N ILE A 404 -11.12 12.51 -2.80
CA ILE A 404 -10.38 13.06 -3.93
C ILE A 404 -9.11 13.76 -3.47
N ASN A 405 -9.23 14.60 -2.45
CA ASN A 405 -8.08 15.35 -1.96
C ASN A 405 -7.01 14.41 -1.44
N PHE A 406 -7.41 13.41 -0.65
CA PHE A 406 -6.44 12.48 -0.10
C PHE A 406 -5.82 11.63 -1.19
N SER A 407 -6.59 11.25 -2.20
CA SER A 407 -6.04 10.48 -3.31
C SER A 407 -5.01 11.28 -4.09
N VAL A 408 -5.30 12.57 -4.33
CA VAL A 408 -4.34 13.40 -5.03
C VAL A 408 -3.07 13.58 -4.20
N PHE A 409 -3.22 13.76 -2.89
CA PHE A 409 -2.04 13.85 -2.04
C PHE A 409 -1.26 12.54 -2.05
N HIS A 410 -1.96 11.41 -2.09
CA HIS A 410 -1.30 10.11 -2.15
C HIS A 410 -0.52 9.96 -3.45
N ALA A 411 -1.09 10.42 -4.56
CA ALA A 411 -0.35 10.42 -5.82
C ALA A 411 0.89 11.30 -5.72
N SER A 412 0.76 12.46 -5.09
CA SER A 412 1.89 13.36 -4.95
C SER A 412 2.99 12.74 -4.10
N LEU A 413 2.60 12.03 -3.03
CA LEU A 413 3.60 11.44 -2.13
C LEU A 413 4.23 10.21 -2.75
N ALA A 414 3.43 9.17 -3.00
CA ALA A 414 3.91 7.96 -3.64
C ALA A 414 3.81 8.13 -5.15
N LYS A 415 4.94 8.36 -5.81
CA LYS A 415 4.97 8.71 -7.22
C LYS A 415 5.20 7.45 -8.03
N SER A 416 4.16 6.62 -8.12
CA SER A 416 4.22 5.44 -8.96
C SER A 416 4.01 5.79 -10.44
N PRO A 417 2.93 6.49 -10.82
CA PRO A 417 2.73 6.78 -12.25
C PRO A 417 3.61 7.94 -12.70
N GLY A 418 3.41 8.37 -13.94
CA GLY A 418 3.99 9.63 -14.39
C GLY A 418 3.18 10.80 -13.87
N TRP A 419 2.96 10.82 -12.55
CA TRP A 419 2.11 11.82 -11.91
C TRP A 419 2.87 13.12 -11.82
N ARG A 420 2.82 13.89 -12.90
CA ARG A 420 3.49 15.20 -12.97
C ARG A 420 2.43 16.28 -13.10
N PRO A 421 2.09 16.98 -12.02
CA PRO A 421 1.10 18.05 -12.11
C PRO A 421 1.68 19.25 -12.85
N ALA A 422 0.93 19.75 -13.83
CA ALA A 422 1.36 20.90 -14.61
C ALA A 422 0.85 22.22 -14.05
N PHE A 423 0.16 22.20 -12.92
CA PHE A 423 -0.37 23.40 -12.29
C PHE A 423 0.47 23.70 -11.05
N LYS A 424 1.24 24.79 -11.12
CA LYS A 424 2.14 25.15 -10.02
C LYS A 424 1.38 25.46 -8.74
N TYR A 425 0.11 25.87 -8.84
CA TYR A 425 -0.67 26.20 -7.65
C TYR A 425 -0.87 25.00 -6.74
N TYR A 426 -0.84 23.79 -7.27
CA TYR A 426 -0.97 22.61 -6.44
C TYR A 426 0.16 22.47 -5.44
N ASN A 427 -0.19 22.07 -4.23
CA ASN A 427 0.76 21.68 -3.20
C ASN A 427 0.17 20.50 -2.44
N MET A 428 1.00 19.50 -2.17
CA MET A 428 0.50 18.28 -1.53
C MET A 428 -0.02 18.57 -0.12
N TRP A 429 0.68 19.43 0.63
CA TRP A 429 0.25 19.72 1.99
C TRP A 429 -1.07 20.48 2.01
N ILE A 430 -1.28 21.37 1.04
CA ILE A 430 -2.53 22.11 0.98
C ILE A 430 -3.70 21.17 0.77
N SER A 431 -3.55 20.22 -0.16
CA SER A 431 -4.62 19.25 -0.38
C SER A 431 -4.80 18.35 0.84
N LEU A 432 -3.71 17.99 1.51
CA LEU A 432 -3.85 17.19 2.73
C LEU A 432 -4.66 17.92 3.78
N LEU A 433 -4.35 19.20 4.02
CA LEU A 433 -5.11 19.96 5.01
C LEU A 433 -6.56 20.14 4.57
N GLY A 434 -6.80 20.30 3.27
CA GLY A 434 -8.16 20.35 2.79
C GLY A 434 -8.92 19.06 3.10
N ALA A 435 -8.28 17.92 2.87
CA ALA A 435 -8.91 16.64 3.18
C ALA A 435 -9.16 16.49 4.67
N ILE A 436 -8.20 16.91 5.50
CA ILE A 436 -8.38 16.81 6.95
C ILE A 436 -9.55 17.66 7.41
N LEU A 437 -9.61 18.91 6.94
CA LEU A 437 -10.72 19.78 7.31
C LEU A 437 -12.05 19.23 6.81
N CYS A 438 -12.06 18.63 5.62
CA CYS A 438 -13.27 18.00 5.12
C CYS A 438 -13.70 16.86 6.03
N CYS A 439 -12.76 16.03 6.46
CA CYS A 439 -13.10 14.93 7.36
C CYS A 439 -13.61 15.44 8.70
N ILE A 440 -13.02 16.52 9.21
CA ILE A 440 -13.46 17.07 10.48
C ILE A 440 -14.88 17.62 10.37
N VAL A 441 -15.13 18.43 9.33
CA VAL A 441 -16.47 18.96 9.15
C VAL A 441 -17.46 17.84 8.86
N MET A 442 -16.97 16.72 8.33
CA MET A 442 -17.82 15.54 8.19
C MET A 442 -18.20 14.97 9.55
N PHE A 443 -17.20 14.84 10.44
CA PHE A 443 -17.47 14.29 11.76
C PHE A 443 -18.42 15.17 12.55
N VAL A 444 -18.23 16.50 12.47
CA VAL A 444 -19.00 17.41 13.30
C VAL A 444 -20.49 17.30 13.01
N ILE A 445 -20.85 17.21 11.74
CA ILE A 445 -22.25 17.19 11.33
C ILE A 445 -22.73 15.74 11.25
N ASN A 446 -23.86 15.46 11.91
CA ASN A 446 -24.55 14.18 11.85
C ASN A 446 -23.57 13.01 12.00
N TRP A 447 -23.01 12.93 13.21
CA TRP A 447 -21.86 12.08 13.47
C TRP A 447 -22.12 10.62 13.10
N TRP A 448 -23.34 10.13 13.31
CA TRP A 448 -23.61 8.72 13.05
C TRP A 448 -23.51 8.40 11.56
N ALA A 449 -24.10 9.25 10.71
CA ALA A 449 -23.96 9.04 9.27
C ALA A 449 -22.51 9.19 8.83
N ALA A 450 -21.77 10.10 9.47
CA ALA A 450 -20.35 10.22 9.16
C ALA A 450 -19.61 8.91 9.47
N LEU A 451 -19.90 8.32 10.63
CA LEU A 451 -19.25 7.06 11.00
C LEU A 451 -19.64 5.95 10.04
N LEU A 452 -20.91 5.91 9.63
CA LEU A 452 -21.32 4.96 8.61
C LEU A 452 -20.52 5.15 7.33
N THR A 453 -20.28 6.42 6.95
CA THR A 453 -19.53 6.69 5.74
C THR A 453 -18.08 6.24 5.87
N TYR A 454 -17.45 6.47 7.03
CA TYR A 454 -16.07 6.00 7.20
C TYR A 454 -16.02 4.49 7.20
N VAL A 455 -17.02 3.82 7.76
CA VAL A 455 -17.09 2.37 7.69
C VAL A 455 -17.19 1.91 6.25
N ILE A 456 -18.01 2.60 5.45
CA ILE A 456 -18.14 2.25 4.04
C ILE A 456 -16.82 2.43 3.31
N VAL A 457 -16.12 3.53 3.57
CA VAL A 457 -14.84 3.78 2.92
C VAL A 457 -13.83 2.70 3.29
N LEU A 458 -13.79 2.33 4.57
CA LEU A 458 -12.88 1.28 5.01
C LEU A 458 -13.25 -0.07 4.39
N GLY A 459 -14.54 -0.33 4.22
CA GLY A 459 -14.96 -1.56 3.57
C GLY A 459 -14.55 -1.61 2.11
N LEU A 460 -14.68 -0.48 1.40
CA LEU A 460 -14.17 -0.43 0.03
C LEU A 460 -12.66 -0.59 0.00
N TYR A 461 -11.95 -0.05 1.00
CA TYR A 461 -10.51 -0.26 1.08
C TYR A 461 -10.19 -1.75 1.21
N ILE A 462 -10.94 -2.44 2.07
CA ILE A 462 -10.80 -3.89 2.20
C ILE A 462 -11.06 -4.58 0.86
N TYR A 463 -12.15 -4.21 0.20
CA TYR A 463 -12.54 -4.91 -1.02
C TYR A 463 -11.51 -4.71 -2.13
N VAL A 464 -10.97 -3.50 -2.24
CA VAL A 464 -9.98 -3.24 -3.28
C VAL A 464 -8.63 -3.87 -2.95
N THR A 465 -8.19 -3.79 -1.70
CA THR A 465 -6.89 -4.36 -1.36
C THR A 465 -6.88 -5.89 -1.45
N TYR A 466 -8.04 -6.52 -1.56
CA TYR A 466 -8.13 -7.96 -1.72
C TYR A 466 -8.26 -8.35 -3.19
N LYS A 467 -9.35 -7.90 -3.82
CA LYS A 467 -9.59 -8.16 -5.24
C LYS A 467 -9.02 -7.00 -6.05
N LYS A 468 -7.91 -7.25 -6.72
CA LYS A 468 -7.28 -6.17 -7.47
C LYS A 468 -7.87 -6.09 -8.86
N PRO A 469 -8.16 -4.88 -9.33
CA PRO A 469 -8.79 -4.71 -10.64
C PRO A 469 -7.91 -5.02 -11.80
N ASP A 470 -8.50 -5.33 -12.96
CA ASP A 470 -7.71 -5.59 -14.16
C ASP A 470 -8.43 -5.12 -15.42
N VAL A 471 -8.69 -3.82 -15.54
CA VAL A 471 -9.31 -3.26 -16.73
C VAL A 471 -8.51 -2.08 -17.26
N ASN A 472 -8.31 -1.06 -16.42
CA ASN A 472 -7.72 0.19 -16.90
C ASN A 472 -6.22 0.05 -17.09
N TRP A 473 -5.50 -0.35 -16.04
CA TRP A 473 -4.07 -0.56 -16.20
C TRP A 473 -3.76 -1.71 -17.13
N GLY A 474 -4.76 -2.55 -17.45
CA GLY A 474 -4.55 -3.60 -18.42
C GLY A 474 -4.62 -3.13 -19.85
N SER A 475 -5.15 -1.93 -20.09
CA SER A 475 -5.34 -1.41 -21.44
C SER A 475 -5.10 0.09 -21.45
N SER A 476 -4.08 0.52 -22.19
CA SER A 476 -3.68 1.89 -22.48
C SER A 476 -3.01 2.58 -21.29
N THR A 477 -2.98 1.97 -20.11
CA THR A 477 -2.27 2.52 -18.96
C THR A 477 -1.47 1.43 -18.26
N GLN A 478 -0.91 0.51 -19.05
CA GLN A 478 0.01 -0.47 -18.51
C GLN A 478 1.33 0.15 -18.06
N ALA A 479 1.58 1.41 -18.44
CA ALA A 479 2.78 2.10 -17.97
C ALA A 479 2.77 2.27 -16.46
N LEU A 480 1.59 2.48 -15.87
CA LEU A 480 1.50 2.57 -14.42
C LEU A 480 2.00 1.28 -13.78
N THR A 481 1.55 0.13 -14.27
CA THR A 481 2.01 -1.14 -13.72
C THR A 481 3.48 -1.38 -14.02
N TYR A 482 3.95 -0.93 -15.19
CA TYR A 482 5.37 -1.09 -15.51
C TYR A 482 6.24 -0.32 -14.52
N LEU A 483 5.87 0.92 -14.23
CA LEU A 483 6.60 1.69 -13.24
C LEU A 483 6.46 1.07 -11.85
N ASN A 484 5.29 0.53 -11.53
CA ASN A 484 5.12 -0.18 -10.27
C ASN A 484 6.13 -1.32 -10.15
N ALA A 485 6.19 -2.18 -11.15
CA ALA A 485 7.09 -3.33 -11.12
C ALA A 485 8.53 -2.88 -11.08
N LEU A 486 8.87 -1.86 -11.86
CA LEU A 486 10.25 -1.37 -11.90
C LEU A 486 10.67 -0.82 -10.55
N GLN A 487 9.83 0.02 -9.94
CA GLN A 487 10.17 0.58 -8.64
C GLN A 487 10.27 -0.50 -7.59
N HIS A 488 9.39 -1.50 -7.64
CA HIS A 488 9.45 -2.57 -6.66
C HIS A 488 10.72 -3.40 -6.83
N SER A 489 11.12 -3.67 -8.08
CA SER A 489 12.35 -4.41 -8.30
C SER A 489 13.58 -3.62 -7.87
N ILE A 490 13.57 -2.30 -8.11
CA ILE A 490 14.67 -1.45 -7.67
C ILE A 490 14.75 -1.44 -6.16
N ARG A 491 13.60 -1.32 -5.49
CA ARG A 491 13.53 -1.48 -4.04
C ARG A 491 14.13 -2.81 -3.62
N LEU A 492 13.83 -3.87 -4.38
CA LEU A 492 14.36 -5.19 -4.08
C LEU A 492 15.87 -5.22 -4.17
N SER A 493 16.45 -4.54 -5.16
CA SER A 493 17.90 -4.51 -5.30
C SER A 493 18.56 -3.88 -4.09
N GLY A 494 17.81 -3.15 -3.27
CA GLY A 494 18.39 -2.53 -2.09
C GLY A 494 18.89 -3.51 -1.04
N VAL A 495 18.24 -4.68 -0.94
CA VAL A 495 18.62 -5.64 0.10
C VAL A 495 20.05 -6.09 -0.14
N GLU A 496 20.77 -6.32 0.96
CA GLU A 496 22.21 -6.56 0.90
C GLU A 496 22.66 -7.91 1.46
N ASP A 497 21.81 -8.61 2.21
CA ASP A 497 22.17 -9.90 2.78
C ASP A 497 21.33 -11.00 2.14
N HIS A 498 22.01 -12.08 1.76
CA HIS A 498 21.37 -13.25 1.16
C HIS A 498 21.45 -14.50 2.03
N VAL A 499 22.26 -14.49 3.08
CA VAL A 499 22.47 -15.68 3.88
C VAL A 499 21.19 -16.09 4.61
N LYS A 500 20.39 -15.12 5.05
CA LYS A 500 19.21 -15.43 5.83
C LYS A 500 18.21 -16.26 5.03
N ASN A 501 17.94 -15.86 3.79
CA ASN A 501 16.90 -16.48 2.97
C ASN A 501 17.54 -17.16 1.77
N PHE A 502 17.50 -18.49 1.74
CA PHE A 502 17.88 -19.20 0.52
C PHE A 502 16.89 -18.91 -0.59
N ARG A 503 15.59 -19.02 -0.28
CA ARG A 503 14.50 -18.55 -1.13
C ARG A 503 14.61 -19.18 -2.51
N PRO A 504 14.22 -20.45 -2.67
CA PRO A 504 14.43 -21.13 -3.95
C PRO A 504 13.70 -20.45 -5.11
N GLN A 505 14.35 -20.43 -6.28
CA GLN A 505 13.72 -20.09 -7.54
C GLN A 505 13.93 -21.25 -8.50
N CYS A 506 12.91 -21.57 -9.27
CA CYS A 506 12.92 -22.77 -10.11
C CYS A 506 12.91 -22.37 -11.58
N LEU A 507 14.06 -22.51 -12.24
CA LEU A 507 14.14 -22.39 -13.69
C LEU A 507 13.79 -23.75 -14.27
N VAL A 508 12.58 -23.88 -14.81
CA VAL A 508 12.08 -25.17 -15.26
C VAL A 508 12.33 -25.27 -16.77
N MET A 509 13.08 -26.30 -17.17
CA MET A 509 13.40 -26.51 -18.57
C MET A 509 12.49 -27.57 -19.19
N THR A 510 11.21 -27.23 -19.27
CA THR A 510 10.27 -28.03 -20.04
C THR A 510 10.35 -27.64 -21.51
N GLY A 511 10.04 -28.59 -22.38
CA GLY A 511 10.09 -28.31 -23.81
C GLY A 511 9.16 -27.18 -24.19
N ALA A 512 7.95 -27.17 -23.63
CA ALA A 512 6.98 -26.11 -23.83
C ALA A 512 6.04 -26.11 -22.64
N PRO A 513 5.55 -24.94 -22.23
CA PRO A 513 4.69 -24.89 -21.03
C PRO A 513 3.47 -25.78 -21.13
N ASN A 514 2.85 -25.87 -22.31
CA ASN A 514 1.68 -26.73 -22.47
C ASN A 514 2.08 -28.20 -22.33
N SER A 515 3.27 -28.55 -22.81
CA SER A 515 3.77 -29.91 -22.63
C SER A 515 4.10 -30.15 -21.17
N ARG A 516 3.85 -31.37 -20.72
CA ARG A 516 4.05 -31.76 -19.32
C ARG A 516 3.35 -30.83 -18.34
N PRO A 517 2.02 -30.68 -18.45
CA PRO A 517 1.32 -29.79 -17.50
C PRO A 517 1.42 -30.27 -16.06
N ALA A 518 1.49 -31.58 -15.84
CA ALA A 518 1.59 -32.09 -14.47
C ALA A 518 2.90 -31.65 -13.83
N LEU A 519 3.98 -31.65 -14.60
CA LEU A 519 5.25 -31.15 -14.08
C LEU A 519 5.14 -29.69 -13.66
N LEU A 520 4.51 -28.88 -14.50
CA LEU A 520 4.35 -27.47 -14.16
C LEU A 520 3.51 -27.30 -12.91
N HIS A 521 2.43 -28.07 -12.78
CA HIS A 521 1.60 -27.98 -11.59
C HIS A 521 2.41 -28.35 -10.35
N LEU A 522 3.16 -29.45 -10.42
CA LEU A 522 3.90 -29.90 -9.24
C LEU A 522 4.98 -28.89 -8.85
N VAL A 523 5.71 -28.36 -9.83
CA VAL A 523 6.75 -27.39 -9.48
C VAL A 523 6.13 -26.10 -8.98
N HIS A 524 4.96 -25.72 -9.50
CA HIS A 524 4.29 -24.53 -9.02
C HIS A 524 3.76 -24.72 -7.61
N ASP A 525 3.42 -25.94 -7.22
CA ASP A 525 2.90 -26.17 -5.88
C ASP A 525 3.91 -25.75 -4.82
N PHE A 526 5.15 -26.24 -4.92
CA PHE A 526 6.12 -25.90 -3.89
C PHE A 526 6.84 -24.59 -4.16
N THR A 527 6.53 -23.90 -5.26
CA THR A 527 7.06 -22.57 -5.54
C THR A 527 5.91 -21.70 -6.04
N LYS A 528 5.20 -21.08 -5.10
CA LYS A 528 4.11 -20.15 -5.42
C LYS A 528 3.92 -19.26 -4.21
N ASN A 529 3.97 -17.95 -4.42
CA ASN A 529 3.92 -16.96 -3.34
C ASN A 529 5.04 -17.17 -2.33
N VAL A 530 6.05 -17.95 -2.70
CA VAL A 530 7.20 -18.23 -1.85
C VAL A 530 8.47 -18.12 -2.69
N GLY A 531 8.29 -17.76 -3.96
CA GLY A 531 9.39 -17.70 -4.90
C GLY A 531 8.89 -17.73 -6.33
N LEU A 532 9.65 -17.15 -7.25
CA LEU A 532 9.29 -17.14 -8.65
C LEU A 532 9.96 -18.29 -9.39
N MET A 533 9.19 -18.94 -10.25
CA MET A 533 9.71 -19.97 -11.13
C MET A 533 9.53 -19.53 -12.58
N ILE A 534 10.55 -19.79 -13.40
CA ILE A 534 10.66 -19.26 -14.74
C ILE A 534 10.65 -20.43 -15.71
N CYS A 535 9.70 -20.44 -16.64
CA CYS A 535 9.63 -21.51 -17.63
C CYS A 535 10.54 -21.16 -18.79
N GLY A 536 11.69 -21.82 -18.88
CA GLY A 536 12.66 -21.53 -19.92
C GLY A 536 12.53 -22.50 -21.08
N HIS A 537 12.41 -21.92 -22.27
CA HIS A 537 12.24 -22.69 -23.51
C HIS A 537 13.36 -22.32 -24.46
N VAL A 538 14.21 -23.28 -24.80
CA VAL A 538 15.30 -23.06 -25.74
C VAL A 538 14.74 -23.34 -27.14
N HIS A 539 14.36 -22.28 -27.83
CA HIS A 539 13.75 -22.42 -29.14
C HIS A 539 14.78 -22.88 -30.17
N MET A 540 14.32 -23.68 -31.12
CA MET A 540 15.14 -24.20 -32.21
C MET A 540 14.55 -23.74 -33.53
N GLY A 541 15.40 -23.16 -34.38
CA GLY A 541 14.96 -22.72 -35.69
C GLY A 541 15.97 -21.86 -36.41
N PRO A 542 15.62 -21.44 -37.63
CA PRO A 542 16.53 -20.58 -38.40
C PRO A 542 16.62 -19.19 -37.80
N ARG A 543 17.75 -18.53 -38.06
CA ARG A 543 17.99 -17.20 -37.51
C ARG A 543 17.08 -16.16 -38.13
N ARG A 544 16.79 -16.28 -39.43
CA ARG A 544 16.12 -15.20 -40.16
C ARG A 544 14.73 -14.93 -39.61
N GLN A 545 13.97 -15.99 -39.32
CA GLN A 545 12.61 -15.87 -38.81
C GLN A 545 12.54 -16.13 -37.32
N ALA A 546 13.65 -16.02 -36.61
CA ALA A 546 13.68 -16.42 -35.20
C ALA A 546 12.84 -15.50 -34.33
N MET A 547 13.01 -14.19 -34.46
CA MET A 547 12.42 -13.27 -33.49
C MET A 547 10.90 -13.25 -33.58
N LYS A 548 10.35 -13.37 -34.79
CA LYS A 548 8.91 -13.36 -34.95
C LYS A 548 8.28 -14.55 -34.25
N GLU A 549 8.83 -15.74 -34.45
CA GLU A 549 8.30 -16.92 -33.77
C GLU A 549 8.57 -16.85 -32.28
N MET A 550 9.68 -16.23 -31.86
CA MET A 550 9.88 -15.95 -30.44
C MET A 550 8.69 -15.17 -29.88
N SER A 551 8.33 -14.07 -30.54
CA SER A 551 7.27 -13.21 -30.02
C SER A 551 5.94 -13.94 -30.00
N ILE A 552 5.61 -14.64 -31.09
CA ILE A 552 4.29 -15.29 -31.14
C ILE A 552 4.21 -16.43 -30.14
N ASP A 553 5.27 -17.24 -30.02
CA ASP A 553 5.28 -18.31 -29.03
C ASP A 553 5.22 -17.76 -27.62
N GLN A 554 5.94 -16.67 -27.36
CA GLN A 554 5.90 -16.06 -26.04
C GLN A 554 4.50 -15.61 -25.69
N ALA A 555 3.83 -14.93 -26.63
CA ALA A 555 2.47 -14.47 -26.37
C ALA A 555 1.53 -15.65 -26.14
N LYS A 556 1.62 -16.67 -26.99
CA LYS A 556 0.71 -17.81 -26.88
C LYS A 556 0.91 -18.56 -25.58
N TYR A 557 2.16 -18.87 -25.24
CA TYR A 557 2.43 -19.62 -24.03
C TYR A 557 2.15 -18.79 -22.78
N GLN A 558 2.38 -17.48 -22.82
CA GLN A 558 2.03 -16.64 -21.69
C GLN A 558 0.53 -16.62 -21.47
N ARG A 559 -0.26 -16.50 -22.54
CA ARG A 559 -1.70 -16.53 -22.40
C ARG A 559 -2.18 -17.88 -21.86
N TRP A 560 -1.63 -18.97 -22.39
CA TRP A 560 -1.98 -20.30 -21.89
C TRP A 560 -1.62 -20.44 -20.42
N LEU A 561 -0.46 -19.92 -20.03
CA LEU A 561 0.03 -20.09 -18.66
C LEU A 561 -0.75 -19.24 -17.68
N ILE A 562 -1.20 -18.07 -18.10
CA ILE A 562 -2.03 -17.25 -17.20
C ILE A 562 -3.45 -17.80 -17.15
N LYS A 563 -3.88 -18.50 -18.21
CA LYS A 563 -5.18 -19.16 -18.16
C LYS A 563 -5.20 -20.22 -17.07
N ASN A 564 -4.23 -21.13 -17.08
CA ASN A 564 -4.03 -22.08 -15.98
C ASN A 564 -3.14 -21.41 -14.96
N LYS A 565 -3.77 -20.63 -14.07
CA LYS A 565 -3.08 -19.61 -13.30
C LYS A 565 -1.80 -20.12 -12.64
N MET A 566 -0.66 -19.65 -13.14
CA MET A 566 0.67 -19.99 -12.69
C MET A 566 1.44 -18.71 -12.43
N LYS A 567 2.44 -18.79 -11.56
CA LYS A 567 3.34 -17.66 -11.33
C LYS A 567 4.65 -17.90 -12.10
N ALA A 568 4.53 -17.85 -13.43
CA ALA A 568 5.66 -18.17 -14.30
C ALA A 568 5.81 -17.12 -15.39
N PHE A 569 7.06 -16.85 -15.74
CA PHE A 569 7.40 -15.95 -16.82
C PHE A 569 8.07 -16.75 -17.93
N TYR A 570 7.50 -16.70 -19.12
CA TYR A 570 8.04 -17.44 -20.25
C TYR A 570 9.23 -16.70 -20.83
N ALA A 571 10.41 -17.28 -20.71
CA ALA A 571 11.65 -16.65 -21.16
C ALA A 571 12.29 -17.49 -22.25
N PRO A 572 12.04 -17.20 -23.53
CA PRO A 572 12.66 -17.95 -24.61
C PRO A 572 13.96 -17.33 -25.08
N VAL A 573 14.83 -18.17 -25.63
CA VAL A 573 16.09 -17.75 -26.19
C VAL A 573 16.33 -18.48 -27.50
N HIS A 574 17.36 -18.07 -28.22
CA HIS A 574 17.80 -18.74 -29.43
C HIS A 574 19.21 -19.26 -29.23
N ALA A 575 19.43 -20.51 -29.57
CA ALA A 575 20.75 -21.13 -29.42
C ALA A 575 20.87 -22.26 -30.44
N ASP A 576 22.10 -22.68 -30.68
CA ASP A 576 22.33 -23.73 -31.67
C ASP A 576 21.92 -25.10 -31.13
N ASP A 577 21.92 -25.27 -29.81
CA ASP A 577 21.50 -26.52 -29.19
C ASP A 577 20.99 -26.24 -27.79
N LEU A 578 20.52 -27.29 -27.12
CA LEU A 578 19.89 -27.13 -25.81
C LEU A 578 20.88 -26.60 -24.79
N ARG A 579 22.12 -27.08 -24.80
CA ARG A 579 23.09 -26.67 -23.78
C ARG A 579 23.33 -25.16 -23.82
N GLU A 580 23.46 -24.58 -25.01
CA GLU A 580 23.71 -23.14 -25.07
C GLU A 580 22.53 -22.34 -24.53
N GLY A 581 21.31 -22.75 -24.88
CA GLY A 581 20.14 -22.07 -24.32
C GLY A 581 20.06 -22.21 -22.81
N ALA A 582 20.39 -23.39 -22.31
CA ALA A 582 20.44 -23.58 -20.87
C ALA A 582 21.46 -22.67 -20.23
N GLN A 583 22.63 -22.55 -20.85
CA GLN A 583 23.66 -21.66 -20.34
C GLN A 583 23.16 -20.22 -20.30
N TYR A 584 22.51 -19.79 -21.38
CA TYR A 584 21.94 -18.45 -21.43
C TYR A 584 21.00 -18.22 -20.25
N LEU A 585 20.04 -19.14 -20.06
CA LEU A 585 19.07 -18.96 -18.98
C LEU A 585 19.74 -18.98 -17.62
N MET A 586 20.68 -19.90 -17.41
CA MET A 586 21.28 -20.05 -16.08
C MET A 586 22.12 -18.85 -15.69
N GLN A 587 22.89 -18.30 -16.64
CA GLN A 587 23.83 -17.25 -16.24
C GLN A 587 23.21 -15.85 -16.33
N ALA A 588 22.26 -15.64 -17.24
CA ALA A 588 21.80 -14.29 -17.53
C ALA A 588 20.37 -13.99 -17.11
N ALA A 589 19.48 -14.98 -17.09
CA ALA A 589 18.08 -14.72 -16.77
C ALA A 589 17.92 -14.28 -15.32
N GLY A 590 16.96 -13.42 -15.09
CA GLY A 590 16.72 -12.87 -13.77
C GLY A 590 17.35 -11.49 -13.62
N LEU A 591 16.77 -10.69 -12.73
CA LEU A 591 17.21 -9.31 -12.52
C LEU A 591 17.41 -9.05 -11.05
N GLY A 592 18.58 -8.53 -10.70
CA GLY A 592 18.87 -8.18 -9.33
C GLY A 592 18.83 -9.37 -8.39
N ARG A 593 17.77 -9.47 -7.60
CA ARG A 593 17.62 -10.54 -6.64
C ARG A 593 16.80 -11.72 -7.16
N MET A 594 15.88 -11.47 -8.08
CA MET A 594 15.02 -12.53 -8.62
C MET A 594 15.73 -13.27 -9.77
N LYS A 595 16.82 -13.93 -9.40
CA LYS A 595 17.63 -14.71 -10.33
C LYS A 595 17.52 -16.19 -9.98
N PRO A 596 17.22 -17.05 -10.93
CA PRO A 596 17.03 -18.48 -10.61
C PRO A 596 18.29 -19.09 -10.03
N ASN A 597 18.10 -19.98 -9.06
CA ASN A 597 19.20 -20.70 -8.45
C ASN A 597 19.02 -22.21 -8.46
N THR A 598 17.84 -22.71 -8.81
CA THR A 598 17.61 -24.15 -8.94
C THR A 598 17.10 -24.45 -10.33
N LEU A 599 17.61 -25.52 -10.91
CA LEU A 599 17.29 -25.93 -12.28
C LEU A 599 16.42 -27.16 -12.20
N VAL A 600 15.18 -27.04 -12.68
CA VAL A 600 14.21 -28.13 -12.65
C VAL A 600 14.15 -28.75 -14.03
N LEU A 601 14.23 -30.08 -14.09
CA LEU A 601 14.16 -30.81 -15.34
C LEU A 601 13.18 -31.96 -15.22
N GLY A 602 12.43 -32.18 -16.30
CA GLY A 602 11.61 -33.36 -16.40
C GLY A 602 12.45 -34.54 -16.86
N PHE A 603 12.17 -35.70 -16.30
CA PHE A 603 12.96 -36.89 -16.61
C PHE A 603 12.72 -37.30 -18.06
N LYS A 604 13.83 -37.60 -18.75
CA LYS A 604 13.77 -38.00 -20.16
C LYS A 604 13.41 -39.48 -20.25
N LYS A 605 12.11 -39.75 -20.15
CA LYS A 605 11.64 -41.13 -20.16
C LYS A 605 11.89 -41.81 -21.51
N ASP A 606 12.08 -41.04 -22.58
CA ASP A 606 12.25 -41.59 -23.91
C ASP A 606 13.72 -41.63 -24.32
N TRP A 607 14.62 -41.78 -23.34
CA TRP A 607 16.04 -41.80 -23.65
C TRP A 607 16.44 -43.05 -24.43
N LEU A 608 15.74 -44.16 -24.23
CA LEU A 608 16.11 -45.40 -24.91
C LEU A 608 15.97 -45.27 -26.42
N GLN A 609 14.89 -44.63 -26.89
CA GLN A 609 14.63 -44.50 -28.31
C GLN A 609 15.22 -43.23 -28.92
N ALA A 610 15.91 -42.42 -28.12
CA ALA A 610 16.49 -41.17 -28.60
C ALA A 610 17.99 -41.33 -28.81
N ASP A 611 18.55 -40.41 -29.60
CA ASP A 611 19.99 -40.39 -29.82
C ASP A 611 20.72 -40.06 -28.53
N MET A 612 21.76 -40.83 -28.22
CA MET A 612 22.43 -40.66 -26.93
C MET A 612 23.19 -39.35 -26.86
N ARG A 613 23.59 -38.77 -27.99
CA ARG A 613 24.30 -37.50 -27.94
C ARG A 613 23.42 -36.41 -27.36
N ASP A 614 22.10 -36.53 -27.52
CA ASP A 614 21.20 -35.59 -26.84
C ASP A 614 21.06 -35.94 -25.36
N VAL A 615 21.13 -37.22 -25.02
CA VAL A 615 21.19 -37.60 -23.61
C VAL A 615 22.52 -37.18 -23.02
N ASP A 616 23.60 -37.30 -23.79
CA ASP A 616 24.88 -36.74 -23.37
C ASP A 616 24.77 -35.24 -23.18
N MET A 617 24.01 -34.59 -24.06
CA MET A 617 23.74 -33.15 -23.91
C MET A 617 23.05 -32.88 -22.58
N TYR A 618 22.09 -33.74 -22.23
CA TYR A 618 21.33 -33.61 -20.99
C TYR A 618 22.23 -33.74 -19.76
N ILE A 619 23.11 -34.73 -19.77
CA ILE A 619 24.00 -34.92 -18.63
C ILE A 619 25.01 -33.78 -18.53
N ASN A 620 25.51 -33.31 -19.67
CA ASN A 620 26.34 -32.12 -19.66
C ASN A 620 25.57 -30.93 -19.11
N LEU A 621 24.26 -30.90 -19.33
CA LEU A 621 23.44 -29.84 -18.74
C LEU A 621 23.44 -29.94 -17.22
N PHE A 622 23.27 -31.16 -16.68
CA PHE A 622 23.43 -31.31 -15.23
C PHE A 622 24.79 -30.79 -14.75
N HIS A 623 25.86 -31.15 -15.45
CA HIS A 623 27.18 -30.78 -14.94
C HIS A 623 27.40 -29.26 -15.03
N ASP A 624 26.90 -28.62 -16.09
CA ASP A 624 26.97 -27.17 -16.16
C ASP A 624 26.16 -26.53 -15.05
N ALA A 625 25.01 -27.12 -14.71
CA ALA A 625 24.23 -26.60 -13.59
C ALA A 625 25.00 -26.70 -12.29
N PHE A 626 25.71 -27.78 -12.06
CA PHE A 626 26.41 -27.84 -10.77
C PHE A 626 27.55 -26.84 -10.68
N ASP A 627 28.19 -26.52 -11.79
CA ASP A 627 29.30 -25.58 -11.79
C ASP A 627 28.94 -24.20 -11.35
N ILE A 628 27.77 -23.72 -11.73
CA ILE A 628 27.40 -22.36 -11.44
C ILE A 628 26.74 -22.36 -10.09
N GLN A 629 26.88 -23.46 -9.37
CA GLN A 629 26.35 -23.55 -8.02
C GLN A 629 24.86 -23.55 -7.96
N TYR A 630 24.23 -24.23 -8.90
CA TYR A 630 22.78 -24.36 -8.87
C TYR A 630 22.36 -25.59 -8.06
N GLY A 631 21.07 -25.63 -7.72
CA GLY A 631 20.48 -26.80 -7.12
C GLY A 631 19.69 -27.55 -8.17
N VAL A 632 20.12 -28.78 -8.44
CA VAL A 632 19.49 -29.57 -9.50
C VAL A 632 18.27 -30.28 -8.93
N VAL A 633 17.17 -30.23 -9.68
CA VAL A 633 15.94 -30.92 -9.33
C VAL A 633 15.49 -31.70 -10.55
N VAL A 634 15.22 -33.00 -10.37
CA VAL A 634 14.77 -33.87 -11.44
C VAL A 634 13.42 -34.44 -11.03
N ILE A 635 12.47 -34.42 -11.95
CA ILE A 635 11.13 -34.92 -11.68
C ILE A 635 10.83 -36.03 -12.67
N ARG A 636 10.53 -37.22 -12.17
CA ARG A 636 9.95 -38.27 -12.98
C ARG A 636 8.51 -38.47 -12.53
N LEU A 637 7.57 -38.34 -13.46
CA LEU A 637 6.16 -38.36 -13.12
C LEU A 637 5.38 -38.93 -14.28
N LYS A 638 4.53 -39.91 -14.00
CA LYS A 638 3.73 -40.55 -15.05
C LYS A 638 2.74 -39.53 -15.59
N GLU A 639 2.94 -39.12 -16.85
CA GLU A 639 2.10 -38.11 -17.47
C GLU A 639 0.69 -38.61 -17.77
N GLY A 640 0.44 -39.91 -17.65
CA GLY A 640 -0.86 -40.46 -17.98
C GLY A 640 -1.93 -40.21 -16.93
N LEU A 641 -2.05 -38.96 -16.49
CA LEU A 641 -3.11 -38.58 -15.56
C LEU A 641 -3.76 -37.27 -16.00
N LYS A 736 -2.80 -40.17 -1.47
CA LYS A 736 -3.57 -39.28 -0.60
C LYS A 736 -3.19 -39.49 0.86
N ASN A 737 -2.16 -40.31 1.10
CA ASN A 737 -1.77 -40.69 2.45
C ASN A 737 -0.56 -39.91 2.96
N THR A 738 0.57 -40.01 2.28
CA THR A 738 1.83 -39.52 2.83
C THR A 738 2.72 -38.93 1.73
N ILE A 739 3.70 -38.17 2.16
CA ILE A 739 4.74 -37.61 1.30
C ILE A 739 6.08 -38.03 1.91
N ASP A 740 6.68 -39.08 1.39
CA ASP A 740 7.86 -39.66 2.00
C ASP A 740 9.13 -38.93 1.55
N VAL A 741 10.13 -38.94 2.43
CA VAL A 741 11.41 -38.31 2.20
C VAL A 741 12.50 -39.34 2.43
N TRP A 742 13.52 -39.31 1.58
CA TRP A 742 14.62 -40.26 1.67
C TRP A 742 15.97 -39.55 1.74
N TRP A 743 16.09 -38.58 2.65
CA TRP A 743 17.37 -37.92 2.89
C TRP A 743 18.45 -38.95 3.16
N LEU A 744 19.43 -39.06 2.27
CA LEU A 744 20.61 -39.90 2.51
C LEU A 744 21.90 -39.08 2.64
N PHE A 745 22.26 -38.29 1.63
CA PHE A 745 23.49 -37.53 1.68
C PHE A 745 23.19 -36.12 2.17
N ASP A 746 24.21 -35.47 2.71
CA ASP A 746 24.02 -34.15 3.31
C ASP A 746 23.50 -33.15 2.29
N ASP A 747 24.09 -33.15 1.09
CA ASP A 747 23.67 -32.27 0.01
C ASP A 747 23.62 -30.82 0.48
N GLY A 748 22.41 -30.35 0.76
CA GLY A 748 22.16 -29.06 1.35
C GLY A 748 20.82 -29.11 2.05
N GLY A 749 20.36 -27.96 2.49
CA GLY A 749 19.07 -27.91 3.13
C GLY A 749 17.88 -27.90 2.20
N LEU A 750 18.13 -27.94 0.88
CA LEU A 750 17.03 -27.75 -0.07
C LEU A 750 16.14 -28.99 -0.15
N THR A 751 16.73 -30.18 -0.14
CA THR A 751 15.95 -31.39 -0.34
C THR A 751 14.96 -31.63 0.80
N LEU A 752 15.32 -31.24 2.03
CA LEU A 752 14.37 -31.31 3.13
C LEU A 752 13.41 -30.12 3.10
N LEU A 753 13.79 -29.05 2.41
CA LEU A 753 12.93 -27.87 2.33
C LEU A 753 11.76 -28.08 1.38
N ILE A 754 11.95 -28.88 0.33
CA ILE A 754 10.89 -29.05 -0.66
C ILE A 754 9.61 -29.61 -0.07
N PRO A 755 9.62 -30.69 0.72
CA PRO A 755 8.36 -31.19 1.27
C PRO A 755 7.63 -30.17 2.13
N TYR A 756 8.36 -29.39 2.91
CA TYR A 756 7.73 -28.40 3.78
C TYR A 756 6.83 -27.46 3.00
N LEU A 757 7.38 -26.86 1.93
CA LEU A 757 6.58 -25.95 1.12
C LEU A 757 5.43 -26.66 0.44
N LEU A 758 5.55 -27.97 0.24
CA LEU A 758 4.44 -28.72 -0.33
C LEU A 758 3.27 -28.80 0.65
N THR A 759 3.56 -28.87 1.95
CA THR A 759 2.51 -29.12 2.93
C THR A 759 1.61 -27.90 3.13
N THR A 760 2.15 -26.70 2.94
CA THR A 760 1.42 -25.49 3.28
C THR A 760 0.49 -25.01 2.17
N LYS A 761 0.42 -25.71 1.04
CA LYS A 761 -0.34 -25.25 -0.10
C LYS A 761 -1.79 -25.72 -0.11
N LYS A 762 -2.23 -26.42 0.93
CA LYS A 762 -3.62 -26.84 1.11
C LYS A 762 -3.99 -27.96 0.13
N LYS A 763 -3.10 -28.25 -0.81
CA LYS A 763 -3.33 -29.40 -1.68
C LYS A 763 -2.69 -30.66 -1.11
N TRP A 764 -1.51 -30.50 -0.52
CA TRP A 764 -0.85 -31.58 0.22
C TRP A 764 -0.95 -31.37 1.72
N LYS A 765 -1.92 -30.55 2.18
CA LYS A 765 -2.07 -30.30 3.60
C LYS A 765 -2.41 -31.58 4.35
N ASP A 766 -3.29 -32.40 3.78
CA ASP A 766 -3.67 -33.68 4.39
C ASP A 766 -2.68 -34.79 4.01
N CYS A 767 -1.40 -34.52 4.22
CA CYS A 767 -0.36 -35.50 3.96
C CYS A 767 0.66 -35.46 5.09
N LYS A 768 1.24 -36.61 5.39
CA LYS A 768 2.16 -36.76 6.51
C LYS A 768 3.52 -37.18 6.00
N ILE A 769 4.56 -36.48 6.46
CA ILE A 769 5.93 -36.69 5.97
C ILE A 769 6.52 -37.86 6.74
N ARG A 770 6.80 -38.95 6.04
CA ARG A 770 7.44 -40.12 6.64
C ARG A 770 8.91 -40.13 6.21
N VAL A 771 9.77 -39.53 7.03
CA VAL A 771 11.17 -39.39 6.68
C VAL A 771 11.87 -40.74 6.78
N PHE A 772 12.68 -41.07 5.78
CA PHE A 772 13.55 -42.23 5.79
C PHE A 772 14.98 -41.76 5.70
N ILE A 773 15.84 -42.21 6.62
CA ILE A 773 17.24 -41.84 6.61
C ILE A 773 18.07 -43.07 6.93
N GLY A 774 19.10 -43.31 6.13
CA GLY A 774 19.96 -44.46 6.35
C GLY A 774 20.87 -44.27 7.54
N GLY A 775 21.25 -45.38 8.16
CA GLY A 775 22.11 -45.33 9.33
C GLY A 775 22.56 -46.72 9.74
N LYS A 776 23.38 -46.76 10.78
CA LYS A 776 23.93 -48.02 11.27
C LYS A 776 22.89 -48.82 12.03
N ILE A 777 23.07 -50.15 12.03
CA ILE A 777 22.17 -51.06 12.73
C ILE A 777 22.28 -50.87 14.24
N ASN A 778 23.50 -50.59 14.73
CA ASN A 778 23.66 -50.35 16.16
C ASN A 778 23.21 -48.96 16.58
N ARG A 779 22.90 -48.07 15.64
CA ARG A 779 22.81 -46.64 15.94
C ARG A 779 21.45 -46.02 15.57
N ILE A 780 20.39 -46.80 15.36
CA ILE A 780 19.12 -46.18 14.95
C ILE A 780 18.65 -45.18 16.00
N ASP A 781 18.70 -45.57 17.28
CA ASP A 781 18.19 -44.68 18.32
C ASP A 781 18.99 -43.38 18.35
N HIS A 782 20.32 -43.48 18.34
CA HIS A 782 21.13 -42.27 18.27
C HIS A 782 20.87 -41.53 16.96
N ASP A 783 20.77 -42.26 15.86
CA ASP A 783 20.41 -41.65 14.59
C ASP A 783 19.02 -41.03 14.66
N ARG A 784 18.08 -41.71 15.32
CA ARG A 784 16.73 -41.18 15.39
C ARG A 784 16.71 -39.85 16.09
N ARG A 785 17.38 -39.75 17.24
CA ARG A 785 17.43 -38.47 17.96
C ARG A 785 18.19 -37.40 17.17
N ALA A 786 19.34 -37.79 16.59
CA ALA A 786 20.14 -36.81 15.86
C ALA A 786 19.38 -36.25 14.67
N MET A 787 18.68 -37.11 13.93
CA MET A 787 17.90 -36.63 12.79
C MET A 787 16.67 -35.88 13.25
N ALA A 788 16.05 -36.29 14.36
CA ALA A 788 14.87 -35.59 14.87
C ALA A 788 15.21 -34.16 15.27
N THR A 789 16.43 -33.93 15.75
CA THR A 789 16.85 -32.57 16.04
C THR A 789 16.77 -31.68 14.81
N LEU A 790 17.38 -32.12 13.70
CA LEU A 790 17.34 -31.33 12.48
C LEU A 790 15.93 -31.24 11.92
N LEU A 791 15.15 -32.32 12.01
CA LEU A 791 13.78 -32.30 11.50
C LEU A 791 12.91 -31.32 12.28
N SER A 792 13.08 -31.25 13.60
CA SER A 792 12.39 -30.25 14.39
C SER A 792 12.88 -28.85 14.04
N LYS A 793 14.18 -28.71 13.77
CA LYS A 793 14.68 -27.43 13.30
C LYS A 793 14.00 -26.99 12.02
N PHE A 794 13.73 -27.94 11.12
CA PHE A 794 13.00 -27.66 9.89
C PHE A 794 11.49 -27.62 10.10
N ARG A 795 11.01 -27.99 11.29
CA ARG A 795 9.62 -27.82 11.72
C ARG A 795 8.62 -28.33 10.69
N ILE A 796 8.93 -29.48 10.09
CA ILE A 796 8.03 -30.05 9.10
C ILE A 796 7.11 -31.07 9.77
N ASP A 797 7.11 -31.08 11.11
CA ASP A 797 6.27 -31.96 11.93
C ASP A 797 6.31 -33.41 11.43
N PHE A 798 7.52 -33.99 11.51
CA PHE A 798 7.74 -35.32 11.00
C PHE A 798 6.88 -36.34 11.72
N SER A 799 6.33 -37.29 10.94
CA SER A 799 5.62 -38.41 11.54
C SER A 799 6.57 -39.31 12.31
N ASP A 800 7.66 -39.72 11.66
CA ASP A 800 8.63 -40.63 12.24
C ASP A 800 9.85 -40.68 11.33
N ILE A 801 10.91 -41.27 11.85
CA ILE A 801 12.19 -41.38 11.13
C ILE A 801 12.56 -42.85 11.12
N MET A 802 12.08 -43.59 10.12
CA MET A 802 12.35 -45.02 10.02
C MET A 802 13.78 -45.20 9.49
N VAL A 803 14.74 -45.05 10.40
CA VAL A 803 16.13 -45.26 10.03
C VAL A 803 16.32 -46.74 9.69
N LEU A 804 16.97 -47.00 8.55
CA LEU A 804 17.07 -48.35 8.03
C LEU A 804 18.53 -48.69 7.77
N GLY A 805 18.81 -50.00 7.72
CA GLY A 805 20.15 -50.47 7.45
C GLY A 805 20.20 -51.49 6.33
N ASP A 806 19.24 -51.43 5.41
CA ASP A 806 19.21 -52.34 4.28
C ASP A 806 20.13 -51.91 3.14
N ILE A 807 20.75 -50.74 3.25
CA ILE A 807 21.69 -50.28 2.23
C ILE A 807 22.90 -51.22 2.18
N ASN A 808 23.59 -51.21 1.04
CA ASN A 808 24.78 -52.03 0.82
C ASN A 808 24.42 -53.52 0.83
N THR A 809 23.42 -53.87 0.02
CA THR A 809 22.94 -55.24 -0.06
C THR A 809 22.69 -55.61 -1.51
N LYS A 810 22.91 -56.87 -1.84
CA LYS A 810 22.57 -57.35 -3.17
C LYS A 810 21.05 -57.39 -3.29
N PRO A 811 20.46 -56.68 -4.24
CA PRO A 811 19.00 -56.57 -4.30
C PRO A 811 18.30 -57.91 -4.51
N LYS A 812 18.60 -58.56 -5.63
CA LYS A 812 18.11 -59.89 -5.96
C LYS A 812 18.68 -60.25 -7.33
N LYS A 813 18.44 -61.50 -7.74
CA LYS A 813 18.92 -61.95 -9.03
C LYS A 813 18.24 -61.22 -10.18
N GLU A 814 16.93 -61.00 -10.08
CA GLU A 814 16.19 -60.48 -11.23
C GLU A 814 16.41 -58.99 -11.43
N ASN A 815 16.64 -58.22 -10.37
CA ASN A 815 16.82 -56.78 -10.53
C ASN A 815 18.13 -56.46 -11.24
N ILE A 816 19.20 -57.18 -10.88
CA ILE A 816 20.46 -57.02 -11.59
C ILE A 816 20.33 -57.46 -13.03
N ILE A 817 19.54 -58.51 -13.27
CA ILE A 817 19.27 -58.93 -14.64
C ILE A 817 18.58 -57.83 -15.42
N ALA A 818 17.59 -57.19 -14.80
CA ALA A 818 16.89 -56.08 -15.47
C ALA A 818 17.84 -54.92 -15.75
N PHE A 819 18.74 -54.61 -14.81
CA PHE A 819 19.70 -53.53 -15.04
C PHE A 819 20.65 -53.88 -16.19
N GLU A 820 21.10 -55.14 -16.23
CA GLU A 820 21.93 -55.58 -17.34
C GLU A 820 21.18 -55.46 -18.66
N GLU A 821 19.89 -55.79 -18.66
CA GLU A 821 19.09 -55.62 -19.86
C GLU A 821 18.98 -54.14 -20.22
N ILE A 822 18.88 -53.27 -19.22
CA ILE A 822 18.77 -51.84 -19.46
C ILE A 822 20.02 -51.32 -20.18
N ILE A 823 21.19 -51.72 -19.70
CA ILE A 823 22.42 -51.19 -20.29
C ILE A 823 23.00 -52.06 -21.40
N GLU A 824 22.35 -53.18 -21.71
CA GLU A 824 22.87 -54.09 -22.74
C GLU A 824 23.00 -53.44 -24.12
N PRO A 825 22.02 -52.69 -24.64
CA PRO A 825 22.21 -52.07 -25.96
C PRO A 825 23.39 -51.13 -26.04
N TYR A 826 23.94 -50.70 -24.91
CA TYR A 826 25.05 -49.76 -24.91
C TYR A 826 26.30 -50.28 -24.20
N ARG A 827 26.29 -51.53 -23.73
CA ARG A 827 27.50 -52.08 -23.13
C ARG A 827 28.57 -52.32 -24.19
N LEU A 828 29.81 -52.02 -23.82
CA LEU A 828 30.95 -52.15 -24.72
C LEU A 828 31.81 -53.33 -24.23
N HIS A 829 31.86 -54.38 -25.03
CA HIS A 829 32.57 -55.61 -24.63
C HIS A 829 34.01 -55.57 -25.15
N GLU A 830 34.80 -54.70 -24.51
CA GLU A 830 36.21 -54.58 -24.89
C GLU A 830 36.97 -55.87 -24.65
N ASP A 831 36.68 -56.54 -23.53
CA ASP A 831 37.36 -57.80 -23.23
C ASP A 831 36.99 -58.88 -24.25
N ASP A 832 35.71 -58.93 -24.64
CA ASP A 832 35.29 -59.95 -25.61
C ASP A 832 35.80 -59.64 -27.01
N LYS A 833 35.73 -58.38 -27.41
CA LYS A 833 36.06 -57.97 -28.77
C LYS A 833 37.54 -57.61 -28.88
N GLU A 834 38.00 -57.44 -30.11
CA GLU A 834 39.39 -57.08 -30.35
C GLU A 834 39.71 -55.70 -29.76
N GLN A 835 40.96 -55.55 -29.33
CA GLN A 835 41.39 -54.27 -28.75
C GLN A 835 41.29 -53.15 -29.78
N ASP A 836 41.71 -53.41 -31.01
CA ASP A 836 41.66 -52.39 -32.05
C ASP A 836 40.23 -51.95 -32.32
N ILE A 837 39.31 -52.90 -32.43
CA ILE A 837 37.92 -52.53 -32.71
C ILE A 837 37.30 -51.82 -31.51
N ALA A 838 37.65 -52.24 -30.29
CA ALA A 838 37.15 -51.55 -29.11
C ALA A 838 37.63 -50.10 -29.07
N ASP A 839 38.91 -49.88 -29.39
CA ASP A 839 39.43 -48.52 -29.43
C ASP A 839 38.77 -47.71 -30.52
N LYS A 840 38.53 -48.34 -31.69
CA LYS A 840 37.83 -47.66 -32.78
C LYS A 840 36.43 -47.23 -32.33
N MET A 841 35.69 -48.15 -31.69
CA MET A 841 34.34 -47.83 -31.25
C MET A 841 34.35 -46.74 -30.19
N LYS A 842 35.34 -46.76 -29.30
CA LYS A 842 35.46 -45.70 -28.30
C LYS A 842 35.73 -44.35 -28.94
N GLU A 843 36.62 -44.31 -29.94
CA GLU A 843 37.03 -43.03 -30.50
C GLU A 843 35.98 -42.45 -31.43
N ASP A 844 35.28 -43.28 -32.21
CA ASP A 844 34.24 -42.74 -33.07
C ASP A 844 33.01 -42.32 -32.28
N GLU A 845 32.82 -42.91 -31.11
CA GLU A 845 31.64 -42.70 -30.28
C GLU A 845 31.99 -42.91 -28.81
N PRO A 846 31.94 -41.85 -27.99
CA PRO A 846 32.53 -41.91 -26.65
C PRO A 846 31.57 -42.20 -25.50
N TRP A 847 30.26 -42.22 -25.72
CA TRP A 847 29.31 -42.39 -24.63
C TRP A 847 29.01 -43.84 -24.31
N ARG A 848 29.85 -44.78 -24.79
CA ARG A 848 29.69 -46.17 -24.40
C ARG A 848 30.08 -46.35 -22.94
N ILE A 849 29.54 -47.40 -22.33
CA ILE A 849 29.91 -47.76 -20.97
C ILE A 849 31.09 -48.73 -21.04
N THR A 850 32.28 -48.23 -20.75
CA THR A 850 33.47 -49.08 -20.80
C THR A 850 33.40 -50.13 -19.69
N ASP A 851 34.13 -51.24 -19.92
CA ASP A 851 34.08 -52.35 -18.97
C ASP A 851 34.61 -51.93 -17.60
N ASN A 852 35.72 -51.18 -17.58
CA ASN A 852 36.30 -50.75 -16.30
C ASN A 852 35.31 -49.90 -15.51
N GLU A 853 34.45 -49.16 -16.20
CA GLU A 853 33.43 -48.35 -15.53
C GLU A 853 32.48 -49.20 -14.71
N LEU A 854 32.14 -50.38 -15.21
CA LEU A 854 31.20 -51.25 -14.49
C LEU A 854 31.80 -51.77 -13.19
N GLU A 855 33.05 -52.25 -13.25
CA GLU A 855 33.68 -52.77 -12.03
C GLU A 855 34.12 -51.65 -11.10
N LEU A 856 34.43 -50.47 -11.63
CA LEU A 856 34.76 -49.34 -10.76
C LEU A 856 33.54 -48.88 -9.98
N TYR A 857 32.37 -48.89 -10.60
CA TYR A 857 31.15 -48.38 -9.99
C TYR A 857 30.12 -49.48 -9.72
N LYS A 858 30.56 -50.73 -9.57
CA LYS A 858 29.62 -51.81 -9.35
C LYS A 858 28.86 -51.63 -8.05
N THR A 859 29.55 -51.24 -6.98
CA THR A 859 28.88 -51.03 -5.71
C THR A 859 27.86 -49.91 -5.79
N LYS A 860 28.13 -48.88 -6.60
CA LYS A 860 27.15 -47.80 -6.74
C LYS A 860 25.90 -48.29 -7.46
N THR A 861 26.06 -49.13 -8.48
CA THR A 861 24.90 -49.72 -9.15
C THR A 861 24.10 -50.59 -8.19
N TYR A 862 24.79 -51.40 -7.40
CA TYR A 862 24.10 -52.21 -6.40
C TYR A 862 23.33 -51.33 -5.43
N ARG A 863 23.95 -50.24 -4.98
CA ARG A 863 23.27 -49.34 -4.05
C ARG A 863 22.04 -48.72 -4.70
N GLN A 864 22.14 -48.29 -5.95
CA GLN A 864 20.99 -47.64 -6.58
C GLN A 864 19.84 -48.63 -6.75
N ILE A 865 20.14 -49.87 -7.14
CA ILE A 865 19.06 -50.86 -7.23
C ILE A 865 18.49 -51.16 -5.85
N ARG A 866 19.34 -51.18 -4.83
CA ARG A 866 18.86 -51.40 -3.46
C ARG A 866 17.88 -50.32 -3.02
N LEU A 867 18.24 -49.05 -3.25
CA LEU A 867 17.32 -47.97 -2.92
C LEU A 867 16.07 -48.02 -3.77
N ASN A 868 16.17 -48.44 -5.03
CA ASN A 868 14.96 -48.60 -5.83
C ASN A 868 14.02 -49.63 -5.21
N GLU A 869 14.57 -50.77 -4.80
CA GLU A 869 13.69 -51.83 -4.31
C GLU A 869 13.14 -51.48 -2.92
N LEU A 870 13.93 -50.78 -2.10
CA LEU A 870 13.41 -50.28 -0.83
C LEU A 870 12.28 -49.29 -1.06
N LEU A 871 12.44 -48.41 -2.07
CA LEU A 871 11.37 -47.48 -2.38
C LEU A 871 10.11 -48.21 -2.83
N LYS A 872 10.27 -49.26 -3.64
CA LYS A 872 9.12 -50.05 -4.04
C LYS A 872 8.44 -50.70 -2.85
N GLU A 873 9.23 -51.25 -1.92
CA GLU A 873 8.65 -51.98 -0.79
C GLU A 873 7.96 -51.05 0.20
N HIS A 874 8.56 -49.88 0.48
CA HIS A 874 8.07 -49.02 1.54
C HIS A 874 7.18 -47.89 1.03
N SER A 875 7.70 -47.05 0.13
CA SER A 875 7.02 -45.83 -0.28
C SER A 875 6.13 -46.04 -1.50
N SER A 876 5.64 -47.25 -1.70
CA SER A 876 4.79 -47.52 -2.86
C SER A 876 3.50 -46.71 -2.80
N THR A 877 2.88 -46.65 -1.62
CA THR A 877 1.62 -45.92 -1.45
C THR A 877 1.87 -44.53 -0.84
N ALA A 878 2.59 -43.71 -1.59
CA ALA A 878 2.87 -42.33 -1.21
C ALA A 878 2.61 -41.42 -2.40
N ASN A 879 2.39 -40.13 -2.10
CA ASN A 879 2.09 -39.19 -3.17
C ASN A 879 3.35 -38.69 -3.86
N ILE A 880 4.23 -38.02 -3.14
CA ILE A 880 5.35 -37.31 -3.73
C ILE A 880 6.62 -37.74 -2.98
N ILE A 881 7.31 -38.73 -3.51
CA ILE A 881 8.57 -39.17 -2.91
C ILE A 881 9.64 -38.11 -3.15
N VAL A 882 10.55 -37.97 -2.20
CA VAL A 882 11.69 -37.07 -2.33
C VAL A 882 12.95 -37.85 -1.99
N MET A 883 13.98 -37.72 -2.81
CA MET A 883 15.19 -38.51 -2.66
C MET A 883 16.39 -37.70 -3.13
N SER A 884 17.54 -37.92 -2.49
CA SER A 884 18.77 -37.23 -2.83
C SER A 884 19.26 -37.70 -4.19
N LEU A 885 19.59 -36.75 -5.05
CA LEU A 885 19.96 -37.06 -6.43
C LEU A 885 21.36 -37.65 -6.51
N PRO A 886 21.52 -38.86 -7.03
CA PRO A 886 22.87 -39.41 -7.22
C PRO A 886 23.64 -38.64 -8.28
N VAL A 887 24.93 -38.43 -8.03
CA VAL A 887 25.80 -37.68 -8.92
C VAL A 887 27.16 -38.37 -9.01
N ALA A 888 27.97 -37.90 -9.94
CA ALA A 888 29.32 -38.43 -10.13
C ALA A 888 30.18 -37.34 -10.74
N ARG A 889 31.50 -37.52 -10.63
CA ARG A 889 32.44 -36.54 -11.15
C ARG A 889 32.31 -36.41 -12.66
N LYS A 890 32.54 -35.20 -13.15
CA LYS A 890 32.37 -34.91 -14.57
C LYS A 890 33.29 -35.79 -15.41
N GLY A 891 32.69 -36.65 -16.23
CA GLY A 891 33.43 -37.55 -17.07
C GLY A 891 33.86 -38.84 -16.41
N ALA A 892 33.77 -38.93 -15.08
CA ALA A 892 34.11 -40.18 -14.41
C ALA A 892 33.13 -41.28 -14.78
N VAL A 893 31.87 -40.90 -14.97
CA VAL A 893 30.82 -41.84 -15.38
C VAL A 893 30.33 -41.43 -16.77
N SER A 894 30.09 -42.42 -17.61
CA SER A 894 29.56 -42.13 -18.93
C SER A 894 28.12 -41.64 -18.82
N SER A 895 27.68 -40.88 -19.84
CA SER A 895 26.32 -40.37 -19.84
C SER A 895 25.31 -41.51 -19.85
N ALA A 896 25.58 -42.55 -20.62
CA ALA A 896 24.64 -43.66 -20.72
C ALA A 896 24.43 -44.33 -19.37
N LEU A 897 25.53 -44.58 -18.65
CA LEU A 897 25.38 -45.24 -17.35
C LEU A 897 24.75 -44.32 -16.32
N TYR A 898 25.02 -43.01 -16.40
CA TYR A 898 24.37 -42.08 -15.47
C TYR A 898 22.86 -42.07 -15.67
N MET A 899 22.43 -42.02 -16.93
CA MET A 899 20.99 -42.12 -17.18
C MET A 899 20.47 -43.49 -16.80
N ALA A 900 21.27 -44.53 -16.91
CA ALA A 900 20.83 -45.85 -16.45
C ALA A 900 20.58 -45.84 -14.96
N TRP A 901 21.46 -45.20 -14.18
CA TRP A 901 21.23 -45.09 -12.75
C TRP A 901 19.96 -44.33 -12.46
N LEU A 902 19.74 -43.21 -13.16
CA LEU A 902 18.51 -42.47 -12.92
C LEU A 902 17.28 -43.26 -13.33
N GLU A 903 17.40 -44.13 -14.33
CA GLU A 903 16.31 -45.04 -14.65
C GLU A 903 16.06 -46.01 -13.50
N ALA A 904 17.12 -46.62 -12.98
CA ALA A 904 16.96 -47.65 -11.97
C ALA A 904 16.30 -47.10 -10.71
N LEU A 905 16.76 -45.94 -10.25
CA LEU A 905 16.21 -45.38 -9.02
C LEU A 905 14.74 -45.06 -9.18
N SER A 906 14.39 -44.30 -10.21
CA SER A 906 12.99 -43.95 -10.48
C SER A 906 12.48 -44.87 -11.57
N LYS A 907 12.20 -46.12 -11.19
CA LYS A 907 11.79 -47.14 -12.15
C LYS A 907 10.28 -47.36 -12.15
N ASP A 908 9.70 -47.69 -11.00
CA ASP A 908 8.28 -48.03 -10.92
C ASP A 908 7.58 -47.32 -9.78
N LEU A 909 8.03 -46.13 -9.43
CA LEU A 909 7.52 -45.43 -8.27
C LEU A 909 6.42 -44.44 -8.64
N PRO A 910 5.64 -43.99 -7.66
CA PRO A 910 4.76 -42.84 -7.89
C PRO A 910 5.57 -41.60 -8.20
N PRO A 911 4.93 -40.46 -8.50
CA PRO A 911 5.68 -39.23 -8.77
C PRO A 911 6.80 -38.96 -7.79
N ILE A 912 8.03 -39.02 -8.30
CA ILE A 912 9.23 -38.92 -7.50
C ILE A 912 9.92 -37.61 -7.83
N LEU A 913 10.73 -37.12 -6.87
CA LEU A 913 11.33 -35.79 -6.96
C LEU A 913 12.76 -35.87 -6.45
N LEU A 914 13.69 -36.22 -7.34
CA LEU A 914 15.10 -36.25 -6.97
C LEU A 914 15.65 -34.85 -6.87
N VAL A 915 16.51 -34.63 -5.88
CA VAL A 915 17.02 -33.29 -5.60
C VAL A 915 18.48 -33.40 -5.16
N ARG A 916 19.29 -32.42 -5.58
CA ARG A 916 20.60 -32.17 -4.96
C ARG A 916 20.81 -30.66 -4.95
N GLY A 917 20.74 -30.07 -3.76
CA GLY A 917 20.96 -28.65 -3.61
C GLY A 917 22.44 -28.32 -3.52
N ASN A 918 22.70 -27.03 -3.32
CA ASN A 918 24.08 -26.57 -3.15
C ASN A 918 24.54 -26.82 -1.72
N HIS A 919 25.80 -26.46 -1.45
CA HIS A 919 26.38 -26.78 -0.14
C HIS A 919 25.80 -25.90 0.96
N GLN A 920 25.51 -24.64 0.67
CA GLN A 920 25.06 -23.71 1.70
C GLN A 920 23.71 -24.13 2.26
N SER A 921 23.52 -23.89 3.56
CA SER A 921 22.27 -24.22 4.21
C SER A 921 21.17 -23.24 3.81
N VAL A 922 19.94 -23.74 3.80
CA VAL A 922 18.81 -22.90 3.37
C VAL A 922 18.50 -21.83 4.40
N LEU A 923 18.57 -22.18 5.69
CA LEU A 923 18.27 -21.21 6.74
C LEU A 923 19.50 -20.92 7.59
N TRP B 2 7.09 -20.93 31.07
CA TRP B 2 5.90 -21.77 31.10
C TRP B 2 4.73 -21.02 31.73
N ILE B 3 3.96 -21.72 32.58
CA ILE B 3 2.82 -21.09 33.23
C ILE B 3 3.29 -19.96 34.15
N LYS B 4 4.26 -20.24 35.02
CA LYS B 4 4.69 -19.22 35.97
C LYS B 4 5.35 -18.03 35.27
N GLY B 5 5.88 -18.24 34.07
CA GLY B 5 6.56 -17.15 33.40
C GLY B 5 5.64 -16.02 32.98
N VAL B 6 4.49 -16.35 32.41
CA VAL B 6 3.62 -15.38 31.77
C VAL B 6 2.30 -15.22 32.52
N LEU B 7 1.75 -16.31 33.06
CA LEU B 7 0.50 -16.20 33.81
C LEU B 7 0.67 -15.30 35.02
N VAL B 8 1.76 -15.49 35.77
CA VAL B 8 2.00 -14.67 36.94
C VAL B 8 2.21 -13.21 36.55
N ARG B 9 2.97 -12.98 35.49
CA ARG B 9 3.24 -11.61 35.05
C ARG B 9 1.95 -10.91 34.64
N CYS B 10 1.07 -11.61 33.93
CA CYS B 10 -0.21 -11.01 33.56
C CYS B 10 -1.10 -10.80 34.77
N MET B 11 -1.12 -11.75 35.71
CA MET B 11 -1.85 -11.54 36.95
C MET B 11 -1.40 -10.25 37.62
N LEU B 12 -0.09 -10.06 37.72
CA LEU B 12 0.46 -8.95 38.47
C LEU B 12 0.40 -7.65 37.69
N ASN B 13 0.21 -7.73 36.37
CA ASN B 13 0.08 -6.53 35.55
C ASN B 13 -1.35 -6.04 35.51
N ILE B 14 -2.29 -6.92 35.16
CA ILE B 14 -3.67 -6.50 34.97
C ILE B 14 -4.23 -5.90 36.26
N TRP B 15 -4.02 -6.59 37.38
CA TRP B 15 -4.60 -6.17 38.66
C TRP B 15 -3.75 -5.05 39.21
N GLY B 16 -3.94 -3.87 38.63
CA GLY B 16 -3.18 -2.70 39.02
C GLY B 16 -3.80 -2.00 40.21
N VAL B 17 -4.19 -0.74 40.03
CA VAL B 17 -4.68 0.05 41.13
C VAL B 17 -6.20 0.18 41.14
N MET B 18 -6.86 0.20 39.98
CA MET B 18 -8.27 0.55 39.97
C MET B 18 -9.15 -0.56 40.51
N LEU B 19 -8.72 -1.81 40.44
CA LEU B 19 -9.47 -2.88 41.07
C LEU B 19 -9.66 -2.61 42.55
N PHE B 20 -8.68 -1.95 43.17
CA PHE B 20 -8.67 -1.81 44.61
C PHE B 20 -9.27 -0.49 45.08
N ILE B 21 -9.49 0.48 44.19
CA ILE B 21 -10.08 1.74 44.60
C ILE B 21 -11.29 2.11 43.76
N ARG B 22 -11.11 2.15 42.43
CA ARG B 22 -12.12 2.77 41.57
C ARG B 22 -13.24 1.81 41.19
N LEU B 23 -13.05 0.50 41.37
CA LEU B 23 -14.10 -0.43 40.98
C LEU B 23 -15.36 -0.23 41.82
N SER B 24 -15.20 0.01 43.12
CA SER B 24 -16.36 0.26 43.96
C SER B 24 -17.06 1.54 43.53
N TRP B 25 -16.30 2.59 43.24
CA TRP B 25 -16.89 3.82 42.73
C TRP B 25 -17.57 3.58 41.39
N ILE B 26 -17.03 2.67 40.58
CA ILE B 26 -17.66 2.33 39.31
C ILE B 26 -19.01 1.66 39.55
N VAL B 27 -19.06 0.73 40.50
CA VAL B 27 -20.33 0.10 40.84
C VAL B 27 -21.29 1.14 41.40
N GLY B 28 -20.76 2.17 42.05
CA GLY B 28 -21.62 3.26 42.52
C GLY B 28 -22.22 4.05 41.39
N GLN B 29 -21.41 4.39 40.39
CA GLN B 29 -21.90 5.21 39.28
C GLN B 29 -22.78 4.41 38.34
N ALA B 30 -22.39 3.17 38.05
CA ALA B 30 -23.17 2.29 37.18
C ALA B 30 -23.66 1.07 37.94
N GLY B 31 -24.92 0.71 37.67
CA GLY B 31 -25.55 -0.37 38.39
C GLY B 31 -24.84 -1.71 38.22
N ILE B 32 -25.26 -2.68 39.04
CA ILE B 32 -24.65 -4.00 39.00
C ILE B 32 -24.69 -4.56 37.60
N GLY B 33 -25.85 -4.50 36.95
CA GLY B 33 -25.94 -4.93 35.57
C GLY B 33 -25.03 -4.14 34.66
N LEU B 34 -25.01 -2.81 34.82
CA LEU B 34 -24.16 -1.98 33.99
C LEU B 34 -22.68 -2.22 34.31
N SER B 35 -22.35 -2.41 35.58
CA SER B 35 -20.97 -2.71 35.93
C SER B 35 -20.51 -4.01 35.28
N VAL B 36 -21.35 -5.04 35.35
CA VAL B 36 -20.99 -6.32 34.73
C VAL B 36 -20.90 -6.16 33.21
N LEU B 37 -21.77 -5.33 32.63
CA LEU B 37 -21.70 -5.09 31.19
C LEU B 37 -20.38 -4.44 30.82
N VAL B 38 -19.93 -3.47 31.62
CA VAL B 38 -18.62 -2.86 31.40
C VAL B 38 -17.53 -3.92 31.49
N ILE B 39 -17.62 -4.80 32.50
CA ILE B 39 -16.62 -5.85 32.66
C ILE B 39 -16.55 -6.72 31.41
N MET B 40 -17.70 -7.18 30.91
CA MET B 40 -17.68 -8.07 29.76
C MET B 40 -17.23 -7.34 28.51
N MET B 41 -17.59 -6.07 28.34
CA MET B 41 -17.14 -5.34 27.16
C MET B 41 -15.62 -5.18 27.16
N ALA B 42 -15.06 -4.74 28.30
CA ALA B 42 -13.61 -4.62 28.40
C ALA B 42 -12.93 -5.96 28.24
N THR B 43 -13.55 -7.03 28.75
CA THR B 43 -13.01 -8.36 28.58
C THR B 43 -12.99 -8.78 27.12
N VAL B 44 -14.05 -8.43 26.37
CA VAL B 44 -14.05 -8.74 24.94
C VAL B 44 -12.90 -8.01 24.25
N VAL B 45 -12.71 -6.74 24.56
CA VAL B 45 -11.59 -6.00 23.97
C VAL B 45 -10.27 -6.69 24.29
N THR B 46 -10.07 -7.02 25.57
CA THR B 46 -8.81 -7.60 26.00
C THR B 46 -8.59 -8.99 25.39
N THR B 47 -9.65 -9.79 25.28
CA THR B 47 -9.51 -11.11 24.70
C THR B 47 -9.22 -11.05 23.21
N ILE B 48 -9.84 -10.12 22.49
CA ILE B 48 -9.52 -9.98 21.08
C ILE B 48 -8.08 -9.54 20.90
N THR B 49 -7.62 -8.62 21.76
CA THR B 49 -6.22 -8.22 21.73
C THR B 49 -5.30 -9.41 22.01
N GLY B 50 -5.66 -10.22 22.99
CA GLY B 50 -4.84 -11.38 23.32
C GLY B 50 -4.80 -12.41 22.19
N LEU B 51 -5.94 -12.62 21.54
CA LEU B 51 -5.97 -13.54 20.40
C LEU B 51 -5.10 -13.01 19.26
N SER B 52 -5.16 -11.70 19.00
CA SER B 52 -4.30 -11.13 17.97
C SER B 52 -2.83 -11.26 18.34
N THR B 53 -2.50 -11.06 19.62
CA THR B 53 -1.12 -11.22 20.07
C THR B 53 -0.66 -12.67 19.89
N SER B 54 -1.54 -13.63 20.20
CA SER B 54 -1.19 -15.04 20.03
C SER B 54 -0.96 -15.36 18.57
N ALA B 55 -1.81 -14.82 17.68
CA ALA B 55 -1.60 -15.05 16.25
C ALA B 55 -0.28 -14.45 15.79
N ILE B 56 0.05 -13.26 16.30
CA ILE B 56 1.33 -12.64 15.97
C ILE B 56 2.48 -13.52 16.42
N ALA B 57 2.39 -14.05 17.64
CA ALA B 57 3.44 -14.92 18.15
C ALA B 57 3.57 -16.19 17.32
N THR B 58 2.44 -16.77 16.90
CA THR B 58 2.50 -18.00 16.11
C THR B 58 3.09 -17.74 14.72
N ASN B 59 2.79 -16.58 14.13
CA ASN B 59 3.23 -16.31 12.77
C ASN B 59 4.74 -16.17 12.68
N GLY B 60 5.30 -16.52 11.53
CA GLY B 60 6.65 -16.18 11.17
C GLY B 60 7.73 -17.17 11.59
N PHE B 61 8.06 -17.19 12.88
CA PHE B 61 9.16 -18.00 13.35
C PHE B 61 8.96 -18.25 14.84
N VAL B 62 9.67 -19.25 15.36
CA VAL B 62 9.44 -19.70 16.73
C VAL B 62 9.88 -18.64 17.74
N ARG B 63 10.99 -17.94 17.45
CA ARG B 63 11.59 -17.04 18.42
C ARG B 63 11.87 -15.68 17.78
N GLY B 64 11.83 -14.64 18.62
CA GLY B 64 12.18 -13.31 18.17
C GLY B 64 12.96 -12.58 19.25
N GLY B 65 13.68 -11.54 18.81
CA GLY B 65 14.45 -10.74 19.75
C GLY B 65 13.57 -10.04 20.76
N GLY B 66 12.44 -9.51 20.32
CA GLY B 66 11.50 -8.86 21.22
C GLY B 66 10.15 -8.73 20.57
N ALA B 67 9.16 -8.31 21.37
CA ALA B 67 7.81 -8.14 20.85
C ALA B 67 7.79 -7.15 19.69
N TYR B 68 8.53 -6.06 19.82
CA TYR B 68 8.73 -5.15 18.70
C TYR B 68 9.20 -5.91 17.47
N TYR B 69 10.23 -6.75 17.65
CA TYR B 69 10.81 -7.48 16.53
C TYR B 69 9.86 -8.58 16.07
N LEU B 70 9.07 -9.14 16.99
CA LEU B 70 8.03 -10.08 16.58
C LEU B 70 7.05 -9.43 15.61
N ILE B 71 6.52 -8.25 15.97
CA ILE B 71 5.57 -7.58 15.09
C ILE B 71 6.26 -7.15 13.80
N SER B 72 7.51 -6.70 13.89
CA SER B 72 8.23 -6.30 12.70
C SER B 72 8.39 -7.45 11.72
N ARG B 73 8.76 -8.64 12.23
CA ARG B 73 8.85 -9.81 11.35
C ARG B 73 7.48 -10.18 10.80
N SER B 74 6.45 -10.15 11.65
CA SER B 74 5.13 -10.61 11.20
C SER B 74 4.58 -9.73 10.09
N LEU B 75 4.69 -8.40 10.24
CA LEU B 75 4.13 -7.49 9.24
C LEU B 75 5.20 -6.68 8.52
N GLY B 76 6.02 -5.94 9.26
CA GLY B 76 7.00 -5.08 8.63
C GLY B 76 7.32 -3.86 9.47
N PRO B 77 7.86 -2.82 8.82
CA PRO B 77 8.27 -1.64 9.59
C PRO B 77 7.11 -0.78 10.05
N GLU B 78 6.12 -0.55 9.19
CA GLU B 78 5.09 0.45 9.43
C GLU B 78 4.30 0.16 10.70
N PHE B 79 3.55 -0.95 10.67
CA PHE B 79 2.65 -1.27 11.76
C PHE B 79 3.41 -1.61 13.03
N GLY B 80 4.55 -2.31 12.88
CA GLY B 80 5.35 -2.63 14.05
C GLY B 80 5.87 -1.39 14.76
N GLY B 81 6.42 -0.44 14.00
CA GLY B 81 6.88 0.79 14.60
C GLY B 81 5.77 1.60 15.23
N ALA B 82 4.63 1.70 14.54
CA ALA B 82 3.50 2.44 15.09
C ALA B 82 3.02 1.84 16.39
N ILE B 83 2.85 0.51 16.41
CA ILE B 83 2.39 -0.16 17.62
C ILE B 83 3.39 0.00 18.74
N GLY B 84 4.69 -0.13 18.44
CA GLY B 84 5.70 0.03 19.47
C GLY B 84 5.69 1.41 20.07
N LEU B 85 5.61 2.45 19.23
CA LEU B 85 5.60 3.81 19.74
C LEU B 85 4.36 4.07 20.59
N ILE B 86 3.19 3.66 20.10
CA ILE B 86 1.96 3.91 20.84
C ILE B 86 1.98 3.19 22.17
N PHE B 87 2.43 1.93 22.18
CA PHE B 87 2.43 1.16 23.43
C PHE B 87 3.48 1.67 24.39
N ALA B 88 4.63 2.13 23.90
CA ALA B 88 5.63 2.71 24.78
C ALA B 88 5.10 3.97 25.45
N PHE B 89 4.45 4.84 24.66
CA PHE B 89 3.83 6.03 25.24
C PHE B 89 2.76 5.64 26.26
N ALA B 90 1.97 4.62 25.93
CA ALA B 90 0.89 4.18 26.81
C ALA B 90 1.43 3.66 28.13
N ASN B 91 2.51 2.88 28.10
CA ASN B 91 3.11 2.40 29.34
C ASN B 91 3.75 3.55 30.11
N ALA B 92 4.32 4.53 29.39
CA ALA B 92 4.92 5.67 30.06
C ALA B 92 3.88 6.43 30.87
N VAL B 93 2.69 6.64 30.31
CA VAL B 93 1.64 7.31 31.07
C VAL B 93 0.95 6.37 32.06
N ALA B 94 0.98 5.06 31.82
CA ALA B 94 0.43 4.12 32.80
C ALA B 94 1.26 4.11 34.07
N VAL B 95 2.58 4.29 33.95
CA VAL B 95 3.41 4.47 35.13
C VAL B 95 2.86 5.62 35.98
N ALA B 96 2.51 6.72 35.31
CA ALA B 96 1.93 7.86 36.00
C ALA B 96 0.63 7.47 36.68
N MET B 97 -0.23 6.73 35.97
CA MET B 97 -1.50 6.32 36.56
C MET B 97 -1.28 5.54 37.86
N TYR B 98 -0.44 4.52 37.81
CA TYR B 98 -0.30 3.63 38.96
C TYR B 98 0.41 4.33 40.11
N VAL B 99 1.37 5.21 39.80
CA VAL B 99 2.01 5.93 40.89
C VAL B 99 1.05 6.94 41.50
N VAL B 100 0.14 7.51 40.70
CA VAL B 100 -0.87 8.40 41.27
C VAL B 100 -1.82 7.62 42.16
N GLY B 101 -2.13 6.37 41.79
CA GLY B 101 -2.93 5.54 42.68
C GLY B 101 -2.23 5.28 44.01
N PHE B 102 -0.95 4.95 43.94
CA PHE B 102 -0.16 4.81 45.16
C PHE B 102 -0.22 6.08 45.98
N ALA B 103 -0.08 7.23 45.32
CA ALA B 103 -0.06 8.51 46.02
C ALA B 103 -1.39 8.79 46.70
N GLU B 104 -2.50 8.50 46.02
CA GLU B 104 -3.80 8.80 46.63
C GLU B 104 -4.05 7.88 47.81
N THR B 105 -3.62 6.61 47.70
CA THR B 105 -3.74 5.72 48.86
C THR B 105 -2.93 6.25 50.04
N VAL B 106 -1.71 6.70 49.77
CA VAL B 106 -0.86 7.19 50.85
C VAL B 106 -1.45 8.45 51.49
N VAL B 107 -1.95 9.38 50.65
CA VAL B 107 -2.48 10.61 51.22
C VAL B 107 -3.78 10.35 51.97
N GLU B 108 -4.58 9.39 51.51
CA GLU B 108 -5.75 9.00 52.28
C GLU B 108 -5.35 8.44 53.63
N LEU B 109 -4.29 7.63 53.65
CA LEU B 109 -3.79 7.12 54.93
C LEU B 109 -3.35 8.26 55.83
N LEU B 110 -2.64 9.25 55.27
CA LEU B 110 -2.24 10.41 56.05
C LEU B 110 -3.44 11.19 56.57
N LYS B 111 -4.52 11.26 55.78
CA LYS B 111 -5.76 11.84 56.28
C LYS B 111 -6.28 11.05 57.47
N GLU B 112 -6.22 9.72 57.39
CA GLU B 112 -6.51 8.89 58.55
C GLU B 112 -5.50 9.17 59.67
N HIS B 113 -4.24 9.37 59.31
CA HIS B 113 -3.20 9.65 60.29
C HIS B 113 -3.39 11.04 60.88
N SER B 114 -2.58 11.34 61.91
CA SER B 114 -2.82 12.53 62.71
C SER B 114 -2.49 13.81 61.96
N ILE B 115 -1.33 13.86 61.28
CA ILE B 115 -0.82 15.11 60.74
C ILE B 115 -1.11 15.19 59.24
N LEU B 116 -1.11 16.43 58.74
CA LEU B 116 -1.31 16.73 57.33
C LEU B 116 -0.24 17.71 56.89
N MET B 117 0.39 17.45 55.75
CA MET B 117 1.45 18.32 55.26
C MET B 117 0.89 19.52 54.50
N ILE B 118 0.22 19.26 53.37
CA ILE B 118 -0.34 20.30 52.53
C ILE B 118 -1.76 19.86 52.22
N ASP B 119 -2.48 20.60 51.36
CA ASP B 119 -3.77 20.12 50.90
C ASP B 119 -3.57 18.94 49.94
N GLU B 120 -4.69 18.33 49.55
CA GLU B 120 -4.65 17.00 48.96
C GLU B 120 -3.89 16.99 47.63
N ILE B 121 -4.15 17.97 46.76
CA ILE B 121 -3.57 17.91 45.42
C ILE B 121 -2.05 18.02 45.47
N ASN B 122 -1.53 18.84 46.39
CA ASN B 122 -0.08 19.02 46.46
C ASN B 122 0.59 17.81 47.09
N ASP B 123 -0.05 17.21 48.11
CA ASP B 123 0.51 16.01 48.73
C ASP B 123 0.71 14.91 47.70
N ILE B 124 -0.28 14.73 46.83
CA ILE B 124 -0.16 13.74 45.76
C ILE B 124 1.07 14.04 44.92
N ARG B 125 1.25 15.30 44.52
CA ARG B 125 2.39 15.68 43.69
C ARG B 125 3.71 15.29 44.35
N ILE B 126 3.89 15.70 45.61
CA ILE B 126 5.18 15.52 46.25
C ILE B 126 5.47 14.05 46.51
N ILE B 127 4.48 13.32 47.05
CA ILE B 127 4.74 11.92 47.39
C ILE B 127 4.89 11.09 46.13
N GLY B 128 4.12 11.39 45.09
CA GLY B 128 4.30 10.68 43.82
C GLY B 128 5.64 10.94 43.20
N ALA B 129 6.14 12.17 43.29
CA ALA B 129 7.47 12.47 42.78
C ALA B 129 8.54 11.70 43.56
N ILE B 130 8.42 11.66 44.89
CA ILE B 130 9.39 10.93 45.69
C ILE B 130 9.37 9.44 45.33
N THR B 131 8.18 8.88 45.19
CA THR B 131 8.09 7.48 44.81
C THR B 131 8.58 7.23 43.41
N VAL B 132 8.40 8.18 42.49
CA VAL B 132 8.90 8.00 41.13
C VAL B 132 10.42 8.00 41.11
N VAL B 133 11.06 8.85 41.93
CA VAL B 133 12.52 8.87 41.93
C VAL B 133 13.07 7.64 42.65
N ILE B 134 12.37 7.15 43.67
CA ILE B 134 12.79 5.89 44.29
C ILE B 134 12.60 4.73 43.31
N LEU B 135 11.55 4.79 42.49
CA LEU B 135 11.35 3.77 41.47
C LEU B 135 12.39 3.89 40.37
N LEU B 136 12.88 5.10 40.12
CA LEU B 136 14.11 5.29 39.35
C LEU B 136 15.25 4.50 39.97
N GLY B 137 15.48 4.69 41.26
CA GLY B 137 16.61 4.03 41.92
C GLY B 137 16.52 2.52 41.85
N ILE B 138 15.31 1.98 41.98
CA ILE B 138 15.14 0.53 42.03
C ILE B 138 15.09 -0.05 40.62
N SER B 139 14.38 0.61 39.71
CA SER B 139 14.02 0.00 38.43
C SER B 139 15.19 -0.05 37.46
N VAL B 140 16.15 0.87 37.59
CA VAL B 140 17.28 0.88 36.66
C VAL B 140 18.06 -0.42 36.76
N ALA B 141 18.19 -0.96 37.97
CA ALA B 141 18.83 -2.26 38.20
C ALA B 141 17.90 -3.08 39.10
N GLY B 142 16.95 -3.77 38.50
CA GLY B 142 15.99 -4.54 39.27
C GLY B 142 15.60 -5.85 38.61
N MET B 143 16.29 -6.22 37.53
CA MET B 143 15.96 -7.45 36.83
C MET B 143 16.42 -8.68 37.60
N GLU B 144 17.30 -8.53 38.59
CA GLU B 144 17.81 -9.69 39.31
C GLU B 144 16.80 -10.23 40.31
N TRP B 145 16.00 -9.36 40.92
CA TRP B 145 15.08 -9.77 41.95
C TRP B 145 13.63 -9.83 41.47
N GLU B 146 13.35 -9.43 40.23
CA GLU B 146 11.97 -9.44 39.75
C GLU B 146 11.41 -10.86 39.71
N ALA B 147 12.23 -11.84 39.32
CA ALA B 147 11.77 -13.23 39.27
C ALA B 147 11.38 -13.72 40.65
N LYS B 148 12.18 -13.39 41.67
CA LYS B 148 11.83 -13.78 43.03
C LYS B 148 10.69 -12.93 43.58
N ALA B 149 10.67 -11.64 43.24
CA ALA B 149 9.69 -10.74 43.86
C ALA B 149 8.29 -10.93 43.30
N GLN B 150 8.17 -11.36 42.04
CA GLN B 150 6.84 -11.42 41.42
C GLN B 150 5.93 -12.40 42.13
N ILE B 151 6.47 -13.57 42.49
CA ILE B 151 5.63 -14.57 43.14
C ILE B 151 5.22 -14.10 44.53
N VAL B 152 6.14 -13.47 45.27
CA VAL B 152 5.81 -12.99 46.61
C VAL B 152 4.76 -11.89 46.54
N LEU B 153 4.89 -10.99 45.57
CA LEU B 153 3.94 -9.90 45.44
C LEU B 153 2.56 -10.43 45.04
N LEU B 154 2.52 -11.43 44.15
CA LEU B 154 1.25 -12.04 43.82
C LEU B 154 0.64 -12.74 45.03
N VAL B 155 1.47 -13.36 45.86
CA VAL B 155 0.96 -13.97 47.09
C VAL B 155 0.34 -12.91 47.99
N ILE B 156 1.00 -11.77 48.14
CA ILE B 156 0.46 -10.71 48.98
C ILE B 156 -0.85 -10.19 48.42
N LEU B 157 -0.93 -10.00 47.10
CA LEU B 157 -2.15 -9.52 46.49
C LEU B 157 -3.28 -10.52 46.67
N LEU B 158 -3.01 -11.80 46.49
CA LEU B 158 -4.03 -12.82 46.71
C LEU B 158 -4.44 -12.89 48.17
N LEU B 159 -3.51 -12.65 49.09
CA LEU B 159 -3.87 -12.57 50.49
C LEU B 159 -4.82 -11.42 50.73
N ALA B 160 -4.57 -10.28 50.09
CA ALA B 160 -5.48 -9.14 50.23
C ALA B 160 -6.86 -9.48 49.67
N ILE B 161 -6.91 -10.12 48.51
CA ILE B 161 -8.19 -10.48 47.91
C ILE B 161 -8.95 -11.45 48.80
N GLY B 162 -8.25 -12.45 49.33
CA GLY B 162 -8.88 -13.38 50.26
C GLY B 162 -9.37 -12.69 51.52
N ASP B 163 -8.62 -11.70 51.99
CA ASP B 163 -9.06 -10.92 53.13
C ASP B 163 -10.35 -10.18 52.81
N PHE B 164 -10.44 -9.60 51.62
CA PHE B 164 -11.68 -8.94 51.21
C PHE B 164 -12.84 -9.93 51.18
N VAL B 165 -12.60 -11.11 50.61
CA VAL B 165 -13.66 -12.11 50.50
C VAL B 165 -14.13 -12.52 51.90
N ILE B 166 -13.20 -12.73 52.82
CA ILE B 166 -13.56 -13.11 54.18
C ILE B 166 -14.34 -11.98 54.85
N GLY B 167 -13.90 -10.74 54.67
CA GLY B 167 -14.57 -9.61 55.28
C GLY B 167 -15.94 -9.33 54.70
N THR B 168 -16.20 -9.80 53.48
CA THR B 168 -17.52 -9.60 52.89
C THR B 168 -18.61 -10.30 53.71
N PHE B 169 -18.36 -11.53 54.14
CA PHE B 169 -19.37 -12.27 54.90
C PHE B 169 -19.35 -11.95 56.38
N ILE B 170 -18.39 -11.15 56.84
CA ILE B 170 -18.25 -10.82 58.25
C ILE B 170 -18.85 -9.45 58.50
N PRO B 171 -19.96 -9.35 59.22
CA PRO B 171 -20.51 -8.05 59.60
C PRO B 171 -19.99 -7.60 60.96
N LEU B 172 -20.25 -6.33 61.25
CA LEU B 172 -19.90 -5.75 62.54
C LEU B 172 -20.81 -4.56 62.80
N GLU B 173 -21.33 -4.47 64.03
CA GLU B 173 -22.32 -3.44 64.34
C GLU B 173 -21.71 -2.04 64.29
N SER B 174 -20.43 -1.90 64.63
CA SER B 174 -19.82 -0.58 64.69
C SER B 174 -19.68 0.03 63.30
N LYS B 175 -19.27 -0.76 62.32
CA LYS B 175 -19.06 -0.27 60.96
C LYS B 175 -20.34 -0.24 60.14
N LYS B 176 -21.43 -0.75 60.69
CA LYS B 176 -22.69 -0.75 59.95
C LYS B 176 -23.19 0.65 59.55
N PRO B 177 -22.90 1.73 60.28
CA PRO B 177 -23.28 3.06 59.77
C PRO B 177 -22.77 3.34 58.37
N LYS B 178 -21.56 2.90 58.05
CA LYS B 178 -21.08 3.01 56.68
C LYS B 178 -21.70 1.92 55.83
N GLY B 179 -21.31 1.90 54.56
CA GLY B 179 -21.78 0.86 53.67
C GLY B 179 -21.12 -0.47 54.01
N PHE B 180 -21.51 -1.04 55.14
CA PHE B 180 -20.86 -2.25 55.64
C PHE B 180 -21.93 -3.17 56.22
N PHE B 181 -22.33 -4.17 55.45
CA PHE B 181 -23.36 -5.10 55.86
C PHE B 181 -22.96 -6.51 55.44
N GLY B 182 -23.59 -7.49 56.07
CA GLY B 182 -23.26 -8.88 55.81
C GLY B 182 -24.04 -9.53 54.68
N TYR B 183 -23.72 -9.15 53.44
CA TYR B 183 -24.31 -9.79 52.26
C TYR B 183 -25.83 -9.68 52.27
N LYS B 184 -26.36 -8.50 52.55
CA LYS B 184 -27.80 -8.33 52.57
C LYS B 184 -28.36 -8.27 51.15
N SER B 185 -29.53 -8.89 50.96
CA SER B 185 -30.11 -8.99 49.63
C SER B 185 -30.75 -7.67 49.18
N GLU B 186 -31.40 -6.96 50.10
CA GLU B 186 -32.11 -5.74 49.71
C GLU B 186 -31.15 -4.68 49.21
N ILE B 187 -29.98 -4.54 49.84
CA ILE B 187 -29.00 -3.58 49.36
C ILE B 187 -28.46 -3.98 47.99
N PHE B 188 -28.32 -5.28 47.74
CA PHE B 188 -27.93 -5.72 46.41
C PHE B 188 -29.00 -5.35 45.39
N ASN B 189 -30.27 -5.51 45.75
CA ASN B 189 -31.36 -5.12 44.86
C ASN B 189 -31.32 -3.63 44.57
N GLU B 190 -31.10 -2.83 45.60
CA GLU B 190 -31.04 -1.38 45.41
C GLU B 190 -29.86 -0.98 44.53
N ASN B 191 -28.70 -1.60 44.74
CA ASN B 191 -27.51 -1.27 43.97
C ASN B 191 -27.59 -1.77 42.53
N PHE B 192 -28.56 -2.62 42.21
CA PHE B 192 -28.67 -3.13 40.85
C PHE B 192 -28.94 -2.01 39.85
N GLY B 193 -29.79 -1.06 40.23
CA GLY B 193 -30.13 0.05 39.36
C GLY B 193 -29.00 1.04 39.22
N PRO B 194 -28.80 1.56 38.02
CA PRO B 194 -27.77 2.58 37.80
C PRO B 194 -28.13 3.87 38.52
N ASP B 195 -27.10 4.56 38.99
CA ASP B 195 -27.22 5.88 39.62
C ASP B 195 -26.04 6.71 39.13
N PHE B 196 -26.24 7.44 38.03
CA PHE B 196 -25.17 8.19 37.40
C PHE B 196 -25.21 9.63 37.92
N ARG B 197 -24.19 10.00 38.68
CA ARG B 197 -24.14 11.30 39.35
C ARG B 197 -22.91 12.07 38.91
N GLU B 198 -22.92 13.37 39.24
CA GLU B 198 -21.80 14.27 38.94
C GLU B 198 -21.49 14.27 37.45
N GLU B 199 -22.56 14.23 36.64
CA GLU B 199 -22.44 14.27 35.18
C GLU B 199 -21.52 13.19 34.65
N GLU B 200 -21.57 12.01 35.26
CA GLU B 200 -20.82 10.84 34.82
C GLU B 200 -21.78 9.89 34.11
N THR B 201 -21.32 9.31 33.02
CA THR B 201 -22.15 8.47 32.17
C THR B 201 -21.49 7.12 31.94
N PHE B 202 -22.23 6.22 31.27
CA PHE B 202 -21.79 4.84 31.13
C PHE B 202 -20.46 4.74 30.39
N PHE B 203 -20.38 5.35 29.22
CA PHE B 203 -19.14 5.28 28.46
C PHE B 203 -18.00 6.05 29.15
N SER B 204 -18.33 7.09 29.92
CA SER B 204 -17.30 7.75 30.71
C SER B 204 -16.76 6.82 31.79
N VAL B 205 -17.65 6.08 32.46
CA VAL B 205 -17.19 5.12 33.45
C VAL B 205 -16.44 3.97 32.78
N PHE B 206 -16.89 3.56 31.60
CA PHE B 206 -16.09 2.59 30.83
C PHE B 206 -14.73 3.17 30.51
N ALA B 207 -14.69 4.46 30.16
CA ALA B 207 -13.41 5.11 29.85
C ALA B 207 -12.46 5.06 31.04
N ILE B 208 -12.95 5.42 32.23
CA ILE B 208 -12.08 5.35 33.39
C ILE B 208 -11.67 3.92 33.68
N PHE B 209 -12.60 2.97 33.48
CA PHE B 209 -12.33 1.60 33.92
C PHE B 209 -11.32 0.88 33.02
N PHE B 210 -11.28 1.23 31.73
CA PHE B 210 -10.51 0.41 30.79
C PHE B 210 -9.10 0.07 31.23
N PRO B 211 -8.28 1.01 31.74
CA PRO B 211 -6.89 0.65 32.07
C PRO B 211 -6.76 -0.46 33.09
N ALA B 212 -7.79 -0.70 33.91
CA ALA B 212 -7.72 -1.78 34.89
C ALA B 212 -7.58 -3.13 34.19
N ALA B 213 -8.28 -3.30 33.06
CA ALA B 213 -8.26 -4.55 32.31
C ALA B 213 -7.22 -4.54 31.18
N THR B 214 -6.14 -3.79 31.33
CA THR B 214 -5.10 -3.69 30.32
C THR B 214 -3.75 -4.10 30.88
N GLY B 215 -2.84 -4.44 29.98
CA GLY B 215 -1.52 -4.91 30.33
C GLY B 215 -1.19 -6.31 29.90
N ILE B 216 -2.08 -6.97 29.14
CA ILE B 216 -1.79 -8.32 28.68
C ILE B 216 -0.63 -8.33 27.71
N LEU B 217 -0.52 -7.30 26.87
CA LEU B 217 0.51 -7.28 25.84
C LEU B 217 1.90 -7.35 26.47
N ALA B 218 2.05 -6.86 27.71
CA ALA B 218 3.30 -7.01 28.42
C ALA B 218 3.62 -8.46 28.72
N GLY B 219 2.65 -9.37 28.59
CA GLY B 219 2.94 -10.78 28.77
C GLY B 219 4.01 -11.27 27.83
N ALA B 220 3.91 -10.91 26.54
CA ALA B 220 4.95 -11.25 25.59
C ALA B 220 5.98 -10.14 25.47
N ASN B 221 5.60 -8.90 25.78
CA ASN B 221 6.50 -7.77 25.60
C ASN B 221 7.63 -7.78 26.65
N ILE B 222 7.30 -8.04 27.90
CA ILE B 222 8.29 -7.94 28.98
C ILE B 222 9.43 -8.91 28.73
N SER B 223 9.10 -10.17 28.47
CA SER B 223 10.14 -11.19 28.27
C SER B 223 9.51 -12.45 27.70
N GLY B 224 10.28 -13.14 26.87
CA GLY B 224 9.96 -14.50 26.47
C GLY B 224 10.82 -15.46 27.27
N ASP B 225 11.87 -15.98 26.64
CA ASP B 225 12.91 -16.74 27.32
C ASP B 225 12.32 -17.95 28.07
N LEU B 226 11.36 -18.61 27.46
CA LEU B 226 10.68 -19.75 28.07
C LEU B 226 11.02 -21.03 27.32
N ALA B 227 10.62 -22.15 27.90
CA ALA B 227 10.87 -23.44 27.27
C ALA B 227 10.14 -23.56 25.94
N ASP B 228 8.88 -23.11 25.90
CA ASP B 228 8.07 -23.12 24.68
C ASP B 228 7.46 -21.74 24.50
N PRO B 229 8.24 -20.77 24.03
CA PRO B 229 7.69 -19.42 23.85
C PRO B 229 6.49 -19.38 22.92
N GLN B 230 6.47 -20.24 21.90
CA GLN B 230 5.33 -20.25 20.98
C GLN B 230 4.05 -20.67 21.68
N SER B 231 4.14 -21.66 22.57
CA SER B 231 2.94 -22.19 23.21
C SER B 231 2.64 -21.51 24.54
N ALA B 232 3.66 -21.07 25.28
CA ALA B 232 3.44 -20.55 26.63
C ALA B 232 2.72 -19.20 26.60
N ILE B 233 3.06 -18.34 25.64
CA ILE B 233 2.50 -16.99 25.62
C ILE B 233 0.98 -16.99 25.55
N PRO B 234 0.33 -17.65 24.58
CA PRO B 234 -1.13 -17.60 24.54
C PRO B 234 -1.77 -18.26 25.74
N LYS B 235 -1.42 -19.53 25.98
CA LYS B 235 -2.12 -20.35 26.96
C LYS B 235 -2.14 -19.69 28.33
N GLY B 236 -1.14 -18.89 28.65
CA GLY B 236 -1.16 -18.14 29.87
C GLY B 236 -2.06 -16.92 29.78
N THR B 237 -1.74 -16.02 28.85
CA THR B 237 -2.33 -14.68 28.88
C THR B 237 -3.85 -14.74 28.84
N LEU B 238 -4.40 -15.43 27.83
CA LEU B 238 -5.84 -15.55 27.73
C LEU B 238 -6.42 -16.12 29.01
N LEU B 239 -5.80 -17.17 29.54
CA LEU B 239 -6.25 -17.75 30.80
C LEU B 239 -6.34 -16.67 31.87
N ALA B 240 -5.27 -15.88 32.03
CA ALA B 240 -5.28 -14.81 33.01
C ALA B 240 -6.52 -13.94 32.81
N ILE B 241 -6.75 -13.51 31.58
CA ILE B 241 -7.87 -12.62 31.30
C ILE B 241 -9.14 -13.22 31.87
N LEU B 242 -9.38 -14.50 31.57
CA LEU B 242 -10.56 -15.18 32.08
C LEU B 242 -10.71 -14.95 33.58
N ILE B 243 -9.73 -15.41 34.35
CA ILE B 243 -9.89 -15.33 35.79
C ILE B 243 -10.01 -13.87 36.22
N THR B 244 -9.26 -12.99 35.55
CA THR B 244 -9.38 -11.56 35.81
C THR B 244 -10.84 -11.14 35.80
N THR B 245 -11.51 -11.36 34.66
CA THR B 245 -12.91 -11.00 34.57
C THR B 245 -13.69 -11.64 35.71
N LEU B 246 -13.47 -12.94 35.93
CA LEU B 246 -14.17 -13.61 37.02
C LEU B 246 -13.93 -12.88 38.33
N VAL B 247 -12.65 -12.66 38.68
CA VAL B 247 -12.39 -11.95 39.92
C VAL B 247 -13.05 -10.59 39.88
N TYR B 248 -12.97 -9.88 38.75
CA TYR B 248 -13.62 -8.59 38.65
C TYR B 248 -15.11 -8.72 38.95
N VAL B 249 -15.79 -9.64 38.28
CA VAL B 249 -17.20 -9.82 38.60
C VAL B 249 -17.33 -10.40 39.99
N GLY B 250 -16.41 -11.30 40.36
CA GLY B 250 -16.38 -11.83 41.70
C GLY B 250 -16.16 -10.76 42.75
N ILE B 251 -15.66 -9.59 42.34
CA ILE B 251 -15.67 -8.44 43.22
C ILE B 251 -16.94 -7.62 43.01
N ALA B 252 -17.29 -7.37 41.75
CA ALA B 252 -18.27 -6.36 41.39
C ALA B 252 -19.60 -6.58 42.10
N VAL B 253 -20.30 -7.66 41.77
CA VAL B 253 -21.55 -7.96 42.44
C VAL B 253 -21.32 -8.06 43.94
N SER B 254 -20.20 -8.65 44.35
CA SER B 254 -19.91 -8.79 45.77
C SER B 254 -19.89 -7.43 46.46
N VAL B 255 -19.31 -6.42 45.80
CA VAL B 255 -19.33 -5.08 46.36
C VAL B 255 -20.75 -4.63 46.60
N GLY B 256 -21.60 -4.77 45.58
CA GLY B 256 -22.99 -4.38 45.73
C GLY B 256 -23.71 -5.14 46.82
N SER B 257 -23.11 -6.24 47.29
CA SER B 257 -23.73 -7.06 48.32
C SER B 257 -23.42 -6.57 49.73
N CYS B 258 -22.56 -5.56 49.89
CA CYS B 258 -22.16 -5.15 51.23
C CYS B 258 -22.32 -3.66 51.51
N VAL B 259 -22.08 -2.82 50.51
CA VAL B 259 -21.90 -1.39 50.73
C VAL B 259 -23.10 -0.62 50.20
N VAL B 260 -23.57 0.34 51.01
CA VAL B 260 -24.72 1.18 50.67
C VAL B 260 -24.24 2.38 49.85
N ARG B 261 -25.13 2.91 49.01
CA ARG B 261 -24.76 3.98 48.10
C ARG B 261 -24.58 5.33 48.76
N ASP B 262 -25.12 5.52 49.97
CA ASP B 262 -24.96 6.75 50.75
C ASP B 262 -24.86 6.39 52.22
N ALA B 263 -23.81 6.86 52.88
CA ALA B 263 -23.61 6.56 54.29
C ALA B 263 -22.85 7.67 54.97
N THR B 264 -23.00 7.74 56.30
CA THR B 264 -22.29 8.71 57.12
C THR B 264 -21.79 8.01 58.37
N GLY B 265 -20.62 8.45 58.85
CA GLY B 265 -19.96 7.74 59.93
C GLY B 265 -20.70 7.80 61.25
N ASN B 266 -21.37 8.92 61.52
CA ASN B 266 -22.01 9.14 62.81
C ASN B 266 -23.04 8.06 63.11
N VAL B 267 -23.05 7.59 64.37
CA VAL B 267 -24.00 6.56 64.78
C VAL B 267 -25.28 7.14 65.35
N ASN B 268 -25.34 8.46 65.55
CA ASN B 268 -26.53 9.07 66.16
C ASN B 268 -27.76 8.90 65.28
N ASP B 269 -27.60 9.06 63.96
CA ASP B 269 -28.73 8.97 63.03
C ASP B 269 -29.08 7.50 62.81
N THR B 270 -29.77 6.93 63.79
CA THR B 270 -30.24 5.54 63.72
C THR B 270 -31.75 5.53 63.95
N ILE B 271 -32.50 4.96 63.01
CA ILE B 271 -33.94 4.98 63.10
C ILE B 271 -34.42 4.03 64.18
N VAL B 272 -35.59 4.32 64.74
CA VAL B 272 -36.23 3.42 65.69
C VAL B 272 -37.01 2.37 64.90
N THR B 273 -36.99 1.13 65.38
CA THR B 273 -37.64 0.03 64.67
C THR B 273 -39.15 0.20 64.78
N GLU B 274 -39.73 0.83 63.76
CA GLU B 274 -41.17 1.09 63.71
C GLU B 274 -41.55 1.29 62.25
N LEU B 275 -42.85 1.35 62.00
CA LEU B 275 -43.31 1.54 60.62
C LEU B 275 -42.89 2.90 60.11
N THR B 276 -41.91 2.90 59.21
CA THR B 276 -41.38 4.12 58.62
C THR B 276 -41.51 4.03 57.11
N ASN B 277 -41.38 5.19 56.46
CA ASN B 277 -41.51 5.23 55.01
C ASN B 277 -40.44 4.39 54.32
N CYS B 278 -39.17 4.62 54.67
CA CYS B 278 -38.04 3.90 54.09
C CYS B 278 -38.12 3.81 52.57
N THR B 279 -38.05 4.97 51.92
CA THR B 279 -37.77 5.00 50.49
C THR B 279 -36.41 4.39 50.20
N SER B 280 -35.42 4.73 51.03
CA SER B 280 -34.12 4.10 50.93
C SER B 280 -34.10 2.76 51.65
N ALA B 281 -33.27 1.85 51.17
CA ALA B 281 -33.17 0.53 51.79
C ALA B 281 -32.34 0.56 53.07
N ALA B 282 -31.77 1.72 53.41
CA ALA B 282 -30.90 1.80 54.58
C ALA B 282 -31.66 1.58 55.87
N CYS B 283 -32.78 2.28 56.07
CA CYS B 283 -33.55 2.10 57.29
C CYS B 283 -34.32 0.79 57.31
N LYS B 284 -34.19 -0.04 56.27
CA LYS B 284 -34.70 -1.40 56.37
C LYS B 284 -34.03 -2.15 57.52
N LEU B 285 -32.72 -1.97 57.68
CA LEU B 285 -32.07 -2.62 58.82
C LEU B 285 -32.20 -1.80 60.09
N ASN B 286 -31.49 -0.68 60.19
CA ASN B 286 -31.62 0.19 61.35
C ASN B 286 -31.38 1.69 61.09
N PHE B 287 -30.99 2.10 59.88
CA PHE B 287 -30.36 3.39 59.69
C PHE B 287 -31.17 4.27 58.75
N ASP B 288 -31.78 5.32 59.30
CA ASP B 288 -32.60 6.21 58.50
C ASP B 288 -31.75 7.06 57.56
N PHE B 289 -30.62 7.57 58.05
CA PHE B 289 -29.86 8.63 57.37
C PHE B 289 -30.75 9.85 57.17
N SER B 290 -30.35 10.75 56.28
CA SER B 290 -31.11 11.97 56.06
C SER B 290 -31.19 12.29 54.57
N SER B 291 -31.42 11.26 53.75
CA SER B 291 -31.51 11.41 52.30
C SER B 291 -30.26 12.12 51.77
N CYS B 292 -29.13 11.42 51.88
CA CYS B 292 -27.81 12.00 51.65
C CYS B 292 -27.64 12.58 50.25
N GLU B 293 -28.63 12.42 49.38
CA GLU B 293 -28.59 13.12 48.11
C GLU B 293 -28.62 14.63 48.31
N SER B 294 -29.25 15.09 49.41
CA SER B 294 -29.32 16.52 49.68
C SER B 294 -27.95 17.07 50.06
N SER B 295 -27.26 16.42 50.98
CA SER B 295 -25.99 16.89 51.50
C SER B 295 -24.91 15.82 51.30
N PRO B 296 -23.72 16.20 50.84
CA PRO B 296 -22.72 15.19 50.49
C PRO B 296 -22.26 14.42 51.73
N CYS B 297 -22.55 13.13 51.74
CA CYS B 297 -22.25 12.28 52.88
C CYS B 297 -20.76 11.96 52.94
N SER B 298 -20.34 11.46 54.10
CA SER B 298 -18.92 11.20 54.32
C SER B 298 -18.47 9.91 53.63
N TYR B 299 -19.30 8.87 53.66
CA TYR B 299 -18.91 7.57 53.13
C TYR B 299 -20.06 7.01 52.30
N GLY B 300 -19.98 5.73 51.96
CA GLY B 300 -21.00 5.09 51.16
C GLY B 300 -20.69 4.92 49.69
N LEU B 301 -19.51 4.40 49.34
CA LEU B 301 -19.10 4.03 47.99
C LEU B 301 -19.14 5.20 47.01
N MET B 302 -19.51 6.38 47.48
CA MET B 302 -19.57 7.56 46.63
C MET B 302 -18.65 8.68 47.11
N ASN B 303 -18.20 8.61 48.36
CA ASN B 303 -17.28 9.60 48.90
C ASN B 303 -16.06 9.00 49.58
N ASN B 304 -16.07 7.72 49.91
CA ASN B 304 -14.92 7.03 50.49
C ASN B 304 -14.49 6.00 49.45
N PHE B 305 -13.49 6.35 48.64
CA PHE B 305 -13.06 5.47 47.55
C PHE B 305 -12.48 4.17 48.08
N GLN B 306 -11.71 4.24 49.17
CA GLN B 306 -11.12 3.04 49.73
C GLN B 306 -12.13 2.31 50.62
N VAL B 307 -13.34 2.10 50.12
CA VAL B 307 -14.34 1.37 50.88
C VAL B 307 -13.97 -0.10 51.00
N MET B 308 -13.36 -0.66 49.94
CA MET B 308 -12.94 -2.06 50.01
C MET B 308 -11.91 -2.27 51.10
N SER B 309 -11.17 -1.21 51.47
CA SER B 309 -10.27 -1.30 52.61
C SER B 309 -11.05 -1.37 53.92
N MET B 310 -12.20 -0.70 53.99
CA MET B 310 -12.96 -0.69 55.23
C MET B 310 -13.64 -2.03 55.48
N VAL B 311 -14.12 -2.69 54.43
CA VAL B 311 -14.97 -3.86 54.61
C VAL B 311 -14.18 -5.05 55.13
N SER B 312 -12.98 -5.28 54.58
CA SER B 312 -12.23 -6.47 54.97
C SER B 312 -11.69 -6.30 56.38
N GLY B 313 -11.85 -7.35 57.20
CA GLY B 313 -11.33 -7.29 58.56
C GLY B 313 -9.83 -7.17 58.56
N PHE B 314 -9.31 -6.38 59.50
CA PHE B 314 -7.88 -6.12 59.65
C PHE B 314 -7.30 -5.53 58.37
N THR B 315 -7.74 -4.31 58.09
CA THR B 315 -7.46 -3.54 56.89
C THR B 315 -5.97 -3.31 56.56
N PRO B 316 -5.01 -3.43 57.49
CA PRO B 316 -3.61 -3.37 57.06
C PRO B 316 -3.28 -4.32 55.93
N LEU B 317 -3.86 -5.52 55.91
CA LEU B 317 -3.55 -6.48 54.86
C LEU B 317 -4.04 -6.01 53.49
N ILE B 318 -5.26 -5.49 53.42
CA ILE B 318 -5.75 -5.01 52.12
C ILE B 318 -4.98 -3.77 51.69
N SER B 319 -4.61 -2.91 52.64
CA SER B 319 -3.77 -1.77 52.28
C SER B 319 -2.44 -2.22 51.70
N ALA B 320 -1.82 -3.23 52.33
CA ALA B 320 -0.56 -3.75 51.81
C ALA B 320 -0.75 -4.37 50.44
N GLY B 321 -1.88 -5.04 50.22
CA GLY B 321 -2.18 -5.55 48.89
C GLY B 321 -2.28 -4.43 47.87
N ILE B 322 -2.88 -3.30 48.26
CA ILE B 322 -2.96 -2.14 47.38
C ILE B 322 -1.55 -1.68 47.01
N PHE B 323 -0.68 -1.58 48.03
CA PHE B 323 0.71 -1.19 47.78
C PHE B 323 1.36 -2.14 46.80
N SER B 324 1.16 -3.45 47.01
CA SER B 324 1.81 -4.45 46.18
C SER B 324 1.36 -4.33 44.73
N ALA B 325 0.05 -4.20 44.51
CA ALA B 325 -0.46 -4.09 43.16
C ALA B 325 0.06 -2.84 42.48
N THR B 326 0.05 -1.71 43.20
CA THR B 326 0.53 -0.46 42.61
C THR B 326 1.99 -0.56 42.19
N LEU B 327 2.85 -0.99 43.12
CA LEU B 327 4.27 -1.08 42.80
C LEU B 327 4.51 -2.09 41.69
N SER B 328 3.80 -3.22 41.71
CA SER B 328 4.03 -4.25 40.72
C SER B 328 3.70 -3.75 39.33
N SER B 329 2.52 -3.14 39.15
CA SER B 329 2.18 -2.63 37.84
C SER B 329 3.13 -1.50 37.44
N ALA B 330 3.60 -0.72 38.42
CA ALA B 330 4.54 0.34 38.12
C ALA B 330 5.83 -0.21 37.51
N LEU B 331 6.45 -1.18 38.19
CA LEU B 331 7.66 -1.79 37.64
C LEU B 331 7.38 -2.44 36.29
N ALA B 332 6.27 -3.16 36.16
CA ALA B 332 5.98 -3.83 34.89
C ALA B 332 5.95 -2.84 33.73
N SER B 333 5.14 -1.80 33.85
CA SER B 333 5.02 -0.83 32.76
C SER B 333 6.32 -0.04 32.55
N LEU B 334 6.99 0.31 33.66
CA LEU B 334 8.19 1.14 33.57
C LEU B 334 9.36 0.38 32.98
N VAL B 335 9.40 -0.94 33.11
CA VAL B 335 10.43 -1.69 32.41
C VAL B 335 9.99 -1.97 30.98
N SER B 336 8.68 -2.11 30.76
CA SER B 336 8.21 -2.44 29.42
C SER B 336 8.47 -1.29 28.43
N ALA B 337 8.18 -0.05 28.84
CA ALA B 337 8.15 1.03 27.85
C ALA B 337 9.53 1.42 27.33
N PRO B 338 10.51 1.80 28.17
CA PRO B 338 11.79 2.27 27.62
C PRO B 338 12.51 1.24 26.78
N LYS B 339 12.34 -0.05 27.08
CA LYS B 339 12.96 -1.07 26.23
C LYS B 339 12.36 -1.03 24.83
N ILE B 340 11.04 -0.87 24.73
CA ILE B 340 10.41 -0.71 23.43
C ILE B 340 10.92 0.55 22.73
N PHE B 341 11.08 1.65 23.48
CA PHE B 341 11.57 2.88 22.86
C PHE B 341 12.99 2.70 22.32
N GLN B 342 13.85 2.04 23.09
CA GLN B 342 15.21 1.77 22.63
C GLN B 342 15.19 0.87 21.40
N ALA B 343 14.30 -0.12 21.38
CA ALA B 343 14.17 -0.97 20.21
C ALA B 343 13.76 -0.17 18.99
N LEU B 344 12.82 0.76 19.16
CA LEU B 344 12.40 1.62 18.07
C LEU B 344 13.56 2.48 17.57
N CYS B 345 14.40 2.96 18.49
CA CYS B 345 15.60 3.67 18.08
C CYS B 345 16.53 2.76 17.29
N LYS B 346 16.64 1.49 17.72
CA LYS B 346 17.55 0.55 17.08
C LYS B 346 17.11 0.22 15.66
N ASP B 347 15.82 0.01 15.43
CA ASP B 347 15.37 -0.46 14.12
C ASP B 347 15.54 0.59 13.04
N ASN B 348 15.80 1.84 13.42
CA ASN B 348 16.07 2.95 12.50
C ASN B 348 14.88 3.18 11.57
N ILE B 349 13.67 2.94 12.05
CA ILE B 349 12.49 3.38 11.32
C ILE B 349 12.36 4.89 11.39
N TYR B 350 12.66 5.47 12.55
CA TYR B 350 12.45 6.90 12.78
C TYR B 350 13.80 7.58 13.00
N PRO B 351 14.38 8.19 11.96
CA PRO B 351 15.73 8.75 12.11
C PRO B 351 15.80 9.93 13.06
N ALA B 352 14.69 10.59 13.35
CA ALA B 352 14.72 11.76 14.22
C ALA B 352 15.10 11.42 15.65
N PHE B 353 14.99 10.16 16.05
CA PHE B 353 15.24 9.73 17.42
C PHE B 353 16.41 8.76 17.53
N GLN B 354 17.35 8.82 16.59
CA GLN B 354 18.49 7.91 16.63
C GLN B 354 19.45 8.24 17.77
N MET B 355 19.35 9.44 18.35
CA MET B 355 20.23 9.83 19.44
C MET B 355 19.91 9.09 20.73
N PHE B 356 18.78 8.39 20.78
CA PHE B 356 18.32 7.75 22.01
C PHE B 356 18.56 6.24 22.03
N ALA B 357 19.28 5.71 21.02
CA ALA B 357 19.51 4.27 20.98
C ALA B 357 20.58 3.82 21.96
N LYS B 358 21.57 4.67 22.22
CA LYS B 358 22.71 4.25 23.03
C LYS B 358 22.31 4.00 24.48
N GLY B 359 22.87 2.95 25.06
CA GLY B 359 22.63 2.62 26.45
C GLY B 359 23.86 2.01 27.06
N TYR B 360 24.00 2.17 28.38
CA TYR B 360 25.20 1.73 29.07
C TYR B 360 24.88 1.41 30.53
N GLY B 361 25.80 0.69 31.16
CA GLY B 361 25.64 0.27 32.54
C GLY B 361 26.33 -1.06 32.76
N LYS B 362 25.92 -1.74 33.83
CA LYS B 362 26.38 -3.11 34.04
C LYS B 362 25.96 -4.00 32.88
N ASN B 363 24.70 -3.86 32.45
CA ASN B 363 24.23 -4.37 31.17
C ASN B 363 23.68 -3.19 30.40
N ASN B 364 24.04 -3.09 29.12
CA ASN B 364 23.68 -1.93 28.31
C ASN B 364 22.17 -1.74 28.24
N GLU B 365 21.67 -0.68 28.86
CA GLU B 365 20.26 -0.37 28.92
C GLU B 365 20.05 1.11 28.61
N PRO B 366 18.91 1.47 28.00
CA PRO B 366 18.71 2.85 27.57
C PRO B 366 18.43 3.80 28.72
N LEU B 367 19.49 4.29 29.37
CA LEU B 367 19.31 5.26 30.44
C LEU B 367 18.73 6.57 29.92
N ARG B 368 19.03 6.92 28.66
CA ARG B 368 18.42 8.11 28.07
C ARG B 368 16.90 7.93 27.95
N GLY B 369 16.48 6.76 27.46
CA GLY B 369 15.06 6.48 27.39
C GLY B 369 14.40 6.51 28.75
N TYR B 370 15.06 5.92 29.75
CA TYR B 370 14.63 6.10 31.12
C TYR B 370 14.39 7.57 31.43
N ILE B 371 15.47 8.36 31.44
CA ILE B 371 15.38 9.74 31.92
C ILE B 371 14.25 10.48 31.22
N LEU B 372 14.09 10.27 29.90
CA LEU B 372 13.03 10.99 29.21
C LEU B 372 11.64 10.51 29.65
N THR B 373 11.45 9.20 29.81
CA THR B 373 10.14 8.71 30.26
C THR B 373 9.84 9.14 31.69
N PHE B 374 10.83 9.08 32.57
CA PHE B 374 10.65 9.57 33.93
C PHE B 374 10.30 11.04 33.95
N LEU B 375 10.95 11.85 33.11
CA LEU B 375 10.63 13.27 33.06
C LEU B 375 9.19 13.50 32.60
N ILE B 376 8.79 12.85 31.50
CA ILE B 376 7.45 13.10 30.98
C ILE B 376 6.38 12.57 31.93
N ALA B 377 6.64 11.42 32.56
CA ALA B 377 5.69 10.88 33.52
C ALA B 377 5.56 11.79 34.73
N LEU B 378 6.68 12.29 35.27
CA LEU B 378 6.62 13.22 36.37
C LEU B 378 5.92 14.50 35.96
N GLY B 379 5.99 14.85 34.67
CA GLY B 379 5.15 15.92 34.16
C GLY B 379 3.68 15.59 34.24
N PHE B 380 3.32 14.33 33.94
CA PHE B 380 1.92 13.94 33.99
C PHE B 380 1.39 13.82 35.43
N ILE B 381 2.27 13.73 36.41
CA ILE B 381 1.83 13.71 37.81
C ILE B 381 1.25 15.06 38.21
N LEU B 382 1.52 16.11 37.42
CA LEU B 382 0.99 17.44 37.72
C LEU B 382 -0.52 17.39 37.96
N ILE B 383 -1.23 16.62 37.15
CA ILE B 383 -2.65 16.36 37.40
C ILE B 383 -2.75 15.30 38.48
N ALA B 384 -3.18 15.69 39.67
CA ALA B 384 -3.22 14.80 40.81
C ALA B 384 -4.54 14.05 40.95
N GLU B 385 -5.51 14.30 40.08
CA GLU B 385 -6.81 13.63 40.14
C GLU B 385 -6.76 12.41 39.21
N LEU B 386 -6.83 11.22 39.81
CA LEU B 386 -6.71 9.99 39.02
C LEU B 386 -7.91 9.82 38.10
N ASN B 387 -9.08 10.29 38.51
CA ASN B 387 -10.24 10.27 37.62
C ASN B 387 -9.97 11.08 36.36
N VAL B 388 -9.31 12.23 36.52
CA VAL B 388 -8.91 13.02 35.36
C VAL B 388 -7.82 12.31 34.58
N ILE B 389 -6.90 11.64 35.29
CA ILE B 389 -5.77 10.97 34.65
C ILE B 389 -6.25 9.86 33.72
N ALA B 390 -7.21 9.05 34.19
CA ALA B 390 -7.50 7.78 33.54
C ALA B 390 -7.88 7.89 32.06
N PRO B 391 -8.77 8.80 31.64
CA PRO B 391 -9.24 8.74 30.24
C PRO B 391 -8.14 8.84 29.21
N ILE B 392 -7.07 9.59 29.48
CA ILE B 392 -6.01 9.74 28.49
C ILE B 392 -5.28 8.42 28.29
N ILE B 393 -4.93 7.74 29.39
CA ILE B 393 -4.28 6.44 29.28
C ILE B 393 -5.23 5.42 28.68
N SER B 394 -6.52 5.53 28.98
CA SER B 394 -7.49 4.64 28.36
C SER B 394 -7.50 4.84 26.85
N ASN B 395 -7.43 6.10 26.40
CA ASN B 395 -7.40 6.38 24.98
C ASN B 395 -6.16 5.80 24.34
N PHE B 396 -5.00 5.94 24.98
CA PHE B 396 -3.78 5.36 24.41
C PHE B 396 -3.85 3.83 24.35
N PHE B 397 -4.33 3.19 25.42
CA PHE B 397 -4.46 1.73 25.41
C PHE B 397 -5.41 1.27 24.32
N LEU B 398 -6.55 1.95 24.18
CA LEU B 398 -7.49 1.60 23.11
C LEU B 398 -6.85 1.79 21.74
N ALA B 399 -6.09 2.88 21.57
CA ALA B 399 -5.42 3.10 20.29
C ALA B 399 -4.44 1.98 19.99
N SER B 400 -3.64 1.59 20.98
CA SER B 400 -2.65 0.53 20.76
C SER B 400 -3.34 -0.79 20.42
N TYR B 401 -4.39 -1.14 21.17
CA TYR B 401 -5.04 -2.43 20.94
C TYR B 401 -5.76 -2.45 19.60
N ALA B 402 -6.44 -1.35 19.25
CA ALA B 402 -7.09 -1.27 17.96
C ALA B 402 -6.07 -1.35 16.83
N LEU B 403 -4.92 -0.70 17.00
CA LEU B 403 -3.87 -0.76 15.99
C LEU B 403 -3.36 -2.18 15.84
N ILE B 404 -3.16 -2.89 16.94
CA ILE B 404 -2.69 -4.28 16.87
C ILE B 404 -3.69 -5.14 16.12
N ASN B 405 -4.98 -5.01 16.47
CA ASN B 405 -5.99 -5.84 15.86
C ASN B 405 -6.12 -5.54 14.36
N PHE B 406 -6.10 -4.26 13.99
CA PHE B 406 -6.19 -3.92 12.58
C PHE B 406 -4.93 -4.34 11.82
N SER B 407 -3.78 -4.32 12.49
CA SER B 407 -2.55 -4.83 11.86
C SER B 407 -2.68 -6.32 11.57
N VAL B 408 -3.21 -7.08 12.53
CA VAL B 408 -3.43 -8.50 12.30
C VAL B 408 -4.39 -8.70 11.14
N PHE B 409 -5.46 -7.90 11.09
CA PHE B 409 -6.39 -8.02 9.97
C PHE B 409 -5.72 -7.72 8.64
N HIS B 410 -4.90 -6.67 8.59
CA HIS B 410 -4.27 -6.31 7.33
C HIS B 410 -3.28 -7.38 6.88
N ALA B 411 -2.57 -7.98 7.83
CA ALA B 411 -1.69 -9.09 7.49
C ALA B 411 -2.47 -10.28 6.96
N SER B 412 -3.61 -10.59 7.57
CA SER B 412 -4.38 -11.77 7.16
C SER B 412 -5.07 -11.55 5.82
N LEU B 413 -5.71 -10.40 5.64
CA LEU B 413 -6.49 -10.14 4.43
C LEU B 413 -5.61 -10.04 3.20
N ALA B 414 -4.57 -9.22 3.26
CA ALA B 414 -3.73 -8.98 2.10
C ALA B 414 -2.90 -10.17 1.70
N LYS B 415 -3.09 -11.30 2.36
CA LYS B 415 -2.29 -12.50 2.13
C LYS B 415 -0.81 -12.15 2.22
N SER B 416 -0.43 -11.58 3.36
CA SER B 416 0.93 -11.12 3.55
C SER B 416 1.90 -12.28 3.38
N PRO B 417 2.97 -12.11 2.61
CA PRO B 417 3.87 -13.25 2.35
C PRO B 417 4.47 -13.85 3.61
N GLY B 418 4.80 -13.02 4.60
CA GLY B 418 5.29 -13.54 5.86
C GLY B 418 4.22 -13.97 6.83
N TRP B 419 2.95 -13.70 6.51
CA TRP B 419 1.86 -14.04 7.41
C TRP B 419 1.52 -15.53 7.33
N ARG B 420 1.36 -16.13 8.50
CA ARG B 420 0.77 -17.46 8.60
C ARG B 420 0.14 -17.59 9.99
N PRO B 421 -1.20 -17.68 10.07
CA PRO B 421 -1.86 -17.72 11.38
C PRO B 421 -1.32 -18.79 12.30
N ALA B 422 -1.38 -20.05 11.87
CA ALA B 422 -0.91 -21.19 12.65
C ALA B 422 -1.53 -21.20 14.04
N PHE B 423 -2.82 -20.89 14.11
CA PHE B 423 -3.56 -20.86 15.37
C PHE B 423 -4.83 -21.67 15.23
N LYS B 424 -5.23 -22.34 16.32
CA LYS B 424 -6.41 -23.18 16.29
C LYS B 424 -7.68 -22.36 16.12
N TYR B 425 -7.86 -21.32 16.93
CA TYR B 425 -9.07 -20.52 16.93
C TYR B 425 -8.72 -19.05 16.77
N TYR B 426 -8.58 -18.60 15.52
CA TYR B 426 -8.39 -17.20 15.18
C TYR B 426 -9.17 -16.89 13.91
N ASN B 427 -9.92 -15.78 13.93
CA ASN B 427 -10.64 -15.32 12.75
C ASN B 427 -10.29 -13.87 12.51
N MET B 428 -9.81 -13.57 11.30
CA MET B 428 -9.44 -12.20 10.95
C MET B 428 -10.65 -11.27 11.00
N TRP B 429 -11.83 -11.79 10.68
CA TRP B 429 -13.04 -10.98 10.77
C TRP B 429 -13.29 -10.54 12.21
N ILE B 430 -13.05 -11.44 13.17
CA ILE B 430 -13.23 -11.09 14.58
C ILE B 430 -12.25 -10.00 15.00
N SER B 431 -11.00 -10.09 14.53
CA SER B 431 -10.03 -9.05 14.84
C SER B 431 -10.47 -7.72 14.25
N LEU B 432 -11.01 -7.72 13.03
CA LEU B 432 -11.53 -6.50 12.45
C LEU B 432 -12.64 -5.93 13.30
N LEU B 433 -13.57 -6.79 13.74
CA LEU B 433 -14.69 -6.33 14.54
C LEU B 433 -14.20 -5.69 15.83
N GLY B 434 -13.23 -6.33 16.49
CA GLY B 434 -12.67 -5.77 17.71
C GLY B 434 -12.03 -4.42 17.48
N ALA B 435 -11.21 -4.31 16.43
CA ALA B 435 -10.54 -3.04 16.14
C ALA B 435 -11.53 -1.94 15.83
N ILE B 436 -12.57 -2.26 15.05
CA ILE B 436 -13.56 -1.26 14.70
C ILE B 436 -14.31 -0.77 15.94
N LEU B 437 -14.77 -1.69 16.77
CA LEU B 437 -15.45 -1.28 18.01
C LEU B 437 -14.53 -0.47 18.90
N CYS B 438 -13.23 -0.80 18.93
CA CYS B 438 -12.28 0.04 19.65
C CYS B 438 -12.24 1.45 19.07
N CYS B 439 -12.28 1.55 17.74
CA CYS B 439 -12.25 2.87 17.10
C CYS B 439 -13.46 3.72 17.50
N ILE B 440 -14.66 3.14 17.39
CA ILE B 440 -15.85 3.90 17.80
C ILE B 440 -15.80 4.21 19.29
N VAL B 441 -15.36 3.27 20.12
CA VAL B 441 -15.32 3.55 21.56
C VAL B 441 -14.38 4.72 21.85
N MET B 442 -13.23 4.75 21.19
CA MET B 442 -12.34 5.91 21.35
C MET B 442 -13.03 7.19 20.91
N PHE B 443 -13.72 7.15 19.77
CA PHE B 443 -14.40 8.36 19.31
C PHE B 443 -15.48 8.80 20.27
N VAL B 444 -16.04 7.85 21.04
CA VAL B 444 -17.11 8.18 21.99
C VAL B 444 -16.56 8.97 23.17
N ILE B 445 -15.43 8.56 23.72
CA ILE B 445 -14.86 9.17 24.92
C ILE B 445 -13.76 10.14 24.51
N ASN B 446 -13.86 11.38 25.00
CA ASN B 446 -12.88 12.42 24.70
C ASN B 446 -12.67 12.53 23.18
N TRP B 447 -13.75 12.93 22.49
CA TRP B 447 -13.74 12.95 21.04
C TRP B 447 -12.56 13.74 20.49
N TRP B 448 -12.21 14.85 21.15
CA TRP B 448 -11.05 15.61 20.70
C TRP B 448 -9.76 14.82 20.89
N ALA B 449 -9.64 14.11 22.01
CA ALA B 449 -8.45 13.29 22.23
C ALA B 449 -8.36 12.17 21.21
N ALA B 450 -9.48 11.51 20.91
CA ALA B 450 -9.48 10.48 19.88
C ALA B 450 -9.11 11.07 18.53
N LEU B 451 -9.59 12.28 18.25
CA LEU B 451 -9.20 12.96 17.01
C LEU B 451 -7.71 13.21 16.97
N LEU B 452 -7.13 13.60 18.11
CA LEU B 452 -5.69 13.83 18.18
C LEU B 452 -4.92 12.54 17.91
N THR B 453 -5.34 11.43 18.51
CA THR B 453 -4.66 10.16 18.25
C THR B 453 -4.81 9.74 16.80
N TYR B 454 -5.99 9.94 16.22
CA TYR B 454 -6.19 9.62 14.81
C TYR B 454 -5.28 10.46 13.92
N VAL B 455 -5.13 11.75 14.25
CA VAL B 455 -4.24 12.61 13.49
C VAL B 455 -2.81 12.13 13.60
N ILE B 456 -2.38 11.75 14.81
CA ILE B 456 -1.00 11.29 15.00
C ILE B 456 -0.75 10.02 14.20
N VAL B 457 -1.68 9.07 14.26
CA VAL B 457 -1.46 7.81 13.55
C VAL B 457 -1.51 8.02 12.04
N LEU B 458 -2.39 8.92 11.58
CA LEU B 458 -2.42 9.22 10.15
C LEU B 458 -1.11 9.87 9.70
N GLY B 459 -0.59 10.81 10.50
CA GLY B 459 0.67 11.43 10.16
C GLY B 459 1.82 10.44 10.14
N LEU B 460 1.84 9.53 11.12
CA LEU B 460 2.89 8.51 11.14
C LEU B 460 2.78 7.60 9.92
N TYR B 461 1.55 7.22 9.56
CA TYR B 461 1.36 6.41 8.36
C TYR B 461 1.85 7.13 7.12
N ILE B 462 1.52 8.42 7.00
CA ILE B 462 1.96 9.20 5.85
C ILE B 462 3.48 9.28 5.82
N TYR B 463 4.10 9.45 6.98
CA TYR B 463 5.55 9.49 7.07
C TYR B 463 6.17 8.18 6.60
N VAL B 464 5.59 7.05 7.00
CA VAL B 464 6.24 5.76 6.81
C VAL B 464 5.82 5.08 5.52
N THR B 465 4.82 5.59 4.80
CA THR B 465 4.46 5.00 3.52
C THR B 465 5.57 5.17 2.48
N TYR B 466 6.07 6.40 2.32
CA TYR B 466 7.00 6.64 1.22
C TYR B 466 8.33 7.25 1.69
N LYS B 467 8.31 8.17 2.65
CA LYS B 467 9.53 8.89 2.98
C LYS B 467 10.60 7.96 3.52
N LYS B 468 10.23 7.01 4.37
CA LYS B 468 11.21 6.09 4.91
C LYS B 468 11.54 4.94 3.94
N PRO B 469 10.56 4.23 3.38
CA PRO B 469 10.91 3.08 2.54
C PRO B 469 11.72 3.43 1.31
N ASP B 470 11.50 4.61 0.71
CA ASP B 470 12.19 4.95 -0.52
C ASP B 470 13.70 5.03 -0.30
N VAL B 471 14.12 5.49 0.88
CA VAL B 471 15.54 5.56 1.20
C VAL B 471 15.96 4.24 1.85
N ASN B 472 15.34 3.92 2.99
CA ASN B 472 15.65 2.67 3.69
C ASN B 472 14.48 2.34 4.60
N TRP B 473 13.81 1.21 4.32
CA TRP B 473 12.63 0.84 5.10
C TRP B 473 13.01 0.50 6.55
N GLY B 474 14.14 -0.18 6.75
CA GLY B 474 14.67 -0.42 8.07
C GLY B 474 14.48 -1.84 8.60
N SER B 475 13.51 -2.58 8.05
CA SER B 475 13.29 -3.94 8.53
C SER B 475 14.39 -4.87 8.04
N SER B 476 14.79 -5.80 8.89
CA SER B 476 15.85 -6.75 8.58
C SER B 476 15.34 -8.01 7.89
N THR B 477 14.03 -8.13 7.69
CA THR B 477 13.43 -9.26 6.99
C THR B 477 13.14 -8.83 5.56
N GLN B 478 13.95 -9.34 4.62
CA GLN B 478 13.80 -8.93 3.23
C GLN B 478 12.58 -9.56 2.57
N ALA B 479 12.15 -10.71 3.08
CA ALA B 479 11.10 -11.48 2.41
C ALA B 479 9.84 -10.66 2.22
N LEU B 480 9.40 -9.98 3.29
CA LEU B 480 8.17 -9.19 3.22
C LEU B 480 8.22 -8.18 2.08
N THR B 481 9.42 -7.70 1.73
CA THR B 481 9.58 -6.91 0.53
C THR B 481 9.68 -7.81 -0.70
N TYR B 482 10.63 -8.75 -0.67
CA TYR B 482 10.98 -9.59 -1.81
C TYR B 482 9.75 -10.14 -2.51
N LEU B 483 9.00 -10.96 -1.79
CA LEU B 483 7.88 -11.68 -2.38
C LEU B 483 6.89 -10.70 -3.00
N ASN B 484 6.71 -9.55 -2.36
CA ASN B 484 5.83 -8.51 -2.91
C ASN B 484 6.19 -8.22 -4.35
N ALA B 485 7.44 -7.82 -4.59
CA ALA B 485 7.86 -7.50 -5.95
C ALA B 485 7.51 -8.62 -6.91
N LEU B 486 7.66 -9.87 -6.46
CA LEU B 486 7.32 -11.02 -7.28
C LEU B 486 5.97 -10.82 -7.97
N GLN B 487 4.90 -10.65 -7.19
CA GLN B 487 3.59 -10.62 -7.80
C GLN B 487 3.45 -9.43 -8.75
N HIS B 488 4.11 -8.31 -8.43
CA HIS B 488 4.03 -7.16 -9.32
C HIS B 488 4.56 -7.51 -10.70
N SER B 489 5.62 -8.32 -10.76
CA SER B 489 6.14 -8.76 -12.04
C SER B 489 5.09 -9.54 -12.82
N ILE B 490 4.34 -10.42 -12.16
CA ILE B 490 3.23 -11.08 -12.83
C ILE B 490 2.22 -10.03 -13.29
N ARG B 491 1.97 -9.03 -12.46
CA ARG B 491 1.09 -7.93 -12.88
C ARG B 491 1.64 -7.25 -14.11
N LEU B 492 2.97 -7.22 -14.26
CA LEU B 492 3.58 -6.72 -15.49
C LEU B 492 3.53 -7.73 -16.62
N SER B 493 3.64 -9.02 -16.31
CA SER B 493 3.63 -10.04 -17.36
C SER B 493 2.22 -10.43 -17.76
N GLY B 494 1.28 -10.44 -16.81
CA GLY B 494 -0.08 -10.84 -17.12
C GLY B 494 -0.82 -9.86 -18.00
N VAL B 495 -0.44 -8.59 -17.98
CA VAL B 495 -1.11 -7.58 -18.80
C VAL B 495 -0.67 -7.75 -20.26
N GLU B 496 -1.66 -7.75 -21.16
CA GLU B 496 -1.40 -7.87 -22.59
C GLU B 496 -1.03 -6.50 -23.13
N ASP B 497 0.27 -6.30 -23.37
CA ASP B 497 0.76 -5.01 -23.85
C ASP B 497 0.61 -4.85 -25.36
N HIS B 498 0.37 -5.95 -26.08
CA HIS B 498 0.33 -5.94 -27.54
C HIS B 498 1.62 -5.34 -28.11
N VAL B 499 1.51 -4.22 -28.82
CA VAL B 499 2.64 -3.54 -29.42
C VAL B 499 2.74 -2.09 -28.98
N LYS B 500 1.78 -1.60 -28.20
CA LYS B 500 1.70 -0.19 -27.82
C LYS B 500 2.32 0.08 -26.46
N ASN B 501 3.43 -0.60 -26.14
CA ASN B 501 4.08 -0.44 -24.84
C ASN B 501 5.59 -0.23 -25.00
N PHE B 502 6.02 0.35 -26.11
CA PHE B 502 7.44 0.59 -26.29
C PHE B 502 7.93 1.62 -25.29
N ARG B 503 9.02 1.31 -24.60
CA ARG B 503 9.66 2.22 -23.67
C ARG B 503 11.17 1.99 -23.74
N PRO B 504 11.96 3.02 -23.45
CA PRO B 504 13.41 2.84 -23.49
C PRO B 504 13.92 2.00 -22.32
N GLN B 505 14.29 0.76 -22.62
CA GLN B 505 14.83 -0.17 -21.63
C GLN B 505 16.20 -0.60 -22.11
N CYS B 506 17.24 -0.04 -21.51
CA CYS B 506 18.60 -0.15 -22.01
C CYS B 506 19.50 -0.86 -21.02
N LEU B 507 20.44 -1.62 -21.55
CA LEU B 507 21.53 -2.17 -20.74
C LEU B 507 22.83 -1.48 -21.17
N VAL B 508 23.57 -0.96 -20.20
CA VAL B 508 24.81 -0.25 -20.45
C VAL B 508 25.94 -1.26 -20.33
N MET B 509 26.50 -1.67 -21.46
CA MET B 509 27.53 -2.70 -21.46
C MET B 509 28.89 -2.06 -21.16
N THR B 510 29.07 -1.71 -19.89
CA THR B 510 30.34 -1.22 -19.36
C THR B 510 30.76 -2.11 -18.21
N GLY B 511 31.99 -2.62 -18.28
CA GLY B 511 32.44 -3.61 -17.30
C GLY B 511 32.56 -3.05 -15.90
N ALA B 512 33.16 -1.87 -15.77
CA ALA B 512 33.39 -1.31 -14.45
C ALA B 512 32.48 -0.12 -14.22
N PRO B 513 31.41 -0.26 -13.42
CA PRO B 513 30.53 0.88 -13.17
C PRO B 513 31.24 2.05 -12.50
N ASN B 514 32.21 1.78 -11.64
CA ASN B 514 32.95 2.86 -11.00
C ASN B 514 33.68 3.71 -12.03
N SER B 515 34.31 3.07 -13.01
CA SER B 515 34.91 3.81 -14.12
C SER B 515 33.84 4.36 -15.03
N ARG B 516 34.11 5.52 -15.61
CA ARG B 516 33.20 6.21 -16.50
C ARG B 516 31.81 6.41 -15.88
N PRO B 517 31.73 7.14 -14.75
CA PRO B 517 30.42 7.41 -14.18
C PRO B 517 29.61 8.43 -14.97
N ALA B 518 30.27 9.22 -15.82
CA ALA B 518 29.55 10.24 -16.58
C ALA B 518 28.55 9.60 -17.52
N LEU B 519 28.95 8.55 -18.23
CA LEU B 519 28.04 7.90 -19.16
C LEU B 519 26.87 7.26 -18.42
N LEU B 520 27.15 6.64 -17.26
CA LEU B 520 26.07 6.03 -16.48
C LEU B 520 25.08 7.08 -16.00
N HIS B 521 25.59 8.22 -15.51
CA HIS B 521 24.69 9.27 -15.05
C HIS B 521 23.87 9.83 -16.20
N LEU B 522 24.50 10.02 -17.37
CA LEU B 522 23.76 10.57 -18.50
C LEU B 522 22.68 9.62 -18.99
N VAL B 523 23.00 8.33 -19.10
CA VAL B 523 21.99 7.38 -19.57
C VAL B 523 20.90 7.19 -18.52
N HIS B 524 21.26 7.21 -17.23
CA HIS B 524 20.26 7.14 -16.17
C HIS B 524 19.40 8.39 -16.13
N ASP B 525 19.91 9.50 -16.68
CA ASP B 525 19.14 10.74 -16.68
C ASP B 525 17.86 10.59 -17.50
N PHE B 526 17.93 9.93 -18.64
CA PHE B 526 16.74 9.68 -19.43
C PHE B 526 16.14 8.31 -19.18
N THR B 527 16.69 7.55 -18.25
CA THR B 527 16.13 6.25 -17.88
C THR B 527 15.72 6.22 -16.41
N LYS B 528 15.62 7.40 -15.77
CA LYS B 528 15.30 7.44 -14.35
C LYS B 528 13.92 6.88 -14.07
N ASN B 529 12.92 7.24 -14.89
CA ASN B 529 11.55 6.83 -14.59
C ASN B 529 10.78 6.38 -15.82
N VAL B 530 11.44 5.86 -16.85
CA VAL B 530 10.76 5.33 -18.03
C VAL B 530 11.25 3.95 -18.43
N GLY B 531 12.20 3.38 -17.73
CA GLY B 531 12.72 2.07 -18.09
C GLY B 531 13.80 1.65 -17.11
N LEU B 532 14.30 0.45 -17.32
CA LEU B 532 15.32 -0.13 -16.45
C LEU B 532 16.70 -0.03 -17.09
N MET B 533 17.71 0.18 -16.25
CA MET B 533 19.09 0.27 -16.68
C MET B 533 19.84 -0.93 -16.11
N ILE B 534 20.48 -1.70 -16.97
CA ILE B 534 21.14 -2.94 -16.57
C ILE B 534 22.61 -2.80 -16.92
N CYS B 535 23.42 -2.37 -15.95
CA CYS B 535 24.86 -2.23 -16.17
C CYS B 535 25.48 -3.62 -16.21
N GLY B 536 25.30 -4.30 -17.34
CA GLY B 536 25.85 -5.63 -17.47
C GLY B 536 27.37 -5.62 -17.45
N HIS B 537 27.94 -6.66 -16.86
CA HIS B 537 29.38 -6.76 -16.67
C HIS B 537 29.82 -8.18 -16.98
N VAL B 538 30.67 -8.32 -17.99
CA VAL B 538 31.19 -9.64 -18.38
C VAL B 538 32.52 -9.84 -17.67
N HIS B 539 32.73 -11.05 -17.16
CA HIS B 539 33.98 -11.40 -16.50
C HIS B 539 34.65 -12.55 -17.23
N MET B 540 35.95 -12.41 -17.49
CA MET B 540 36.76 -13.48 -18.06
C MET B 540 37.75 -13.94 -17.01
N GLY B 541 37.82 -15.26 -16.80
CA GLY B 541 38.73 -15.81 -15.83
C GLY B 541 38.59 -17.31 -15.71
N PRO B 542 39.33 -17.91 -14.78
CA PRO B 542 39.20 -19.35 -14.56
C PRO B 542 37.88 -19.71 -13.92
N ARG B 543 37.38 -20.90 -14.25
CA ARG B 543 36.08 -21.32 -13.74
C ARG B 543 36.16 -21.79 -12.29
N ARG B 544 37.36 -22.11 -11.81
CA ARG B 544 37.49 -22.66 -10.46
C ARG B 544 37.08 -21.63 -9.41
N GLN B 545 37.61 -20.42 -9.49
CA GLN B 545 37.33 -19.37 -8.53
C GLN B 545 36.39 -18.31 -9.07
N ALA B 546 35.73 -18.58 -10.20
CA ALA B 546 34.92 -17.56 -10.86
C ALA B 546 33.78 -17.10 -9.95
N MET B 547 33.03 -18.05 -9.39
CA MET B 547 31.79 -17.72 -8.70
C MET B 547 32.03 -16.83 -7.48
N LYS B 548 33.04 -17.14 -6.68
CA LYS B 548 33.25 -16.39 -5.44
C LYS B 548 33.59 -14.93 -5.73
N GLU B 549 34.60 -14.70 -6.57
CA GLU B 549 34.92 -13.32 -6.95
C GLU B 549 33.77 -12.71 -7.73
N MET B 550 32.99 -13.54 -8.42
CA MET B 550 31.86 -13.04 -9.18
C MET B 550 30.86 -12.38 -8.24
N SER B 551 30.50 -13.07 -7.16
CA SER B 551 29.58 -12.52 -6.16
C SER B 551 30.22 -11.35 -5.43
N ILE B 552 31.53 -11.41 -5.18
CA ILE B 552 32.21 -10.29 -4.53
C ILE B 552 32.06 -9.02 -5.36
N ASP B 553 32.33 -9.12 -6.67
CA ASP B 553 32.18 -7.98 -7.55
C ASP B 553 30.73 -7.51 -7.61
N GLN B 554 29.80 -8.46 -7.66
CA GLN B 554 28.38 -8.10 -7.68
C GLN B 554 28.02 -7.27 -6.45
N ALA B 555 28.42 -7.75 -5.27
CA ALA B 555 28.08 -7.05 -4.04
C ALA B 555 28.73 -5.67 -4.00
N LYS B 556 30.02 -5.59 -4.36
CA LYS B 556 30.73 -4.32 -4.28
C LYS B 556 30.11 -3.29 -5.21
N TYR B 557 29.83 -3.69 -6.45
CA TYR B 557 29.28 -2.72 -7.40
C TYR B 557 27.82 -2.40 -7.09
N GLN B 558 27.07 -3.35 -6.53
CA GLN B 558 25.72 -3.02 -6.09
C GLN B 558 25.76 -1.97 -4.98
N ARG B 559 26.69 -2.13 -4.04
CA ARG B 559 26.87 -1.11 -3.01
C ARG B 559 27.22 0.23 -3.63
N TRP B 560 28.08 0.23 -4.64
CA TRP B 560 28.48 1.48 -5.27
C TRP B 560 27.29 2.16 -5.96
N LEU B 561 26.50 1.40 -6.73
CA LEU B 561 25.35 2.00 -7.40
C LEU B 561 24.27 2.43 -6.42
N ILE B 562 24.15 1.78 -5.27
CA ILE B 562 23.18 2.24 -4.29
C ILE B 562 23.69 3.49 -3.56
N LYS B 563 25.01 3.61 -3.39
CA LYS B 563 25.57 4.80 -2.76
C LYS B 563 25.22 6.05 -3.56
N ASN B 564 25.40 5.99 -4.87
CA ASN B 564 24.90 7.05 -5.73
C ASN B 564 23.43 6.83 -6.04
N LYS B 565 22.84 7.77 -6.77
CA LYS B 565 21.42 7.69 -7.09
C LYS B 565 21.25 7.26 -8.55
N MET B 566 21.32 5.96 -8.79
CA MET B 566 20.93 5.38 -10.06
C MET B 566 19.95 4.25 -9.81
N LYS B 567 18.98 4.11 -10.70
CA LYS B 567 17.97 3.06 -10.63
C LYS B 567 18.35 1.91 -11.56
N ALA B 568 19.45 1.24 -11.23
CA ALA B 568 20.07 0.28 -12.13
C ALA B 568 20.32 -1.04 -11.43
N PHE B 569 20.07 -2.14 -12.15
CA PHE B 569 20.39 -3.48 -11.67
C PHE B 569 21.72 -3.91 -12.28
N TYR B 570 22.67 -4.27 -11.41
CA TYR B 570 23.97 -4.74 -11.87
C TYR B 570 23.87 -6.25 -12.06
N ALA B 571 23.63 -6.68 -13.29
CA ALA B 571 23.47 -8.09 -13.62
C ALA B 571 24.69 -8.57 -14.38
N PRO B 572 25.68 -9.16 -13.71
CA PRO B 572 26.91 -9.58 -14.39
C PRO B 572 26.90 -11.05 -14.76
N VAL B 573 27.70 -11.39 -15.75
CA VAL B 573 27.84 -12.76 -16.21
C VAL B 573 29.30 -13.11 -16.40
N HIS B 574 29.56 -14.42 -16.51
CA HIS B 574 30.88 -14.94 -16.85
C HIS B 574 30.84 -15.50 -18.26
N ALA B 575 31.83 -15.13 -19.07
CA ALA B 575 31.85 -15.56 -20.46
C ALA B 575 33.28 -15.65 -20.94
N ASP B 576 33.45 -16.34 -22.06
CA ASP B 576 34.79 -16.50 -22.62
C ASP B 576 35.36 -15.17 -23.08
N ASP B 577 34.53 -14.32 -23.69
CA ASP B 577 34.97 -13.03 -24.19
C ASP B 577 33.83 -12.03 -24.07
N LEU B 578 34.05 -10.83 -24.59
CA LEU B 578 33.04 -9.78 -24.52
C LEU B 578 31.78 -10.15 -25.29
N ARG B 579 31.96 -10.66 -26.51
CA ARG B 579 30.80 -10.89 -27.37
C ARG B 579 29.89 -11.97 -26.79
N GLU B 580 30.47 -13.04 -26.24
CA GLU B 580 29.63 -14.09 -25.67
C GLU B 580 28.84 -13.58 -24.48
N GLY B 581 29.46 -12.78 -23.61
CA GLY B 581 28.74 -12.24 -22.46
C GLY B 581 27.63 -11.29 -22.88
N ALA B 582 27.91 -10.43 -23.85
CA ALA B 582 26.87 -9.56 -24.37
C ALA B 582 25.74 -10.37 -24.98
N GLN B 583 26.07 -11.47 -25.66
CA GLN B 583 25.03 -12.34 -26.19
C GLN B 583 24.18 -12.94 -25.07
N TYR B 584 24.83 -13.40 -24.00
CA TYR B 584 24.09 -13.92 -22.85
C TYR B 584 23.10 -12.89 -22.35
N LEU B 585 23.58 -11.67 -22.09
CA LEU B 585 22.70 -10.61 -21.59
C LEU B 585 21.56 -10.36 -22.56
N MET B 586 21.88 -10.11 -23.83
CA MET B 586 20.87 -9.68 -24.77
C MET B 586 19.86 -10.78 -25.07
N GLN B 587 20.21 -12.04 -24.79
CA GLN B 587 19.28 -13.12 -25.06
C GLN B 587 18.44 -13.48 -23.85
N ALA B 588 19.00 -13.42 -22.64
CA ALA B 588 18.30 -13.95 -21.48
C ALA B 588 18.02 -12.94 -20.37
N ALA B 589 18.67 -11.79 -20.36
CA ALA B 589 18.47 -10.84 -19.27
C ALA B 589 17.05 -10.29 -19.29
N GLY B 590 16.54 -10.00 -18.11
CA GLY B 590 15.17 -9.56 -18.00
C GLY B 590 14.20 -10.71 -17.84
N LEU B 591 13.04 -10.42 -17.27
CA LEU B 591 12.01 -11.42 -17.08
C LEU B 591 10.65 -10.81 -17.40
N GLY B 592 9.74 -11.66 -17.86
CA GLY B 592 8.44 -11.16 -18.30
C GLY B 592 8.62 -10.22 -19.46
N ARG B 593 7.90 -9.10 -19.42
CA ARG B 593 8.03 -8.05 -20.42
C ARG B 593 9.11 -7.04 -20.07
N MET B 594 9.72 -7.16 -18.89
CA MET B 594 10.76 -6.23 -18.45
C MET B 594 12.11 -6.70 -18.99
N LYS B 595 12.23 -6.60 -20.31
CA LYS B 595 13.41 -7.07 -21.04
C LYS B 595 14.13 -5.88 -21.66
N PRO B 596 15.47 -5.89 -21.69
CA PRO B 596 16.19 -4.77 -22.32
C PRO B 596 15.83 -4.64 -23.79
N ASN B 597 15.79 -3.40 -24.27
CA ASN B 597 15.43 -3.12 -25.65
C ASN B 597 16.53 -2.41 -26.44
N THR B 598 17.41 -1.67 -25.79
CA THR B 598 18.50 -0.98 -26.47
C THR B 598 19.80 -1.24 -25.73
N LEU B 599 20.91 -1.09 -26.44
CA LEU B 599 22.23 -1.45 -25.94
C LEU B 599 23.11 -0.21 -25.93
N VAL B 600 23.20 0.45 -24.77
CA VAL B 600 24.09 1.60 -24.63
C VAL B 600 25.53 1.10 -24.66
N LEU B 601 26.36 1.75 -25.47
CA LEU B 601 27.77 1.40 -25.57
C LEU B 601 28.61 2.67 -25.55
N GLY B 602 29.24 2.94 -24.43
CA GLY B 602 30.23 4.02 -24.42
C GLY B 602 31.31 3.75 -25.44
N PHE B 603 31.65 4.80 -26.19
CA PHE B 603 32.58 4.63 -27.30
C PHE B 603 33.94 4.16 -26.81
N LYS B 604 34.55 3.25 -27.55
CA LYS B 604 35.85 2.68 -27.19
C LYS B 604 36.95 3.71 -27.44
N LYS B 605 36.98 4.72 -26.59
CA LYS B 605 37.97 5.78 -26.73
C LYS B 605 39.37 5.22 -26.56
N ASP B 606 40.33 5.89 -27.19
CA ASP B 606 41.73 5.46 -27.16
C ASP B 606 41.88 4.03 -27.66
N TRP B 607 41.14 3.70 -28.72
CA TRP B 607 41.29 2.42 -29.39
C TRP B 607 42.60 2.32 -30.17
N LEU B 608 43.32 3.42 -30.32
CA LEU B 608 44.55 3.41 -31.12
C LEU B 608 45.57 2.43 -30.54
N GLN B 609 45.75 2.45 -29.22
CA GLN B 609 46.66 1.51 -28.58
C GLN B 609 46.05 0.14 -28.37
N ALA B 610 44.73 0.02 -28.53
CA ALA B 610 44.04 -1.23 -28.25
C ALA B 610 44.29 -2.25 -29.35
N ASP B 611 44.20 -3.52 -28.97
CA ASP B 611 44.37 -4.60 -29.92
C ASP B 611 43.20 -4.63 -30.90
N MET B 612 43.45 -5.21 -32.08
CA MET B 612 42.45 -5.22 -33.13
C MET B 612 41.33 -6.22 -32.86
N ARG B 613 41.62 -7.32 -32.16
CA ARG B 613 40.57 -8.27 -31.83
C ARG B 613 39.48 -7.64 -30.99
N ASP B 614 39.87 -6.78 -30.04
CA ASP B 614 38.89 -6.10 -29.20
C ASP B 614 37.96 -5.22 -30.05
N VAL B 615 38.52 -4.50 -31.01
CA VAL B 615 37.69 -3.65 -31.87
C VAL B 615 36.79 -4.51 -32.76
N ASP B 616 37.30 -5.64 -33.23
CA ASP B 616 36.47 -6.54 -34.04
C ASP B 616 35.26 -7.02 -33.24
N MET B 617 35.48 -7.45 -32.00
CA MET B 617 34.36 -7.85 -31.16
C MET B 617 33.44 -6.67 -30.87
N TYR B 618 34.00 -5.48 -30.71
CA TYR B 618 33.19 -4.30 -30.42
C TYR B 618 32.22 -4.01 -31.56
N ILE B 619 32.71 -4.06 -32.80
CA ILE B 619 31.83 -3.82 -33.94
C ILE B 619 30.84 -4.96 -34.11
N ASN B 620 31.29 -6.20 -33.87
CA ASN B 620 30.38 -7.32 -33.94
C ASN B 620 29.28 -7.22 -32.91
N LEU B 621 29.50 -6.50 -31.81
CA LEU B 621 28.41 -6.24 -30.87
C LEU B 621 27.32 -5.42 -31.53
N PHE B 622 27.70 -4.37 -32.26
CA PHE B 622 26.71 -3.59 -33.01
C PHE B 622 25.95 -4.48 -33.96
N HIS B 623 26.67 -5.32 -34.70
CA HIS B 623 26.01 -6.15 -35.70
C HIS B 623 25.07 -7.16 -35.06
N ASP B 624 25.50 -7.77 -33.95
CA ASP B 624 24.64 -8.70 -33.24
C ASP B 624 23.40 -8.00 -32.69
N ALA B 625 23.57 -6.81 -32.14
CA ALA B 625 22.43 -6.07 -31.61
C ALA B 625 21.43 -5.74 -32.71
N PHE B 626 21.94 -5.36 -33.89
CA PHE B 626 21.05 -5.12 -35.02
C PHE B 626 20.35 -6.40 -35.45
N ASP B 627 21.07 -7.53 -35.43
CA ASP B 627 20.49 -8.80 -35.86
C ASP B 627 19.39 -9.26 -34.91
N ILE B 628 19.52 -8.96 -33.63
CA ILE B 628 18.59 -9.46 -32.63
C ILE B 628 17.52 -8.41 -32.32
N GLN B 629 17.38 -7.43 -33.21
CA GLN B 629 16.33 -6.42 -33.12
C GLN B 629 16.41 -5.62 -31.82
N TYR B 630 17.58 -5.06 -31.55
CA TYR B 630 17.75 -4.07 -30.49
C TYR B 630 18.14 -2.72 -31.09
N GLY B 631 17.88 -1.68 -30.33
CA GLY B 631 18.37 -0.35 -30.65
C GLY B 631 19.80 -0.20 -30.14
N VAL B 632 20.62 0.46 -30.93
CA VAL B 632 22.01 0.70 -30.58
C VAL B 632 22.18 2.20 -30.35
N VAL B 633 22.63 2.57 -29.16
CA VAL B 633 22.96 3.94 -28.84
C VAL B 633 24.38 3.97 -28.32
N VAL B 634 25.20 4.88 -28.84
CA VAL B 634 26.57 5.04 -28.36
C VAL B 634 26.74 6.49 -27.96
N ILE B 635 27.70 6.72 -27.08
CA ILE B 635 27.94 8.05 -26.51
C ILE B 635 29.43 8.28 -26.39
N ARG B 636 29.87 9.50 -26.68
CA ARG B 636 31.28 9.82 -26.58
C ARG B 636 31.47 10.95 -25.57
N LEU B 637 30.89 10.78 -24.39
CA LEU B 637 31.11 11.73 -23.31
C LEU B 637 32.60 11.84 -22.99
N LYS B 638 33.08 13.08 -22.86
CA LYS B 638 34.45 13.29 -22.42
C LYS B 638 34.61 12.80 -20.99
N GLU B 639 35.75 12.15 -20.72
CA GLU B 639 35.97 11.52 -19.42
C GLU B 639 36.44 12.49 -18.35
N GLY B 640 36.63 13.77 -18.69
CA GLY B 640 37.01 14.74 -17.67
C GLY B 640 35.94 14.93 -16.61
N LEU B 641 34.69 14.58 -16.93
CA LEU B 641 33.59 14.71 -15.99
C LEU B 641 33.73 13.69 -14.86
N LYS B 736 21.66 29.65 -26.25
CA LYS B 736 22.44 29.25 -25.08
C LYS B 736 22.41 27.75 -24.89
N ASN B 737 21.88 27.31 -23.75
CA ASN B 737 21.79 25.88 -23.47
C ASN B 737 20.81 25.23 -24.46
N THR B 738 21.33 24.35 -25.29
CA THR B 738 20.52 23.74 -26.33
C THR B 738 20.91 22.28 -26.50
N ILE B 739 19.93 21.47 -26.90
CA ILE B 739 20.13 20.06 -27.25
C ILE B 739 19.89 19.95 -28.75
N ASP B 740 20.92 19.59 -29.49
CA ASP B 740 20.85 19.56 -30.95
C ASP B 740 20.50 18.15 -31.40
N VAL B 741 19.33 17.99 -32.00
CA VAL B 741 18.85 16.69 -32.43
C VAL B 741 18.89 16.66 -33.95
N TRP B 742 19.75 15.82 -34.52
CA TRP B 742 19.88 15.73 -35.98
C TRP B 742 19.13 14.51 -36.47
N TRP B 743 17.81 14.64 -36.57
CA TRP B 743 17.01 13.55 -37.12
C TRP B 743 17.31 13.42 -38.60
N LEU B 744 18.21 12.52 -38.96
CA LEU B 744 18.65 12.36 -40.33
C LEU B 744 18.22 11.06 -40.97
N PHE B 745 18.01 10.01 -40.19
CA PHE B 745 17.51 8.74 -40.69
C PHE B 745 16.31 8.32 -39.85
N ASP B 746 15.24 7.90 -40.53
CA ASP B 746 14.05 7.45 -39.82
C ASP B 746 14.34 6.13 -39.12
N ASP B 747 14.62 6.19 -37.82
CA ASP B 747 14.96 5.01 -37.04
C ASP B 747 13.82 4.57 -36.13
N GLY B 748 12.61 5.08 -36.34
CA GLY B 748 11.49 4.74 -35.49
C GLY B 748 11.24 5.71 -34.36
N GLY B 749 11.84 6.89 -34.39
CA GLY B 749 11.58 7.90 -33.39
C GLY B 749 12.46 7.87 -32.16
N LEU B 750 13.36 6.89 -32.04
CA LEU B 750 14.23 6.83 -30.87
C LEU B 750 15.15 8.05 -30.81
N THR B 751 15.70 8.46 -31.95
CA THR B 751 16.59 9.62 -31.97
C THR B 751 15.88 10.86 -31.46
N LEU B 752 14.57 10.94 -31.66
CA LEU B 752 13.79 12.06 -31.14
C LEU B 752 13.30 11.77 -29.74
N LEU B 753 12.99 10.51 -29.46
CA LEU B 753 12.42 10.15 -28.16
C LEU B 753 13.41 10.41 -27.03
N ILE B 754 14.68 10.10 -27.25
CA ILE B 754 15.66 10.23 -26.17
C ILE B 754 15.77 11.67 -25.65
N PRO B 755 16.00 12.68 -26.49
CA PRO B 755 16.06 14.05 -25.96
C PRO B 755 14.77 14.49 -25.30
N TYR B 756 13.62 13.99 -25.78
CA TYR B 756 12.36 14.27 -25.11
C TYR B 756 12.39 13.74 -23.69
N LEU B 757 12.96 12.55 -23.49
CA LEU B 757 13.12 12.04 -22.14
C LEU B 757 14.11 12.87 -21.34
N LEU B 758 15.15 13.39 -22.00
CA LEU B 758 16.08 14.27 -21.31
C LEU B 758 15.38 15.51 -20.78
N THR B 759 14.52 16.11 -21.60
CA THR B 759 13.86 17.35 -21.20
C THR B 759 12.94 17.15 -20.00
N THR B 760 12.21 16.04 -19.96
CA THR B 760 11.28 15.78 -18.86
C THR B 760 12.05 15.31 -17.63
N LYS B 761 12.95 16.19 -17.16
CA LYS B 761 13.74 15.94 -15.97
C LYS B 761 14.16 17.26 -15.36
N LYS B 762 14.55 17.21 -14.09
CA LYS B 762 14.95 18.40 -13.37
C LYS B 762 16.22 19.01 -13.95
N LYS B 763 17.19 18.16 -14.31
CA LYS B 763 18.48 18.68 -14.77
C LYS B 763 18.34 19.43 -16.08
N TRP B 764 17.57 18.90 -17.02
CA TRP B 764 17.44 19.50 -18.34
C TRP B 764 16.12 20.25 -18.52
N LYS B 765 15.64 20.93 -17.48
CA LYS B 765 14.46 21.77 -17.65
C LYS B 765 14.73 22.90 -18.63
N ASP B 766 15.91 23.50 -18.55
CA ASP B 766 16.37 24.49 -19.52
C ASP B 766 17.05 23.73 -20.65
N CYS B 767 16.27 23.33 -21.65
CA CYS B 767 16.74 22.46 -22.72
C CYS B 767 16.90 23.20 -24.04
N LYS B 768 15.82 23.80 -24.53
CA LYS B 768 15.83 24.53 -25.80
C LYS B 768 16.37 23.66 -26.93
N ILE B 769 15.59 22.62 -27.23
CA ILE B 769 15.98 21.69 -28.30
C ILE B 769 16.00 22.42 -29.63
N ARG B 770 17.08 22.22 -30.39
CA ARG B 770 17.18 22.68 -31.76
C ARG B 770 17.26 21.47 -32.67
N VAL B 771 16.37 21.39 -33.64
CA VAL B 771 16.27 20.19 -34.47
C VAL B 771 16.83 20.45 -35.86
N PHE B 772 17.97 19.85 -36.14
CA PHE B 772 18.57 19.95 -37.46
C PHE B 772 18.05 18.81 -38.33
N ILE B 773 17.79 19.12 -39.60
CA ILE B 773 17.34 18.12 -40.57
C ILE B 773 18.22 18.25 -41.81
N GLY B 774 18.34 17.13 -42.53
CA GLY B 774 19.11 17.09 -43.76
C GLY B 774 18.18 17.00 -44.96
N GLY B 775 18.38 17.93 -45.90
CA GLY B 775 17.61 17.93 -47.13
C GLY B 775 18.32 18.75 -48.18
N LYS B 776 18.11 18.38 -49.45
CA LYS B 776 18.72 19.09 -50.56
C LYS B 776 17.98 20.40 -50.80
N ILE B 777 18.34 21.10 -51.88
CA ILE B 777 17.64 22.32 -52.22
C ILE B 777 16.23 21.99 -52.68
N ASN B 778 15.25 22.60 -52.05
CA ASN B 778 13.83 22.36 -52.31
C ASN B 778 13.04 23.43 -51.59
N ARG B 779 11.72 23.28 -51.58
CA ARG B 779 10.89 24.15 -50.75
C ARG B 779 11.14 23.87 -49.29
N ILE B 780 11.38 24.93 -48.52
CA ILE B 780 11.64 24.77 -47.09
C ILE B 780 10.37 24.36 -46.35
N ASP B 781 9.21 24.80 -46.83
CA ASP B 781 7.97 24.59 -46.09
C ASP B 781 7.66 23.10 -45.94
N HIS B 782 7.93 22.31 -46.97
CA HIS B 782 7.67 20.87 -46.89
C HIS B 782 8.37 20.26 -45.68
N ASP B 783 9.70 20.41 -45.61
CA ASP B 783 10.45 19.87 -44.49
C ASP B 783 10.03 20.51 -43.17
N ARG B 784 9.80 21.83 -43.19
CA ARG B 784 9.46 22.53 -41.95
C ARG B 784 8.18 21.97 -41.34
N ARG B 785 7.10 21.90 -42.12
CA ARG B 785 5.83 21.42 -41.58
C ARG B 785 5.87 19.93 -41.29
N ALA B 786 6.57 19.15 -42.12
CA ALA B 786 6.66 17.71 -41.84
C ALA B 786 7.36 17.46 -40.51
N MET B 787 8.49 18.15 -40.29
CA MET B 787 9.20 17.97 -39.03
C MET B 787 8.40 18.53 -37.87
N ALA B 788 7.66 19.62 -38.11
CA ALA B 788 6.84 20.20 -37.06
C ALA B 788 5.75 19.24 -36.61
N THR B 789 5.04 18.61 -37.54
CA THR B 789 3.99 17.68 -37.15
C THR B 789 4.57 16.40 -36.55
N LEU B 790 5.73 15.94 -37.05
CA LEU B 790 6.37 14.79 -36.44
C LEU B 790 6.73 15.08 -34.98
N LEU B 791 7.25 16.27 -34.71
CA LEU B 791 7.56 16.63 -33.32
C LEU B 791 6.30 16.85 -32.50
N SER B 792 5.24 17.38 -33.12
CA SER B 792 3.97 17.52 -32.42
C SER B 792 3.44 16.16 -31.98
N LYS B 793 3.71 15.11 -32.76
CA LYS B 793 3.28 13.77 -32.36
C LYS B 793 3.96 13.35 -31.06
N PHE B 794 5.26 13.53 -30.95
CA PHE B 794 6.00 13.09 -29.78
C PHE B 794 6.16 14.18 -28.72
N ARG B 795 5.59 15.37 -28.94
CA ARG B 795 5.54 16.43 -27.94
C ARG B 795 6.94 16.93 -27.55
N ILE B 796 7.82 17.10 -28.54
CA ILE B 796 9.14 17.65 -28.25
C ILE B 796 9.06 19.13 -27.91
N ASP B 797 8.20 19.88 -28.58
CA ASP B 797 8.09 21.33 -28.43
C ASP B 797 9.44 22.00 -28.76
N PHE B 798 9.80 21.88 -30.03
CA PHE B 798 11.07 22.40 -30.52
C PHE B 798 11.19 23.90 -30.30
N SER B 799 12.40 24.35 -29.95
CA SER B 799 12.69 25.77 -30.00
C SER B 799 12.78 26.25 -31.44
N ASP B 800 13.38 25.44 -32.32
CA ASP B 800 13.50 25.78 -33.73
C ASP B 800 13.69 24.49 -34.52
N ILE B 801 13.28 24.54 -35.79
CA ILE B 801 13.54 23.47 -36.74
C ILE B 801 14.30 24.12 -37.89
N MET B 802 15.48 23.57 -38.20
CA MET B 802 16.33 24.14 -39.23
C MET B 802 16.83 23.02 -40.14
N VAL B 803 17.00 23.33 -41.42
CA VAL B 803 17.36 22.34 -42.43
C VAL B 803 18.65 22.77 -43.11
N LEU B 804 19.53 21.81 -43.36
CA LEU B 804 20.82 22.06 -43.99
C LEU B 804 20.89 21.38 -45.35
N GLY B 805 21.39 22.11 -46.34
CA GLY B 805 21.66 21.56 -47.65
C GLY B 805 23.11 21.24 -47.92
N ASP B 806 23.99 21.41 -46.94
CA ASP B 806 25.42 21.24 -47.14
C ASP B 806 25.88 19.80 -46.90
N ILE B 807 24.96 18.88 -46.63
CA ILE B 807 25.32 17.47 -46.52
C ILE B 807 25.58 16.92 -47.92
N ASN B 808 26.45 15.90 -47.98
CA ASN B 808 26.78 15.21 -49.23
C ASN B 808 27.56 16.10 -50.19
N THR B 809 28.48 16.91 -49.67
CA THR B 809 29.36 17.72 -50.48
C THR B 809 30.81 17.43 -50.12
N LYS B 810 31.70 17.73 -51.04
CA LYS B 810 33.12 17.44 -50.83
C LYS B 810 33.65 18.29 -49.68
N PRO B 811 34.26 17.69 -48.68
CA PRO B 811 34.80 18.46 -47.55
C PRO B 811 36.16 19.06 -47.88
N LYS B 812 36.66 19.86 -46.95
CA LYS B 812 37.93 20.54 -47.14
C LYS B 812 39.06 19.53 -47.22
N LYS B 813 40.09 19.87 -48.02
CA LYS B 813 41.15 18.91 -48.29
C LYS B 813 41.90 18.52 -47.03
N GLU B 814 42.10 19.47 -46.11
CA GLU B 814 42.85 19.18 -44.89
C GLU B 814 42.17 18.09 -44.06
N ASN B 815 40.85 18.15 -43.96
CA ASN B 815 40.13 17.15 -43.18
C ASN B 815 40.25 15.77 -43.80
N ILE B 816 40.19 15.70 -45.13
CA ILE B 816 40.29 14.40 -45.81
C ILE B 816 41.65 13.77 -45.56
N ILE B 817 42.71 14.54 -45.72
CA ILE B 817 44.05 13.99 -45.50
C ILE B 817 44.25 13.65 -44.03
N ALA B 818 43.64 14.43 -43.13
CA ALA B 818 43.70 14.09 -41.71
C ALA B 818 43.07 12.73 -41.45
N PHE B 819 41.90 12.48 -42.04
CA PHE B 819 41.26 11.18 -41.86
C PHE B 819 42.08 10.06 -42.47
N GLU B 820 42.67 10.30 -43.64
CA GLU B 820 43.51 9.29 -44.27
C GLU B 820 44.69 8.94 -43.38
N GLU B 821 45.31 9.95 -42.77
CA GLU B 821 46.39 9.68 -41.83
C GLU B 821 45.89 8.97 -40.58
N ILE B 822 44.65 9.24 -40.17
CA ILE B 822 44.07 8.53 -39.04
C ILE B 822 43.96 7.05 -39.33
N ILE B 823 43.49 6.70 -40.51
CA ILE B 823 43.29 5.30 -40.87
C ILE B 823 44.54 4.73 -41.52
N GLU B 824 45.61 5.52 -41.53
CA GLU B 824 46.85 5.08 -42.17
C GLU B 824 47.47 3.85 -41.53
N PRO B 825 47.60 3.74 -40.21
CA PRO B 825 48.23 2.53 -39.64
C PRO B 825 47.53 1.24 -40.02
N TYR B 826 46.21 1.24 -40.12
CA TYR B 826 45.48 0.04 -40.50
C TYR B 826 45.18 -0.05 -41.99
N ARG B 827 45.47 0.99 -42.75
CA ARG B 827 45.17 0.97 -44.18
C ARG B 827 46.03 -0.06 -44.88
N LEU B 828 45.42 -0.85 -45.76
CA LEU B 828 46.14 -1.82 -46.57
C LEU B 828 46.26 -1.23 -47.97
N HIS B 829 47.41 -0.63 -48.26
CA HIS B 829 47.68 -0.03 -49.56
C HIS B 829 48.04 -1.12 -50.57
N GLU B 830 47.03 -1.93 -50.91
CA GLU B 830 47.24 -3.06 -51.79
C GLU B 830 47.66 -2.61 -53.19
N ASP B 831 47.19 -1.45 -53.64
CA ASP B 831 47.56 -0.97 -54.96
C ASP B 831 48.99 -0.44 -54.96
N ASP B 832 49.39 0.29 -53.92
CA ASP B 832 50.73 0.83 -53.86
C ASP B 832 51.77 -0.28 -53.73
N LYS B 833 51.52 -1.24 -52.84
CA LYS B 833 52.44 -2.35 -52.65
C LYS B 833 52.21 -3.44 -53.69
N GLU B 834 53.11 -4.43 -53.68
CA GLU B 834 52.99 -5.53 -54.62
C GLU B 834 51.82 -6.44 -54.24
N GLN B 835 51.33 -7.18 -55.23
CA GLN B 835 50.12 -7.97 -55.04
C GLN B 835 50.33 -9.11 -54.05
N ASP B 836 51.50 -9.75 -54.08
CA ASP B 836 51.74 -10.88 -53.17
C ASP B 836 51.79 -10.43 -51.72
N ILE B 837 52.42 -9.30 -51.44
CA ILE B 837 52.50 -8.81 -50.07
C ILE B 837 51.11 -8.50 -49.55
N ALA B 838 50.30 -7.79 -50.36
CA ALA B 838 48.94 -7.48 -49.96
C ALA B 838 48.13 -8.74 -49.76
N ASP B 839 48.30 -9.74 -50.62
CA ASP B 839 47.58 -10.99 -50.49
C ASP B 839 47.91 -11.64 -49.15
N LYS B 840 49.16 -12.08 -48.98
CA LYS B 840 49.49 -12.81 -47.75
C LYS B 840 49.27 -11.95 -46.51
N MET B 841 49.23 -10.63 -46.65
CA MET B 841 48.87 -9.79 -45.51
C MET B 841 47.37 -9.89 -45.23
N LYS B 842 46.55 -9.96 -46.28
CA LYS B 842 45.10 -10.07 -46.09
C LYS B 842 44.72 -11.41 -45.48
N GLU B 843 45.22 -12.51 -46.05
CA GLU B 843 45.01 -13.79 -45.36
C GLU B 843 45.81 -13.88 -44.06
N ASP B 844 46.76 -12.99 -43.83
CA ASP B 844 47.41 -12.93 -42.52
C ASP B 844 46.50 -12.29 -41.49
N GLU B 845 45.83 -11.20 -41.85
CA GLU B 845 44.92 -10.49 -40.94
C GLU B 845 43.69 -10.06 -41.72
N PRO B 846 42.50 -10.54 -41.36
CA PRO B 846 41.31 -10.21 -42.15
C PRO B 846 40.79 -8.80 -41.93
N TRP B 847 41.28 -8.08 -40.91
CA TRP B 847 40.74 -6.77 -40.60
C TRP B 847 41.34 -5.64 -41.43
N ARG B 848 42.36 -5.92 -42.23
CA ARG B 848 42.99 -4.87 -43.01
C ARG B 848 42.00 -4.27 -44.01
N ILE B 849 42.13 -2.97 -44.24
CA ILE B 849 41.21 -2.23 -45.10
C ILE B 849 41.87 -2.06 -46.45
N THR B 850 41.35 -2.74 -47.46
CA THR B 850 41.87 -2.57 -48.81
C THR B 850 41.50 -1.19 -49.33
N ASP B 851 42.34 -0.66 -50.23
CA ASP B 851 42.01 0.60 -50.87
C ASP B 851 40.72 0.51 -51.68
N ASN B 852 40.35 -0.70 -52.11
CA ASN B 852 39.06 -0.88 -52.76
C ASN B 852 37.91 -0.50 -51.85
N GLU B 853 38.05 -0.74 -50.54
CA GLU B 853 37.03 -0.28 -49.60
C GLU B 853 36.95 1.25 -49.60
N LEU B 854 38.10 1.92 -49.62
CA LEU B 854 38.07 3.38 -49.65
C LEU B 854 37.43 3.90 -50.93
N GLU B 855 37.74 3.28 -52.07
CA GLU B 855 37.11 3.70 -53.31
C GLU B 855 35.61 3.44 -53.29
N LEU B 856 35.20 2.30 -52.74
CA LEU B 856 33.78 1.96 -52.71
C LEU B 856 32.99 2.93 -51.84
N TYR B 857 33.52 3.28 -50.67
CA TYR B 857 32.83 4.11 -49.70
C TYR B 857 33.44 5.50 -49.59
N LYS B 858 34.05 6.00 -50.66
CA LYS B 858 34.62 7.33 -50.63
C LYS B 858 33.55 8.38 -50.39
N THR B 859 32.39 8.22 -51.03
CA THR B 859 31.29 9.15 -50.77
C THR B 859 30.73 8.96 -49.37
N LYS B 860 30.74 7.75 -48.84
CA LYS B 860 30.26 7.54 -47.48
C LYS B 860 31.19 8.21 -46.46
N THR B 861 32.51 8.03 -46.63
CA THR B 861 33.45 8.72 -45.75
C THR B 861 33.35 10.23 -45.92
N TYR B 862 33.16 10.69 -47.15
CA TYR B 862 32.96 12.12 -47.39
C TYR B 862 31.75 12.63 -46.62
N ARG B 863 30.66 11.88 -46.63
CA ARG B 863 29.48 12.27 -45.88
C ARG B 863 29.78 12.30 -44.38
N GLN B 864 30.43 11.24 -43.88
CA GLN B 864 30.66 11.14 -42.44
C GLN B 864 31.71 12.10 -41.93
N ILE B 865 32.45 12.77 -42.80
CA ILE B 865 33.38 13.81 -42.37
C ILE B 865 32.81 15.21 -42.63
N ARG B 866 32.08 15.39 -43.73
CA ARG B 866 31.42 16.67 -43.97
C ARG B 866 30.37 16.93 -42.91
N LEU B 867 29.67 15.89 -42.48
CA LEU B 867 28.71 16.04 -41.39
C LEU B 867 29.42 16.47 -40.11
N ASN B 868 30.62 15.94 -39.86
CA ASN B 868 31.40 16.37 -38.71
C ASN B 868 31.73 17.85 -38.80
N GLU B 869 32.15 18.30 -39.99
CA GLU B 869 32.45 19.72 -40.16
C GLU B 869 31.22 20.58 -39.93
N LEU B 870 30.06 20.14 -40.45
CA LEU B 870 28.83 20.91 -40.30
C LEU B 870 28.41 21.01 -38.85
N LEU B 871 28.45 19.89 -38.11
CA LEU B 871 28.11 19.93 -36.70
C LEU B 871 29.12 20.74 -35.91
N LYS B 872 30.37 20.79 -36.37
CA LYS B 872 31.36 21.63 -35.71
C LYS B 872 31.02 23.11 -35.88
N GLU B 873 30.73 23.54 -37.11
CA GLU B 873 30.53 24.97 -37.32
C GLU B 873 29.17 25.43 -36.83
N HIS B 874 28.14 24.58 -36.95
CA HIS B 874 26.80 24.99 -36.59
C HIS B 874 26.52 24.79 -35.10
N SER B 875 27.05 23.71 -34.52
CA SER B 875 26.70 23.29 -33.17
C SER B 875 27.93 23.25 -32.27
N SER B 876 28.75 24.30 -32.32
CA SER B 876 29.95 24.33 -31.49
C SER B 876 29.61 24.24 -30.01
N THR B 877 28.59 24.97 -29.56
CA THR B 877 28.11 24.91 -28.19
C THR B 877 26.76 24.21 -28.18
N ALA B 878 26.66 23.15 -27.39
CA ALA B 878 25.43 22.39 -27.26
C ALA B 878 25.57 21.45 -26.07
N ASN B 879 24.47 21.26 -25.35
CA ASN B 879 24.50 20.35 -24.20
C ASN B 879 24.68 18.91 -24.65
N ILE B 880 23.72 18.39 -25.42
CA ILE B 880 23.76 17.03 -25.94
C ILE B 880 23.48 17.08 -27.43
N ILE B 881 24.30 16.37 -28.19
CA ILE B 881 24.16 16.32 -29.64
C ILE B 881 23.67 14.91 -29.99
N VAL B 882 22.37 14.75 -30.18
CA VAL B 882 21.76 13.45 -30.43
C VAL B 882 21.66 13.27 -31.94
N MET B 883 22.35 12.29 -32.48
CA MET B 883 22.53 12.14 -33.92
C MET B 883 22.24 10.72 -34.37
N SER B 884 21.58 10.59 -35.53
CA SER B 884 21.30 9.26 -36.06
C SER B 884 22.60 8.53 -36.40
N LEU B 885 22.67 7.27 -35.98
CA LEU B 885 23.91 6.49 -36.05
C LEU B 885 24.11 5.91 -37.46
N PRO B 886 25.32 5.98 -37.99
CA PRO B 886 25.60 5.30 -39.27
C PRO B 886 25.51 3.79 -39.12
N VAL B 887 25.16 3.13 -40.22
CA VAL B 887 25.07 1.68 -40.25
C VAL B 887 25.72 1.18 -41.53
N ALA B 888 26.14 -0.08 -41.52
CA ALA B 888 26.74 -0.71 -42.69
C ALA B 888 26.47 -2.21 -42.66
N ARG B 889 26.66 -2.84 -43.81
CA ARG B 889 26.42 -4.27 -43.90
C ARG B 889 27.38 -5.05 -43.02
N LYS B 890 26.91 -6.18 -42.51
CA LYS B 890 27.71 -6.99 -41.60
C LYS B 890 28.86 -7.65 -42.35
N GLY B 891 30.09 -7.30 -41.99
CA GLY B 891 31.26 -7.92 -42.57
C GLY B 891 31.71 -7.35 -43.90
N ALA B 892 30.89 -6.53 -44.55
CA ALA B 892 31.29 -5.94 -45.82
C ALA B 892 32.46 -4.97 -45.63
N VAL B 893 32.41 -4.18 -44.56
CA VAL B 893 33.47 -3.23 -44.24
C VAL B 893 34.26 -3.78 -43.05
N SER B 894 35.58 -3.68 -43.13
CA SER B 894 36.41 -4.09 -42.01
C SER B 894 36.05 -3.28 -40.78
N SER B 895 36.08 -3.93 -39.62
CA SER B 895 35.64 -3.28 -38.39
C SER B 895 36.45 -2.02 -38.10
N ALA B 896 37.72 -2.00 -38.51
CA ALA B 896 38.54 -0.82 -38.27
C ALA B 896 37.99 0.39 -39.00
N LEU B 897 37.57 0.23 -40.25
CA LEU B 897 37.04 1.37 -41.00
C LEU B 897 35.70 1.83 -40.44
N TYR B 898 34.84 0.90 -40.04
CA TYR B 898 33.57 1.28 -39.42
C TYR B 898 33.81 2.09 -38.14
N MET B 899 34.70 1.58 -37.28
CA MET B 899 34.99 2.30 -36.06
C MET B 899 35.65 3.63 -36.35
N ALA B 900 36.48 3.72 -37.40
CA ALA B 900 37.06 5.01 -37.77
C ALA B 900 36.01 5.97 -38.29
N TRP B 901 34.97 5.46 -38.97
CA TRP B 901 33.84 6.31 -39.32
C TRP B 901 33.18 6.88 -38.08
N LEU B 902 32.90 6.01 -37.11
CA LEU B 902 32.27 6.49 -35.88
C LEU B 902 33.16 7.49 -35.16
N GLU B 903 34.47 7.29 -35.21
CA GLU B 903 35.39 8.22 -34.56
C GLU B 903 35.41 9.56 -35.28
N ALA B 904 35.42 9.54 -36.61
CA ALA B 904 35.46 10.79 -37.37
C ALA B 904 34.19 11.60 -37.15
N LEU B 905 33.03 10.93 -37.09
CA LEU B 905 31.76 11.62 -36.88
C LEU B 905 31.69 12.31 -35.53
N SER B 906 32.55 11.93 -34.59
CA SER B 906 32.60 12.52 -33.26
C SER B 906 34.04 12.83 -32.87
N LYS B 907 34.75 13.51 -33.77
CA LYS B 907 36.18 13.74 -33.59
C LYS B 907 36.50 14.50 -32.32
N ASP B 908 36.07 15.76 -32.22
CA ASP B 908 36.32 16.59 -31.04
C ASP B 908 35.04 17.36 -30.75
N LEU B 909 34.16 16.78 -29.95
CA LEU B 909 32.81 17.30 -29.78
C LEU B 909 32.42 17.36 -28.31
N PRO B 910 31.41 18.16 -27.98
CA PRO B 910 30.75 18.05 -26.68
C PRO B 910 30.02 16.71 -26.58
N PRO B 911 29.31 16.45 -25.47
CA PRO B 911 28.57 15.19 -25.35
C PRO B 911 27.75 14.84 -26.58
N ILE B 912 28.17 13.79 -27.28
CA ILE B 912 27.56 13.38 -28.53
C ILE B 912 27.01 11.98 -28.34
N LEU B 913 25.84 11.73 -28.92
CA LEU B 913 25.00 10.58 -28.58
C LEU B 913 24.38 10.07 -29.88
N LEU B 914 25.04 9.09 -30.50
CA LEU B 914 24.54 8.50 -31.72
C LEU B 914 23.49 7.45 -31.38
N VAL B 915 22.46 7.35 -32.21
CA VAL B 915 21.28 6.57 -31.90
C VAL B 915 20.79 5.88 -33.17
N ARG B 916 20.32 4.65 -33.02
CA ARG B 916 19.57 3.96 -34.06
C ARG B 916 18.65 2.96 -33.38
N GLY B 917 17.46 2.77 -33.94
CA GLY B 917 16.48 1.91 -33.30
C GLY B 917 15.68 1.12 -34.31
N ASN B 918 15.04 0.07 -33.80
CA ASN B 918 14.12 -0.71 -34.62
C ASN B 918 12.90 0.13 -34.97
N HIS B 919 12.38 -0.10 -36.18
CA HIS B 919 11.30 0.72 -36.72
C HIS B 919 9.95 0.25 -36.16
N GLN B 920 9.82 0.38 -34.83
CA GLN B 920 8.62 -0.06 -34.14
C GLN B 920 8.04 0.97 -33.17
N SER B 921 8.77 2.02 -32.83
CA SER B 921 8.29 3.00 -31.86
C SER B 921 7.57 4.15 -32.56
N VAL B 922 6.59 3.79 -33.38
CA VAL B 922 5.82 4.78 -34.14
C VAL B 922 4.72 5.34 -33.24
N LEU B 923 5.02 6.45 -32.58
CA LEU B 923 4.07 7.11 -31.66
C LEU B 923 3.61 6.14 -30.57
N THR B 924 4.49 5.23 -30.20
CA THR B 924 4.11 4.19 -29.24
C THR B 924 4.08 4.71 -27.82
N PHE B 925 4.98 5.63 -27.49
CA PHE B 925 5.09 6.15 -26.13
C PHE B 925 3.88 7.00 -25.76
N1 FUN C . 13.86 -33.33 -20.16
S1 FUN C . 14.15 -33.55 -21.82
O1 FUN C . 15.47 -34.12 -22.09
O2 FUN C . 13.27 -34.58 -22.38
C1 FUN C . 13.92 -31.97 -22.69
C2 FUN C . 14.49 -30.81 -22.20
CL1 FUN C . 15.46 -30.86 -20.71
C3 FUN C . 14.30 -29.62 -22.88
C4 FUN C . 13.54 -29.58 -24.03
N2 FUN C . 13.35 -28.32 -24.73
C5 FUN C . 14.21 -27.97 -25.85
C6 FUN C . 13.35 -27.63 -27.06
C7 FUN C . 13.71 -27.82 -28.37
C8 FUN C . 12.68 -27.39 -29.16
C9 FUN C . 11.68 -26.92 -28.32
O3 FUN C . 12.11 -27.08 -27.03
C10 FUN C . 12.97 -30.75 -24.51
C11 FUN C . 13.15 -31.94 -23.85
C12 FUN C . 12.12 -30.75 -25.79
O4 FUN C . 10.87 -30.79 -25.71
O5 FUN C . 12.68 -30.73 -26.91
N1 FUN D . 31.75 0.33 -23.95
S1 FUN D . 33.22 -0.49 -24.23
O1 FUN D . 33.25 -1.11 -25.55
O2 FUN D . 34.34 0.45 -24.32
C1 FUN D . 33.49 -1.70 -22.91
C2 FUN D . 32.85 -2.93 -22.94
CL1 FUN D . 31.74 -3.33 -24.28
C3 FUN D . 33.06 -3.84 -21.92
C4 FUN D . 33.92 -3.53 -20.87
N2 FUN D . 34.13 -4.49 -19.82
C5 FUN D . 34.68 -5.80 -20.11
C6 FUN D . 35.43 -6.31 -18.89
C7 FUN D . 36.73 -6.76 -18.86
C8 FUN D . 37.04 -7.11 -17.59
C9 FUN D . 35.92 -6.90 -16.81
O3 FUN D . 34.94 -6.40 -17.62
C10 FUN D . 34.56 -2.30 -20.85
C11 FUN D . 34.34 -1.38 -21.87
C12 FUN D . 35.52 -1.92 -19.72
O4 FUN D . 36.75 -2.13 -19.84
O5 FUN D . 35.06 -1.39 -18.67
#